data_8SJA
#
_entry.id   8SJA
#
_cell.length_a   108.466
_cell.length_b   112.067
_cell.length_c   223.155
_cell.angle_alpha   90.000
_cell.angle_beta   90.000
_cell.angle_gamma   90.000
#
_symmetry.space_group_name_H-M   'P 21 21 21'
#
loop_
_entity.id
_entity.type
_entity.pdbx_description
1 polymer '16A8 light chain'
2 polymer '16A8 heavy chain'
3 polymer Conglutin
4 polymer '13D9 light chain'
5 polymer '13D9 heavy chain'
6 non-polymer 'ACETATE ION'
7 water water
#
loop_
_entity_poly.entity_id
_entity_poly.type
_entity_poly.pdbx_seq_one_letter_code
_entity_poly.pdbx_strand_id
1 'polypeptide(L)'
;SYVLTQPPSMSVAPGTTASIPCGANNIAKKRVHWYRQKPGQAPVVVVSDDEDRSSVIPDRFSGSKSGDTATLTISRVEAG
DEGDYYCQVWDSKTDHVVFGGGTKVTVLRTVAAPSVFIFPPSDEQLKSGTASVVCLLNNFYPREAKVQWKVDNALQSGNS
QESVTEQDSKDSTYSLSSTLTLSKADYEKHKVYACEVTHQGLSSPVTKSFNRGEC
;
L,A
2 'polypeptide(L)'
;QVQLVQSGPDVRKPGATVKVSCQTSGYRFTDYEMNWVRQAPGQGLEWIGLINPHSGDTAYAQKFQGRVTMTSDTSDSTVY
LELSGLTPDDTAVYYCARSQGTFEVYYFVSWGQGSLVTVSSASTKGPSVFPLAPSSKSTSGGTAALGCLVKDYFPEPVTV
SWNSGALTSGVHTFPAVLQSSGLYSLSSVVTVPSSSLGTQTYICNVNHKPSNTKVDKKVEPKSC
;
H,B
3 'polypeptide(L)'
;MSCERQVDRVNLKPCEQHIMQRIMGEQEQYDSYDIRSTRSSDQQQRCCDELNEMENTQGCMCEALQQIMENQCDRLQDRQ
MVQQFKRELMSLPQQCNFRAPQRCDLDVSGGRCSGSHHHHHH
;
G,I
4 'polypeptide(L)'
;SYELTQPPSVSVSPGQTASVTCSGDKLGERYVSWYQQKAGQSPDLVIYQTNQRPSGIPERFSGSDSGNTATLTISGTQGL
DEADYYCLTWDRGTPVFGTGTKVTVLGQPKANPTVTLFPPSSEELQANKATLVCLISDFYPGAVTVAWKADGSPVKAGVE
TTKPSKQSNNKYAASSYLSLTPEQWKSHRSYSCQVTHEGSTVEKTVAPTECS
;
C,E
5 'polypeptide(L)'
;QVQLVESGGGLVKPGGSLRLSCVASGFTFSDFYMSWIRQAPGKGLEWVSYMSATGGNIYYADSMKGRLTISRDNTKNSLF
LQMNSLRADDTALYYCARRKFGAGSAIFDHWSQGTLVTVSSASTKGPSVFPLAPSSKSTSGGTAALGCLVKDYFPEPVTV
SWNSGALTSGVHTFPAVLQSSGLYSLSSVVTVPSSSLGTQTYICNVNHKPSNTKVDKKVEPKSC
;
D,F
#
loop_
_chem_comp.id
_chem_comp.type
_chem_comp.name
_chem_comp.formula
ACT non-polymer 'ACETATE ION' 'C2 H3 O2 -1'
#
# COMPACT_ATOMS: atom_id res chain seq x y z
N SER A 1 37.83 12.48 6.98
CA SER A 1 36.80 11.51 7.25
C SER A 1 37.41 10.15 7.65
N TYR A 2 36.81 9.51 8.65
CA TYR A 2 37.21 8.18 9.10
C TYR A 2 36.80 7.14 8.04
N VAL A 3 37.80 6.43 7.51
CA VAL A 3 37.66 5.52 6.39
C VAL A 3 37.95 4.10 6.86
N LEU A 4 37.06 3.18 6.54
CA LEU A 4 37.34 1.75 6.72
C LEU A 4 37.68 1.14 5.36
N THR A 5 38.82 0.46 5.27
CA THR A 5 39.35 -0.12 4.04
C THR A 5 39.21 -1.64 4.05
N GLN A 6 38.68 -2.18 2.96
CA GLN A 6 38.50 -3.61 2.77
C GLN A 6 39.10 -4.03 1.44
N PRO A 7 39.59 -5.25 1.35
CA PRO A 7 39.94 -5.81 0.05
C PRO A 7 38.67 -5.90 -0.79
N PRO A 8 38.72 -5.53 -2.07
CA PRO A 8 37.49 -5.55 -2.88
C PRO A 8 36.91 -6.93 -3.11
N SER A 9 37.72 -7.97 -3.31
CA SER A 9 37.17 -9.28 -3.60
C SER A 9 37.99 -10.30 -2.84
N MET A 10 37.43 -11.52 -2.79
CA MET A 10 38.02 -12.63 -2.05
C MET A 10 37.37 -13.93 -2.50
N SER A 11 38.18 -14.90 -2.90
CA SER A 11 37.69 -16.23 -3.20
C SER A 11 38.09 -17.19 -2.08
N VAL A 12 37.16 -18.07 -1.70
CA VAL A 12 37.39 -18.97 -0.58
C VAL A 12 36.92 -20.36 -0.97
N ALA A 13 37.74 -21.37 -0.64
CA ALA A 13 37.40 -22.77 -0.90
C ALA A 13 36.32 -23.22 0.09
N PRO A 14 35.35 -24.03 -0.36
CA PRO A 14 34.27 -24.43 0.54
C PRO A 14 34.77 -25.32 1.67
N GLY A 15 34.18 -25.13 2.84
CA GLY A 15 34.58 -25.90 4.00
C GLY A 15 35.81 -25.40 4.70
N THR A 16 36.51 -24.40 4.17
CA THR A 16 37.66 -23.81 4.83
C THR A 16 37.21 -22.55 5.60
N THR A 17 38.16 -21.92 6.26
CA THR A 17 37.88 -20.75 7.07
C THR A 17 38.24 -19.48 6.31
N ALA A 18 37.36 -18.48 6.38
CA ALA A 18 37.55 -17.22 5.68
C ALA A 18 37.87 -16.12 6.68
N SER A 19 38.82 -15.27 6.31
CA SER A 19 39.15 -14.11 7.12
C SER A 19 39.15 -12.89 6.22
N ILE A 20 38.23 -11.95 6.49
CA ILE A 20 38.05 -10.70 5.77
C ILE A 20 38.54 -9.57 6.67
N PRO A 21 39.51 -8.77 6.24
CA PRO A 21 40.03 -7.70 7.08
C PRO A 21 39.37 -6.36 6.79
N CYS A 22 39.32 -5.52 7.83
CA CYS A 22 38.72 -4.20 7.75
C CYS A 22 39.68 -3.24 8.44
N GLY A 23 40.35 -2.41 7.64
CA GLY A 23 41.47 -1.61 8.12
C GLY A 23 41.08 -0.16 8.38
N ALA A 24 41.57 0.37 9.49
CA ALA A 24 41.33 1.77 9.80
C ALA A 24 42.16 2.15 11.03
N ASN A 25 42.56 3.41 11.08
CA ASN A 25 43.41 3.89 12.16
C ASN A 25 42.76 3.69 13.53
N ASN A 26 43.39 2.85 14.36
CA ASN A 26 42.92 2.62 15.73
C ASN A 26 41.56 1.96 15.76
N ILE A 27 41.26 1.14 14.77
CA ILE A 27 39.93 0.55 14.68
C ILE A 27 39.66 -0.37 15.87
N ALA A 28 40.69 -1.06 16.35
CA ALA A 28 40.45 -1.96 17.47
C ALA A 28 39.89 -1.21 18.68
N LYS A 29 40.11 0.09 18.80
CA LYS A 29 39.44 0.65 19.95
C LYS A 29 37.94 0.93 19.75
N LYS A 30 37.33 0.66 18.61
CA LYS A 30 35.88 0.87 18.44
C LYS A 30 35.18 -0.48 18.35
N ARG A 31 33.85 -0.43 18.49
CA ARG A 31 33.03 -1.60 18.19
C ARG A 31 32.92 -1.77 16.68
N VAL A 32 33.18 -2.98 16.18
CA VAL A 32 33.16 -3.24 14.74
C VAL A 32 32.10 -4.30 14.43
N HIS A 33 31.21 -3.99 13.49
CA HIS A 33 30.10 -4.85 13.10
C HIS A 33 30.24 -5.24 11.63
N TRP A 34 29.63 -6.36 11.27
CA TRP A 34 29.79 -6.93 9.93
C TRP A 34 28.42 -7.27 9.38
N TYR A 35 28.23 -6.97 8.10
CA TYR A 35 26.98 -7.29 7.40
C TYR A 35 27.26 -8.18 6.22
N ARG A 36 26.33 -9.07 5.93
CA ARG A 36 26.32 -9.80 4.68
C ARG A 36 25.12 -9.33 3.87
N GLN A 37 25.35 -9.16 2.57
CA GLN A 37 24.33 -8.71 1.64
C GLN A 37 24.39 -9.57 0.40
N LYS A 38 23.23 -10.04 -0.02
CA LYS A 38 23.03 -10.84 -1.22
C LYS A 38 22.32 -10.02 -2.29
N PRO A 39 22.37 -10.47 -3.55
CA PRO A 39 21.84 -9.63 -4.63
C PRO A 39 20.41 -9.18 -4.38
N GLY A 40 20.15 -7.89 -4.57
CA GLY A 40 18.79 -7.41 -4.44
C GLY A 40 18.19 -7.47 -3.05
N GLN A 41 19.02 -7.53 -2.00
CA GLN A 41 18.50 -7.64 -0.65
C GLN A 41 19.19 -6.61 0.23
N ALA A 42 18.50 -6.19 1.28
CA ALA A 42 19.13 -5.32 2.26
C ALA A 42 20.19 -6.11 3.05
N PRO A 43 21.18 -5.42 3.60
CA PRO A 43 22.18 -6.10 4.41
C PRO A 43 21.56 -6.80 5.60
N VAL A 44 22.32 -7.76 6.12
CA VAL A 44 21.96 -8.53 7.30
C VAL A 44 23.17 -8.62 8.22
N VAL A 45 22.98 -8.25 9.48
CA VAL A 45 24.08 -8.29 10.43
C VAL A 45 24.46 -9.74 10.72
N VAL A 46 25.73 -10.06 10.57
CA VAL A 46 26.22 -11.39 10.88
C VAL A 46 27.16 -11.40 12.08
N VAL A 47 27.84 -10.29 12.38
CA VAL A 47 28.61 -10.12 13.62
C VAL A 47 28.22 -8.77 14.22
N SER A 48 27.76 -8.79 15.47
CA SER A 48 27.15 -7.58 16.04
C SER A 48 27.98 -6.85 17.11
N ASP A 49 29.16 -7.37 17.51
CA ASP A 49 30.01 -6.75 18.55
C ASP A 49 29.18 -6.12 19.66
N ASP A 50 28.22 -6.93 20.11
CA ASP A 50 27.36 -6.65 21.23
C ASP A 50 27.42 -7.90 22.13
N GLU A 51 27.46 -7.60 23.41
CA GLU A 51 27.52 -8.20 24.77
C GLU A 51 26.16 -8.68 25.22
N ASP A 52 25.15 -8.17 24.53
CA ASP A 52 23.75 -8.57 24.54
C ASP A 52 23.45 -9.40 23.31
N ARG A 53 24.17 -9.14 22.21
CA ARG A 53 24.01 -9.84 20.93
C ARG A 53 25.33 -10.03 20.16
N ILE A 57 24.42 -17.97 22.25
CA ILE A 57 24.62 -19.10 21.35
C ILE A 57 25.60 -18.70 20.22
N PRO A 58 26.72 -19.42 20.13
CA PRO A 58 27.74 -19.13 19.10
C PRO A 58 27.35 -19.67 17.72
N ASP A 59 27.95 -19.06 16.69
CA ASP A 59 27.72 -19.48 15.31
C ASP A 59 29.04 -19.48 14.54
N ARG A 60 28.95 -19.70 13.23
CA ARG A 60 30.12 -19.78 12.35
C ARG A 60 30.73 -18.43 12.01
N PHE A 61 30.13 -17.32 12.43
CA PHE A 61 30.63 -15.98 12.14
C PHE A 61 31.23 -15.37 13.40
N SER A 62 32.43 -14.81 13.25
CA SER A 62 33.20 -14.33 14.38
C SER A 62 34.03 -13.13 13.93
N GLY A 63 34.13 -12.12 14.79
CA GLY A 63 34.93 -10.94 14.52
C GLY A 63 35.95 -10.74 15.62
N SER A 64 37.08 -10.15 15.26
CA SER A 64 38.16 -9.86 16.19
C SER A 64 38.82 -8.55 15.80
N LYS A 65 39.62 -8.00 16.71
CA LYS A 65 40.28 -6.74 16.40
C LYS A 65 41.56 -6.63 17.21
N SER A 66 42.53 -5.95 16.62
CA SER A 66 43.80 -5.67 17.26
C SER A 66 44.43 -4.50 16.52
N GLY A 67 45.05 -3.61 17.27
CA GLY A 67 45.70 -2.49 16.62
C GLY A 67 44.82 -1.79 15.60
N ASP A 68 45.20 -1.89 14.33
CA ASP A 68 44.59 -1.12 13.24
C ASP A 68 43.71 -1.98 12.32
N THR A 69 43.28 -3.14 12.77
CA THR A 69 42.62 -4.12 11.91
C THR A 69 41.50 -4.83 12.63
N ALA A 70 40.35 -4.92 11.98
CA ALA A 70 39.27 -5.79 12.41
C ALA A 70 39.12 -6.90 11.37
N THR A 71 38.77 -8.10 11.82
CA THR A 71 38.73 -9.28 10.96
C THR A 71 37.44 -10.06 11.19
N LEU A 72 36.75 -10.39 10.11
CA LEU A 72 35.62 -11.32 10.15
C LEU A 72 36.12 -12.70 9.77
N THR A 73 35.81 -13.71 10.59
CA THR A 73 36.18 -15.10 10.39
C THR A 73 34.92 -15.91 10.09
N ILE A 74 34.95 -16.69 9.00
CA ILE A 74 33.84 -17.58 8.64
C ILE A 74 34.36 -19.02 8.71
N SER A 75 33.71 -19.82 9.54
CA SER A 75 34.11 -21.21 9.70
C SER A 75 33.33 -22.11 8.76
N ARG A 76 33.98 -23.18 8.31
CA ARG A 76 33.40 -24.16 7.39
C ARG A 76 32.58 -23.45 6.31
N VAL A 77 33.29 -22.62 5.52
CA VAL A 77 32.63 -21.75 4.55
C VAL A 77 31.75 -22.56 3.62
N GLU A 78 30.53 -22.05 3.39
CA GLU A 78 29.55 -22.72 2.54
C GLU A 78 29.09 -21.83 1.38
N ALA A 79 28.43 -22.51 0.42
CA ALA A 79 27.93 -21.85 -0.78
C ALA A 79 26.99 -20.70 -0.42
N GLY A 80 26.22 -20.85 0.67
CA GLY A 80 25.30 -19.82 1.14
C GLY A 80 25.97 -18.62 1.77
N ASP A 81 27.28 -18.66 1.92
CA ASP A 81 28.06 -17.57 2.49
C ASP A 81 28.58 -16.63 1.42
N GLU A 82 28.31 -16.92 0.15
CA GLU A 82 28.66 -15.97 -0.90
C GLU A 82 27.89 -14.68 -0.68
N GLY A 83 28.47 -13.58 -1.12
CA GLY A 83 27.80 -12.31 -1.07
C GLY A 83 28.81 -11.21 -0.84
N ASP A 84 28.29 -10.03 -0.49
CA ASP A 84 29.13 -8.89 -0.13
C ASP A 84 29.12 -8.70 1.39
N TYR A 85 30.32 -8.57 1.95
CA TYR A 85 30.47 -8.37 3.39
C TYR A 85 30.98 -6.96 3.67
N TYR A 86 30.30 -6.28 4.62
CA TYR A 86 30.61 -4.91 5.02
C TYR A 86 30.90 -4.84 6.52
N CYS A 87 31.98 -4.14 6.86
CA CYS A 87 32.22 -3.80 8.25
C CYS A 87 31.66 -2.39 8.54
N GLN A 88 31.37 -2.16 9.81
CA GLN A 88 30.69 -0.92 10.16
C GLN A 88 31.07 -0.51 11.59
N VAL A 89 31.30 0.78 11.75
CA VAL A 89 31.57 1.40 13.05
C VAL A 89 30.67 2.61 13.24
N TRP A 90 30.72 3.13 14.47
CA TRP A 90 30.22 4.44 14.84
C TRP A 90 31.40 5.21 15.42
N ASP A 91 31.82 6.29 14.76
CA ASP A 91 32.96 7.09 15.20
C ASP A 91 32.43 8.14 16.16
N SER A 92 32.78 8.03 17.45
CA SER A 92 32.23 9.01 18.37
C SER A 92 32.88 10.37 18.20
N LYS A 93 34.09 10.42 17.63
CA LYS A 93 34.75 11.70 17.40
C LYS A 93 34.00 12.57 16.41
N THR A 94 33.53 11.99 15.30
CA THR A 94 32.75 12.71 14.30
C THR A 94 31.25 12.48 14.44
N ASP A 95 30.84 11.54 15.28
CA ASP A 95 29.43 11.14 15.36
C ASP A 95 28.88 10.77 13.98
N HIS A 96 29.62 9.92 13.27
CA HIS A 96 29.23 9.40 11.96
C HIS A 96 29.17 7.89 12.03
N VAL A 97 28.16 7.29 11.40
CA VAL A 97 28.23 5.87 11.08
C VAL A 97 29.10 5.72 9.83
N VAL A 98 30.00 4.74 9.81
CA VAL A 98 30.91 4.54 8.68
C VAL A 98 30.91 3.08 8.24
N PHE A 99 30.77 2.85 6.94
CA PHE A 99 30.87 1.52 6.34
C PHE A 99 32.19 1.36 5.61
N GLY A 100 32.71 0.15 5.63
CA GLY A 100 33.78 -0.21 4.75
C GLY A 100 33.27 -0.35 3.33
N GLY A 101 34.22 -0.42 2.39
CA GLY A 101 33.89 -0.54 0.97
C GLY A 101 33.17 -1.80 0.57
N GLY A 102 33.45 -2.90 1.24
CA GLY A 102 32.81 -4.15 0.94
C GLY A 102 33.79 -5.13 0.33
N THR A 103 33.57 -6.41 0.61
CA THR A 103 34.35 -7.49 0.03
C THR A 103 33.41 -8.50 -0.59
N LYS A 104 33.53 -8.70 -1.91
CA LYS A 104 32.75 -9.71 -2.60
C LYS A 104 33.42 -11.07 -2.38
N VAL A 105 32.75 -11.93 -1.62
CA VAL A 105 33.24 -13.27 -1.33
C VAL A 105 32.60 -14.22 -2.34
N THR A 106 33.42 -14.79 -3.20
CA THR A 106 32.95 -15.83 -4.10
C THR A 106 33.46 -17.17 -3.60
N VAL A 107 32.61 -18.18 -3.60
CA VAL A 107 32.90 -19.48 -3.00
C VAL A 107 33.26 -20.48 -4.10
N LEU A 108 34.41 -21.14 -3.95
CA LEU A 108 34.89 -22.07 -4.97
C LEU A 108 34.05 -23.35 -5.02
N ARG A 109 34.19 -24.07 -6.14
CA ARG A 109 33.28 -25.15 -6.47
C ARG A 109 33.90 -25.99 -7.56
N THR A 110 33.35 -27.19 -7.76
CA THR A 110 33.76 -28.05 -8.87
C THR A 110 33.21 -27.52 -10.20
N VAL A 111 33.94 -27.79 -11.27
CA VAL A 111 33.59 -27.27 -12.60
C VAL A 111 32.29 -27.90 -13.09
N ALA A 112 31.40 -27.05 -13.62
CA ALA A 112 30.14 -27.53 -14.18
C ALA A 112 29.91 -26.84 -15.51
N ALA A 113 29.54 -27.62 -16.51
CA ALA A 113 29.28 -27.08 -17.83
C ALA A 113 27.86 -26.53 -17.89
N PRO A 114 27.62 -25.57 -18.78
CA PRO A 114 26.30 -24.94 -18.89
C PRO A 114 25.37 -25.69 -19.82
N SER A 115 24.11 -25.91 -19.45
CA SER A 115 23.11 -26.29 -20.44
C SER A 115 22.73 -25.06 -21.25
N VAL A 116 22.82 -25.17 -22.57
CA VAL A 116 22.70 -24.03 -23.47
C VAL A 116 21.35 -24.08 -24.15
N PHE A 117 20.66 -22.95 -24.17
CA PHE A 117 19.38 -22.83 -24.84
C PHE A 117 19.39 -21.59 -25.71
N ILE A 118 18.77 -21.71 -26.89
CA ILE A 118 18.59 -20.61 -27.82
C ILE A 118 17.09 -20.38 -28.01
N PHE A 119 16.69 -19.12 -28.07
CA PHE A 119 15.27 -18.76 -28.18
C PHE A 119 15.12 -17.81 -29.37
N PRO A 120 14.25 -18.12 -30.33
CA PRO A 120 13.98 -17.18 -31.42
C PRO A 120 13.01 -16.09 -31.00
N PRO A 121 12.96 -14.99 -31.74
CA PRO A 121 12.04 -13.90 -31.37
C PRO A 121 10.57 -14.32 -31.52
N SER A 122 9.73 -13.77 -30.65
CA SER A 122 8.29 -13.99 -30.74
C SER A 122 7.74 -13.34 -32.00
N ASP A 123 6.60 -13.84 -32.49
CA ASP A 123 5.97 -13.11 -33.59
C ASP A 123 5.36 -11.82 -33.08
N GLU A 124 5.05 -11.77 -31.78
CA GLU A 124 4.53 -10.55 -31.17
C GLU A 124 5.52 -9.41 -31.32
N GLN A 125 6.80 -9.69 -31.10
CA GLN A 125 7.85 -8.67 -31.20
C GLN A 125 8.10 -8.28 -32.65
N LEU A 126 8.04 -9.25 -33.56
CA LEU A 126 8.41 -9.01 -34.95
C LEU A 126 7.53 -7.96 -35.62
N LYS A 127 6.22 -7.96 -35.34
CA LYS A 127 5.34 -6.91 -35.88
C LYS A 127 5.84 -5.52 -35.51
N SER A 128 6.53 -5.39 -34.37
CA SER A 128 7.02 -4.10 -33.90
C SER A 128 8.18 -3.56 -34.71
N GLY A 129 8.87 -4.41 -35.47
CA GLY A 129 10.02 -3.99 -36.24
C GLY A 129 11.37 -4.44 -35.73
N THR A 130 11.44 -5.13 -34.60
CA THR A 130 12.72 -5.55 -34.06
C THR A 130 12.65 -7.03 -33.75
N ALA A 131 13.80 -7.68 -33.74
CA ALA A 131 13.90 -9.09 -33.39
C ALA A 131 14.96 -9.27 -32.31
N SER A 132 14.62 -10.01 -31.26
CA SER A 132 15.52 -10.27 -30.13
C SER A 132 15.65 -11.78 -29.97
N VAL A 133 16.82 -12.30 -30.31
CA VAL A 133 17.12 -13.72 -30.14
C VAL A 133 18.06 -13.86 -28.93
N VAL A 134 17.71 -14.79 -28.04
CA VAL A 134 18.28 -14.87 -26.71
C VAL A 134 18.96 -16.21 -26.56
N CYS A 135 20.19 -16.19 -26.05
CA CYS A 135 20.92 -17.41 -25.76
C CYS A 135 21.13 -17.53 -24.26
N LEU A 136 20.75 -18.67 -23.69
CA LEU A 136 20.84 -18.87 -22.25
C LEU A 136 21.90 -19.92 -21.97
N LEU A 137 22.82 -19.59 -21.05
CA LEU A 137 23.80 -20.52 -20.49
C LEU A 137 23.45 -20.73 -19.02
N ASN A 138 22.92 -21.91 -18.69
CA ASN A 138 22.36 -22.18 -17.36
C ASN A 138 23.34 -22.97 -16.51
N ASN A 139 23.60 -22.46 -15.29
CA ASN A 139 24.22 -23.17 -14.13
C ASN A 139 25.58 -23.79 -14.46
N PHE A 140 26.53 -22.92 -14.77
CA PHE A 140 27.87 -23.34 -15.14
C PHE A 140 28.89 -22.71 -14.18
N TYR A 141 30.09 -23.30 -14.16
CA TYR A 141 31.17 -22.83 -13.33
C TYR A 141 32.50 -23.19 -13.95
N PRO A 142 33.50 -22.29 -13.96
CA PRO A 142 33.52 -20.93 -13.39
C PRO A 142 32.89 -19.89 -14.32
N ARG A 143 33.05 -18.61 -13.98
CA ARG A 143 32.30 -17.53 -14.61
C ARG A 143 32.73 -17.32 -16.07
N GLU A 144 34.03 -17.44 -16.35
CA GLU A 144 34.55 -17.12 -17.67
C GLU A 144 33.91 -18.01 -18.73
N ALA A 145 33.26 -17.39 -19.72
CA ALA A 145 32.60 -18.12 -20.80
C ALA A 145 32.56 -17.23 -22.01
N LYS A 146 32.62 -17.83 -23.19
CA LYS A 146 32.55 -17.06 -24.42
C LYS A 146 31.28 -17.45 -25.16
N VAL A 147 30.51 -16.45 -25.57
CA VAL A 147 29.35 -16.68 -26.43
C VAL A 147 29.60 -15.99 -27.75
N GLN A 148 29.39 -16.73 -28.84
CA GLN A 148 29.57 -16.24 -30.20
C GLN A 148 28.27 -16.42 -30.96
N TRP A 149 27.72 -15.33 -31.46
CA TRP A 149 26.54 -15.42 -32.32
C TRP A 149 26.95 -15.65 -33.78
N LYS A 150 26.21 -16.51 -34.48
CA LYS A 150 26.45 -16.74 -35.90
C LYS A 150 25.13 -16.64 -36.66
N VAL A 151 25.15 -16.02 -37.84
CA VAL A 151 23.96 -15.99 -38.70
C VAL A 151 24.36 -16.49 -40.08
N ASP A 152 23.90 -17.69 -40.45
CA ASP A 152 24.40 -18.40 -41.64
C ASP A 152 25.90 -18.64 -41.54
N ASN A 153 26.38 -18.84 -40.30
CA ASN A 153 27.75 -19.15 -39.92
C ASN A 153 28.69 -17.96 -39.95
N ALA A 154 28.16 -16.75 -40.10
CA ALA A 154 28.95 -15.54 -40.03
C ALA A 154 28.99 -15.06 -38.59
N LEU A 155 30.18 -14.69 -38.14
CA LEU A 155 30.34 -14.21 -36.78
C LEU A 155 29.70 -12.84 -36.62
N GLN A 156 28.93 -12.66 -35.57
CA GLN A 156 28.37 -11.35 -35.28
C GLN A 156 29.29 -10.61 -34.31
N SER A 157 29.24 -9.27 -34.37
CA SER A 157 30.05 -8.44 -33.50
C SER A 157 29.38 -7.09 -33.35
N GLY A 158 29.26 -6.62 -32.11
CA GLY A 158 28.69 -5.32 -31.80
C GLY A 158 27.17 -5.22 -31.81
N ASN A 159 26.44 -6.34 -31.92
CA ASN A 159 24.98 -6.34 -31.94
C ASN A 159 24.39 -7.24 -30.86
N SER A 160 25.16 -7.58 -29.83
CA SER A 160 24.67 -8.39 -28.72
C SER A 160 25.17 -7.79 -27.41
N GLN A 161 24.40 -8.05 -26.37
CA GLN A 161 24.73 -7.74 -24.99
C GLN A 161 24.43 -8.96 -24.15
N GLU A 162 25.21 -9.16 -23.09
CA GLU A 162 24.95 -10.26 -22.15
C GLU A 162 24.84 -9.74 -20.74
N SER A 163 24.17 -10.52 -19.92
CA SER A 163 24.04 -10.22 -18.52
C SER A 163 24.39 -11.49 -17.74
N VAL A 164 24.98 -11.34 -16.58
CA VAL A 164 25.36 -12.50 -15.77
C VAL A 164 24.75 -12.35 -14.39
N THR A 165 24.25 -13.47 -13.86
CA THR A 165 23.73 -13.49 -12.50
C THR A 165 24.86 -13.59 -11.47
N GLU A 166 24.54 -13.28 -10.23
CA GLU A 166 25.48 -13.48 -9.14
C GLU A 166 25.59 -14.98 -8.83
N GLN A 167 26.67 -15.33 -8.13
CA GLN A 167 26.88 -16.73 -7.80
C GLN A 167 25.68 -17.26 -7.01
N ASP A 168 25.22 -18.45 -7.37
CA ASP A 168 24.01 -18.98 -6.76
C ASP A 168 24.29 -19.42 -5.33
N SER A 169 23.35 -19.14 -4.44
CA SER A 169 23.63 -19.45 -3.03
C SER A 169 23.46 -20.93 -2.69
N LYS A 170 22.84 -21.75 -3.56
CA LYS A 170 22.67 -23.18 -3.28
C LYS A 170 23.62 -24.08 -4.03
N ASP A 171 24.08 -23.68 -5.21
CA ASP A 171 25.01 -24.54 -5.94
C ASP A 171 26.23 -23.80 -6.48
N SER A 172 26.39 -22.51 -6.16
CA SER A 172 27.59 -21.74 -6.51
C SER A 172 27.83 -21.63 -8.01
N THR A 173 26.79 -21.79 -8.84
CA THR A 173 26.94 -21.67 -10.28
C THR A 173 26.48 -20.28 -10.74
N TYR A 174 26.78 -19.99 -11.99
CA TYR A 174 26.40 -18.76 -12.64
C TYR A 174 25.46 -19.07 -13.80
N SER A 175 24.72 -18.05 -14.22
CA SER A 175 23.90 -18.18 -15.42
C SER A 175 24.11 -16.91 -16.22
N LEU A 176 24.09 -17.06 -17.55
CA LEU A 176 24.38 -15.97 -18.48
C LEU A 176 23.32 -15.89 -19.56
N SER A 177 22.98 -14.69 -19.95
CA SER A 177 22.02 -14.43 -21.00
C SER A 177 22.66 -13.51 -22.02
N SER A 178 22.55 -13.88 -23.30
CA SER A 178 23.06 -13.09 -24.42
C SER A 178 21.93 -12.76 -25.37
N THR A 179 21.87 -11.50 -25.78
CA THR A 179 20.81 -11.04 -26.67
C THR A 179 21.41 -10.37 -27.89
N LEU A 180 21.28 -11.05 -29.03
CA LEU A 180 21.56 -10.49 -30.36
C LEU A 180 20.33 -9.71 -30.83
N THR A 181 20.47 -8.40 -31.07
CA THR A 181 19.36 -7.57 -31.54
C THR A 181 19.60 -7.12 -32.98
N LEU A 182 18.63 -7.40 -33.86
CA LEU A 182 18.65 -6.95 -35.25
C LEU A 182 17.32 -6.31 -35.64
N SER A 183 17.29 -5.63 -36.77
CA SER A 183 16.00 -5.17 -37.24
C SER A 183 15.25 -6.32 -37.90
N LYS A 184 13.92 -6.23 -37.92
CA LYS A 184 13.18 -7.25 -38.64
C LYS A 184 13.72 -7.40 -40.06
N ALA A 185 14.19 -6.29 -40.67
CA ALA A 185 14.73 -6.33 -42.03
C ALA A 185 16.00 -7.17 -42.12
N ASP A 186 16.90 -7.03 -41.15
CA ASP A 186 18.12 -7.86 -41.16
C ASP A 186 17.78 -9.30 -40.82
N TYR A 187 16.86 -9.49 -39.87
CA TYR A 187 16.45 -10.83 -39.47
C TYR A 187 15.82 -11.61 -40.63
N GLU A 188 15.05 -10.92 -41.48
CA GLU A 188 14.29 -11.61 -42.52
C GLU A 188 15.22 -12.31 -43.52
N LYS A 189 16.27 -11.61 -43.96
CA LYS A 189 17.11 -12.10 -45.05
C LYS A 189 17.86 -13.37 -44.68
N HIS A 190 18.24 -13.54 -43.41
CA HIS A 190 19.04 -14.70 -43.03
C HIS A 190 18.15 -15.80 -42.46
N LYS A 191 18.62 -17.04 -42.59
CA LYS A 191 17.91 -18.24 -42.15
C LYS A 191 18.39 -18.82 -40.83
N VAL A 192 19.69 -19.07 -40.69
CA VAL A 192 20.22 -19.92 -39.64
C VAL A 192 20.79 -19.07 -38.52
N TYR A 193 20.32 -19.27 -37.30
CA TYR A 193 20.78 -18.48 -36.16
C TYR A 193 21.33 -19.43 -35.09
N ALA A 194 22.58 -19.24 -34.73
CA ALA A 194 23.29 -20.17 -33.87
C ALA A 194 23.95 -19.42 -32.73
N CYS A 195 24.13 -20.14 -31.61
CA CYS A 195 24.78 -19.66 -30.39
C CYS A 195 25.86 -20.66 -30.03
N GLU A 196 27.13 -20.28 -30.18
CA GLU A 196 28.26 -21.16 -29.91
C GLU A 196 28.93 -20.73 -28.62
N VAL A 197 29.02 -21.62 -27.66
CA VAL A 197 29.64 -21.26 -26.38
C VAL A 197 30.87 -22.13 -26.21
N THR A 198 31.94 -21.51 -25.72
CA THR A 198 33.13 -22.22 -25.26
C THR A 198 33.24 -21.98 -23.75
N HIS A 199 33.64 -23.03 -23.03
CA HIS A 199 33.71 -22.99 -21.59
C HIS A 199 34.57 -24.16 -21.12
N GLN A 200 35.24 -23.99 -19.97
CA GLN A 200 35.78 -25.18 -19.32
C GLN A 200 34.61 -26.14 -19.08
N GLY A 201 34.91 -27.42 -18.97
CA GLY A 201 33.81 -28.35 -18.86
C GLY A 201 33.12 -28.63 -20.18
N LEU A 202 33.51 -27.93 -21.25
CA LEU A 202 33.10 -28.27 -22.60
C LEU A 202 34.36 -28.69 -23.34
N SER A 203 34.51 -29.99 -23.59
CA SER A 203 35.67 -30.45 -24.36
C SER A 203 35.70 -29.77 -25.73
N SER A 204 34.53 -29.57 -26.32
CA SER A 204 34.35 -28.86 -27.56
C SER A 204 33.24 -27.84 -27.42
N PRO A 205 33.30 -26.75 -28.17
CA PRO A 205 32.23 -25.75 -28.10
C PRO A 205 30.88 -26.38 -28.45
N VAL A 206 29.85 -25.97 -27.72
CA VAL A 206 28.46 -26.37 -27.96
C VAL A 206 27.75 -25.26 -28.72
N THR A 207 27.05 -25.65 -29.78
CA THR A 207 26.35 -24.73 -30.68
C THR A 207 24.88 -25.11 -30.71
N LYS A 208 24.03 -24.18 -30.28
CA LYS A 208 22.57 -24.30 -30.40
C LYS A 208 22.06 -23.36 -31.49
N SER A 209 21.20 -23.86 -32.38
CA SER A 209 20.68 -23.05 -33.47
C SER A 209 19.21 -23.33 -33.74
N PHE A 210 18.63 -22.50 -34.60
CA PHE A 210 17.28 -22.70 -35.10
C PHE A 210 17.20 -22.19 -36.53
N ASN A 211 16.32 -22.83 -37.32
CA ASN A 211 16.02 -22.48 -38.69
C ASN A 211 14.69 -21.71 -38.80
N ARG A 212 14.24 -21.49 -40.03
CA ARG A 212 13.00 -20.76 -40.35
C ARG A 212 12.96 -19.44 -39.59
N GLY A 213 14.00 -18.63 -39.80
CA GLY A 213 14.14 -17.35 -39.13
C GLY A 213 13.72 -16.13 -39.95
N GLN B 1 6.38 -8.71 14.51
CA GLN B 1 7.80 -8.49 14.78
C GLN B 1 8.30 -7.21 14.09
N VAL B 2 9.60 -6.97 14.15
CA VAL B 2 10.15 -5.72 13.64
C VAL B 2 9.99 -5.66 12.13
N GLN B 3 9.48 -4.54 11.64
CA GLN B 3 9.14 -4.43 10.23
C GLN B 3 9.28 -3.00 9.76
N LEU B 4 9.96 -2.85 8.63
CA LEU B 4 10.25 -1.55 8.01
C LEU B 4 9.79 -1.62 6.57
N VAL B 5 8.79 -0.78 6.21
CA VAL B 5 8.17 -0.79 4.91
C VAL B 5 8.36 0.58 4.28
N GLN B 6 9.16 0.64 3.21
CA GLN B 6 9.50 1.90 2.58
C GLN B 6 8.60 2.15 1.39
N SER B 7 8.56 3.40 0.96
CA SER B 7 7.80 3.83 -0.20
C SER B 7 8.39 3.25 -1.49
N GLY B 8 7.58 3.27 -2.59
CA GLY B 8 7.95 2.64 -3.83
C GLY B 8 9.12 3.34 -4.55
N PRO B 9 9.55 2.76 -5.67
CA PRO B 9 10.63 3.39 -6.45
C PRO B 9 10.18 4.72 -7.07
N ASP B 10 11.14 5.62 -7.25
CA ASP B 10 10.83 6.96 -7.73
C ASP B 10 11.90 7.42 -8.71
N VAL B 11 11.49 8.31 -9.64
CA VAL B 11 12.39 8.93 -10.59
C VAL B 11 12.18 10.45 -10.53
N ARG B 12 13.28 11.19 -10.38
CA ARG B 12 13.21 12.62 -10.22
C ARG B 12 14.18 13.31 -11.16
N LYS B 13 13.76 14.47 -11.64
CA LYS B 13 14.58 15.25 -12.56
C LYS B 13 15.78 15.84 -11.82
N PRO B 14 16.89 16.06 -12.52
CA PRO B 14 18.03 16.69 -11.87
C PRO B 14 17.63 18.03 -11.29
N GLY B 15 18.09 18.29 -10.05
CA GLY B 15 17.79 19.52 -9.37
C GLY B 15 16.51 19.49 -8.55
N ALA B 16 15.75 18.39 -8.60
CA ALA B 16 14.50 18.28 -7.88
C ALA B 16 14.72 17.65 -6.50
N THR B 17 13.62 17.46 -5.78
CA THR B 17 13.65 16.84 -4.46
C THR B 17 12.96 15.48 -4.46
N VAL B 18 13.49 14.55 -3.69
CA VAL B 18 12.82 13.26 -3.49
C VAL B 18 12.47 13.16 -2.01
N LYS B 19 11.31 12.59 -1.71
CA LYS B 19 10.90 12.30 -0.34
C LYS B 19 10.68 10.80 -0.20
N VAL B 20 11.45 10.14 0.68
CA VAL B 20 11.29 8.71 0.90
C VAL B 20 10.76 8.53 2.31
N SER B 21 9.81 7.60 2.45
CA SER B 21 9.15 7.37 3.72
C SER B 21 9.37 5.93 4.16
N CYS B 22 9.36 5.74 5.48
CA CYS B 22 9.59 4.42 6.08
C CYS B 22 8.70 4.27 7.31
N GLN B 23 7.72 3.37 7.21
CA GLN B 23 6.82 3.06 8.32
C GLN B 23 7.32 1.81 9.06
N THR B 24 7.60 1.99 10.36
CA THR B 24 8.04 0.94 11.26
C THR B 24 6.85 0.38 12.03
N SER B 25 7.03 -0.83 12.56
CA SER B 25 5.95 -1.45 13.32
C SER B 25 6.50 -2.64 14.07
N GLY B 26 5.75 -3.11 15.06
CA GLY B 26 6.16 -4.32 15.76
C GLY B 26 7.13 -4.11 16.89
N TYR B 27 7.49 -2.89 17.23
CA TYR B 27 8.38 -2.59 18.34
C TYR B 27 7.97 -1.22 18.86
N ARG B 28 8.55 -0.83 19.97
CA ARG B 28 8.17 0.46 20.54
C ARG B 28 8.93 1.58 19.84
N PHE B 29 8.28 2.20 18.85
CA PHE B 29 8.75 3.46 18.31
C PHE B 29 9.11 4.39 19.46
N THR B 30 10.18 5.15 19.28
CA THR B 30 10.86 6.05 20.20
C THR B 30 11.84 5.30 21.09
N ASP B 31 11.93 3.99 21.01
CA ASP B 31 13.00 3.37 21.76
C ASP B 31 14.32 3.26 20.99
N TYR B 32 14.33 3.47 19.65
CA TYR B 32 15.54 3.28 18.84
C TYR B 32 15.62 4.33 17.74
N GLU B 33 16.84 4.80 17.48
CA GLU B 33 17.04 5.73 16.38
C GLU B 33 16.90 5.04 15.01
N MET B 34 16.46 5.82 14.03
CA MET B 34 16.34 5.35 12.66
C MET B 34 17.40 6.04 11.79
N ASN B 35 18.01 5.22 10.94
CA ASN B 35 19.09 5.63 10.06
C ASN B 35 18.68 5.45 8.60
N TRP B 36 19.30 6.25 7.72
CA TRP B 36 19.15 6.12 6.27
C TRP B 36 20.51 5.80 5.65
N VAL B 37 20.55 4.81 4.79
CA VAL B 37 21.76 4.38 4.11
C VAL B 37 21.41 4.21 2.64
N ARG B 38 22.31 4.61 1.75
CA ARG B 38 22.07 4.45 0.32
C ARG B 38 23.16 3.59 -0.34
N GLN B 39 22.83 3.06 -1.51
CA GLN B 39 23.74 2.20 -2.26
C GLN B 39 23.55 2.52 -3.74
N ALA B 40 24.55 3.14 -4.34
CA ALA B 40 24.49 3.33 -5.79
C ALA B 40 24.61 1.97 -6.49
N PRO B 41 23.87 1.76 -7.60
CA PRO B 41 23.91 0.44 -8.24
C PRO B 41 25.32 -0.10 -8.40
N GLY B 42 25.60 -1.23 -7.74
CA GLY B 42 26.89 -1.88 -7.80
C GLY B 42 27.97 -1.26 -6.95
N GLN B 43 27.60 -0.51 -5.94
CA GLN B 43 28.56 0.21 -5.13
C GLN B 43 28.40 -0.16 -3.66
N GLY B 44 29.13 0.53 -2.81
CA GLY B 44 29.08 0.22 -1.40
C GLY B 44 27.91 0.86 -0.68
N LEU B 45 27.85 0.57 0.61
CA LEU B 45 26.86 1.19 1.49
C LEU B 45 27.35 2.57 1.87
N GLU B 46 26.45 3.56 1.83
CA GLU B 46 26.82 4.93 2.23
C GLU B 46 25.79 5.47 3.22
N TRP B 47 26.24 5.70 4.45
CA TRP B 47 25.41 6.27 5.52
C TRP B 47 25.02 7.70 5.20
N ILE B 48 23.75 8.04 5.40
CA ILE B 48 23.27 9.42 5.16
C ILE B 48 23.14 10.21 6.46
N GLY B 49 22.47 9.64 7.45
CA GLY B 49 22.27 10.32 8.72
C GLY B 49 21.22 9.55 9.51
N LEU B 50 20.74 10.17 10.58
CA LEU B 50 19.81 9.49 11.48
C LEU B 50 18.87 10.50 12.12
N ILE B 51 17.72 9.99 12.56
CA ILE B 51 16.82 10.76 13.42
C ILE B 51 16.44 9.93 14.66
N ASN B 52 16.32 10.60 15.82
CA ASN B 52 15.82 9.99 17.05
C ASN B 52 14.32 10.27 17.14
N PRO B 53 13.46 9.26 17.05
CA PRO B 53 12.02 9.55 17.14
C PRO B 53 11.61 10.08 18.51
N HIS B 54 12.40 9.87 19.55
CA HIS B 54 11.99 10.40 20.83
C HIS B 54 12.16 11.91 20.91
N SER B 55 13.21 12.46 20.28
CA SER B 55 13.44 13.91 20.35
C SER B 55 13.28 14.64 19.04
N GLY B 56 13.26 13.94 17.90
CA GLY B 56 13.38 14.61 16.63
C GLY B 56 14.79 15.08 16.32
N ASP B 57 15.77 14.71 17.15
CA ASP B 57 17.16 15.08 16.89
C ASP B 57 17.70 14.30 15.70
N THR B 58 18.58 14.95 14.95
CA THR B 58 19.13 14.38 13.74
C THR B 58 20.64 14.54 13.75
N ALA B 59 21.31 13.65 13.04
CA ALA B 59 22.72 13.83 12.74
C ALA B 59 22.90 13.42 11.30
N TYR B 60 23.46 14.32 10.52
CA TYR B 60 23.61 14.04 9.11
C TYR B 60 25.08 13.87 8.78
N ALA B 61 25.37 12.96 7.85
CA ALA B 61 26.73 12.80 7.30
C ALA B 61 27.14 14.08 6.59
N GLN B 62 28.45 14.48 6.64
CA GLN B 62 28.85 15.75 5.96
C GLN B 62 28.40 15.81 4.52
N LYS B 63 28.40 14.70 3.79
CA LYS B 63 28.16 14.86 2.37
C LYS B 63 26.85 15.61 2.11
N PHE B 64 25.81 15.34 2.90
CA PHE B 64 24.45 15.83 2.68
C PHE B 64 24.07 17.05 3.52
N GLN B 65 24.95 17.52 4.40
CA GLN B 65 24.65 18.69 5.21
C GLN B 65 24.22 19.81 4.27
N GLY B 66 22.99 20.30 4.44
CA GLY B 66 22.43 21.36 3.61
C GLY B 66 21.50 20.92 2.48
N ARG B 67 21.44 19.63 2.15
CA ARG B 67 20.54 19.08 1.14
C ARG B 67 19.60 18.02 1.67
N VAL B 68 19.72 17.61 2.93
CA VAL B 68 18.95 16.49 3.47
C VAL B 68 18.17 16.98 4.69
N THR B 69 16.95 16.49 4.83
CA THR B 69 16.17 16.72 6.02
C THR B 69 15.56 15.39 6.35
N MET B 70 15.52 15.07 7.65
CA MET B 70 14.85 13.87 8.13
C MET B 70 13.81 14.29 9.15
N THR B 71 12.65 13.66 9.12
CA THR B 71 11.66 13.95 10.15
C THR B 71 11.03 12.64 10.58
N SER B 72 10.29 12.72 11.70
CA SER B 72 9.74 11.52 12.32
C SER B 72 8.33 11.83 12.79
N ASP B 73 7.44 10.87 12.64
CA ASP B 73 6.02 11.09 12.93
C ASP B 73 5.52 9.97 13.83
N THR B 74 5.22 10.33 15.09
CA THR B 74 4.82 9.40 16.12
C THR B 74 3.39 8.89 15.99
N SER B 75 2.50 9.60 15.27
CA SER B 75 1.15 9.07 15.14
C SER B 75 1.14 7.77 14.35
N ASP B 76 2.10 7.58 13.42
CA ASP B 76 2.13 6.34 12.66
C ASP B 76 3.52 5.67 12.59
N SER B 77 4.45 6.01 13.52
CA SER B 77 5.73 5.31 13.64
C SER B 77 6.50 5.37 12.32
N THR B 78 6.50 6.53 11.68
CA THR B 78 7.04 6.67 10.33
C THR B 78 8.15 7.70 10.31
N VAL B 79 9.22 7.42 9.57
CA VAL B 79 10.26 8.43 9.39
C VAL B 79 10.43 8.77 7.90
N TYR B 80 11.00 9.94 7.66
CA TYR B 80 11.11 10.48 6.32
C TYR B 80 12.53 10.91 6.00
N LEU B 81 12.91 10.66 4.75
CA LEU B 81 14.13 11.19 4.17
C LEU B 81 13.73 12.15 3.06
N GLU B 82 14.32 13.33 3.06
CA GLU B 82 14.05 14.30 2.00
C GLU B 82 15.38 14.84 1.50
N LEU B 83 15.66 14.66 0.19
CA LEU B 83 16.92 15.07 -0.41
C LEU B 83 16.67 15.99 -1.60
N SER B 84 17.27 17.17 -1.57
CA SER B 84 17.04 18.18 -2.59
C SER B 84 18.30 18.38 -3.42
N GLY B 85 18.16 19.21 -4.47
CA GLY B 85 19.23 19.50 -5.40
C GLY B 85 19.83 18.24 -6.01
N LEU B 86 19.00 17.35 -6.55
CA LEU B 86 19.49 16.04 -6.96
C LEU B 86 20.37 16.11 -8.22
N THR B 87 21.35 15.22 -8.29
CA THR B 87 22.17 14.96 -9.46
C THR B 87 22.24 13.46 -9.67
N PRO B 88 22.70 13.00 -10.84
CA PRO B 88 22.79 11.55 -11.08
C PRO B 88 23.65 10.82 -10.07
N ASP B 89 24.54 11.53 -9.36
CA ASP B 89 25.28 10.87 -8.30
C ASP B 89 24.38 10.43 -7.17
N ASP B 90 23.12 10.87 -7.18
CA ASP B 90 22.18 10.54 -6.13
C ASP B 90 21.29 9.36 -6.45
N THR B 91 21.33 8.82 -7.67
CA THR B 91 20.56 7.61 -7.97
C THR B 91 21.16 6.44 -7.20
N ALA B 92 20.29 5.71 -6.50
CA ALA B 92 20.74 4.68 -5.56
C ALA B 92 19.48 4.02 -5.03
N VAL B 93 19.65 2.86 -4.38
CA VAL B 93 18.54 2.40 -3.53
C VAL B 93 18.79 2.95 -2.13
N TYR B 94 17.74 3.52 -1.55
CA TYR B 94 17.77 4.14 -0.23
C TYR B 94 17.09 3.21 0.75
N TYR B 95 17.79 2.87 1.84
CA TYR B 95 17.33 1.98 2.91
C TYR B 95 17.09 2.77 4.18
N CYS B 96 16.00 2.45 4.88
CA CYS B 96 15.90 2.83 6.29
C CYS B 96 16.38 1.65 7.14
N ALA B 97 17.10 1.94 8.22
CA ALA B 97 17.61 0.87 9.10
C ALA B 97 17.29 1.17 10.56
N ARG B 98 16.85 0.16 11.30
CA ARG B 98 16.56 0.36 12.71
C ARG B 98 17.84 0.11 13.53
N SER B 99 18.24 1.11 14.32
CA SER B 99 19.45 0.97 15.13
C SER B 99 19.19 0.07 16.32
N GLN B 100 20.30 -0.37 16.91
CA GLN B 100 20.35 -1.30 18.01
C GLN B 100 21.66 -1.07 18.76
N GLY B 101 21.65 -1.29 20.08
CA GLY B 101 22.81 -1.07 20.90
C GLY B 101 22.70 0.22 21.71
N THR B 102 23.52 0.32 22.74
CA THR B 102 23.56 1.54 23.54
C THR B 102 24.99 1.99 23.74
N PHE B 103 25.12 3.23 24.19
CA PHE B 103 26.43 3.78 24.49
C PHE B 103 27.37 3.70 23.28
N GLU B 104 28.42 2.87 23.36
CA GLU B 104 29.35 2.80 22.25
C GLU B 104 28.96 1.72 21.22
N VAL B 105 27.88 1.00 21.44
CA VAL B 105 27.41 -0.05 20.53
C VAL B 105 26.29 0.50 19.64
N TYR B 106 26.53 0.53 18.31
CA TYR B 106 25.55 1.11 17.38
C TYR B 106 25.65 0.41 16.03
N TYR B 107 24.68 -0.47 15.75
CA TYR B 107 24.60 -1.21 14.51
C TYR B 107 23.14 -1.25 14.07
N PHE B 108 22.85 -2.01 13.01
CA PHE B 108 21.53 -2.06 12.39
C PHE B 108 20.99 -3.48 12.42
N VAL B 109 19.81 -3.60 13.01
CA VAL B 109 19.23 -4.91 13.30
C VAL B 109 18.09 -5.24 12.36
N SER B 110 17.56 -4.25 11.63
CA SER B 110 16.46 -4.41 10.67
C SER B 110 16.53 -3.32 9.62
N TRP B 111 16.10 -3.67 8.41
CA TRP B 111 16.14 -2.76 7.28
C TRP B 111 14.83 -2.82 6.52
N GLY B 112 14.51 -1.70 5.88
CA GLY B 112 13.46 -1.69 4.89
C GLY B 112 13.91 -2.41 3.61
N GLN B 113 12.94 -2.61 2.71
CA GLN B 113 13.21 -3.30 1.46
C GLN B 113 14.05 -2.46 0.49
N GLY B 114 14.25 -1.18 0.76
CA GLY B 114 14.97 -0.28 -0.13
C GLY B 114 14.06 0.43 -1.12
N SER B 115 14.46 1.63 -1.53
CA SER B 115 13.72 2.44 -2.51
C SER B 115 14.70 2.95 -3.55
N LEU B 116 14.57 2.45 -4.76
CA LEU B 116 15.46 2.88 -5.82
C LEU B 116 14.96 4.22 -6.36
N VAL B 117 15.74 5.28 -6.22
CA VAL B 117 15.39 6.56 -6.81
C VAL B 117 16.44 6.90 -7.86
N THR B 118 15.96 7.20 -9.07
CA THR B 118 16.75 7.45 -10.26
C THR B 118 16.62 8.93 -10.58
N VAL B 119 17.74 9.63 -10.69
CA VAL B 119 17.66 11.03 -11.06
C VAL B 119 18.02 11.12 -12.55
N SER B 120 17.02 11.47 -13.35
CA SER B 120 17.21 11.48 -14.79
C SER B 120 16.20 12.43 -15.43
N SER B 121 16.62 13.12 -16.49
CA SER B 121 15.64 13.93 -17.21
C SER B 121 14.79 13.08 -18.15
N ALA B 122 15.24 11.86 -18.47
CA ALA B 122 14.50 10.99 -19.37
C ALA B 122 13.15 10.63 -18.77
N SER B 123 12.20 10.34 -19.64
CA SER B 123 10.83 10.06 -19.23
C SER B 123 10.64 8.58 -18.97
N THR B 124 9.72 8.27 -18.07
CA THR B 124 9.52 6.90 -17.69
C THR B 124 8.74 6.16 -18.76
N LYS B 125 9.10 4.89 -18.96
CA LYS B 125 8.42 4.05 -19.94
C LYS B 125 8.33 2.63 -19.39
N GLY B 126 7.10 2.11 -19.37
CA GLY B 126 6.85 0.73 -19.02
C GLY B 126 7.31 -0.19 -20.12
N PRO B 127 7.51 -1.45 -19.78
CA PRO B 127 8.08 -2.41 -20.72
C PRO B 127 7.05 -3.14 -21.58
N SER B 128 7.54 -3.65 -22.71
CA SER B 128 6.84 -4.66 -23.49
C SER B 128 7.39 -6.03 -23.08
N VAL B 129 6.50 -7.00 -22.85
CA VAL B 129 6.87 -8.34 -22.38
C VAL B 129 6.62 -9.37 -23.47
N PHE B 130 7.69 -10.00 -23.96
CA PHE B 130 7.66 -11.06 -24.97
C PHE B 130 8.08 -12.41 -24.39
N PRO B 131 7.52 -13.51 -24.87
CA PRO B 131 7.83 -14.82 -24.30
C PRO B 131 9.08 -15.42 -24.90
N LEU B 132 9.74 -16.26 -24.10
CA LEU B 132 10.84 -17.12 -24.54
C LEU B 132 10.26 -18.53 -24.42
N ALA B 133 9.71 -19.02 -25.52
CA ALA B 133 8.98 -20.27 -25.52
C ALA B 133 9.94 -21.44 -25.61
N PRO B 134 9.60 -22.56 -24.98
CA PRO B 134 10.50 -23.72 -25.03
C PRO B 134 10.52 -24.30 -26.45
N SER B 135 11.64 -24.92 -26.80
CA SER B 135 11.81 -25.40 -28.16
C SER B 135 11.02 -26.69 -28.37
N SER B 136 10.85 -27.04 -29.65
CA SER B 136 10.15 -28.26 -29.97
C SER B 136 11.06 -29.48 -29.88
N LYS B 137 12.39 -29.28 -29.88
CA LYS B 137 13.32 -30.38 -29.70
C LYS B 137 13.53 -30.74 -28.23
N SER B 138 12.99 -29.94 -27.29
CA SER B 138 13.15 -30.20 -25.86
C SER B 138 13.05 -31.70 -25.56
N THR B 139 14.14 -32.29 -25.03
CA THR B 139 14.19 -33.73 -24.81
C THR B 139 13.39 -34.10 -23.57
N SER B 140 12.67 -35.21 -23.65
CA SER B 140 11.80 -35.63 -22.56
C SER B 140 12.37 -36.87 -21.87
N THR B 143 15.12 -31.80 -18.83
CA THR B 143 14.87 -30.42 -18.44
C THR B 143 14.70 -29.49 -19.64
N ALA B 144 13.66 -28.65 -19.61
CA ALA B 144 13.42 -27.63 -20.63
C ALA B 144 13.55 -26.24 -20.02
N ALA B 145 13.68 -25.23 -20.88
CA ALA B 145 13.91 -23.86 -20.44
C ALA B 145 12.92 -22.90 -21.13
N LEU B 146 12.49 -21.90 -20.37
CA LEU B 146 11.58 -20.90 -20.90
C LEU B 146 11.65 -19.64 -20.04
N GLY B 147 11.14 -18.53 -20.58
CA GLY B 147 11.17 -17.29 -19.82
C GLY B 147 10.43 -16.19 -20.54
N CYS B 148 10.60 -14.97 -20.01
CA CYS B 148 10.11 -13.74 -20.61
C CYS B 148 11.26 -12.78 -20.88
N LEU B 149 11.04 -11.91 -21.87
CA LEU B 149 11.97 -10.86 -22.22
C LEU B 149 11.27 -9.53 -21.95
N VAL B 150 11.77 -8.77 -20.98
CA VAL B 150 11.19 -7.51 -20.53
C VAL B 150 12.03 -6.39 -21.14
N LYS B 151 11.52 -5.71 -22.19
CA LYS B 151 12.43 -5.25 -23.25
C LYS B 151 12.80 -3.76 -23.24
N ASP B 152 11.86 -2.80 -23.31
CA ASP B 152 12.27 -1.36 -23.37
C ASP B 152 11.59 -0.53 -22.29
N TYR B 153 12.17 -0.52 -21.09
CA TYR B 153 11.58 0.25 -19.99
C TYR B 153 12.60 1.20 -19.41
N PHE B 154 12.08 2.14 -18.64
CA PHE B 154 12.90 3.10 -17.92
C PHE B 154 12.03 3.84 -16.91
N PRO B 155 12.51 4.06 -15.67
CA PRO B 155 13.83 3.78 -15.12
C PRO B 155 13.93 2.35 -14.61
N GLU B 156 14.90 2.03 -13.72
CA GLU B 156 15.40 0.65 -13.65
C GLU B 156 14.51 -0.35 -12.91
N PRO B 157 14.01 -0.10 -11.70
CA PRO B 157 13.42 -1.25 -10.97
C PRO B 157 12.21 -1.86 -11.69
N VAL B 158 12.33 -3.11 -12.14
CA VAL B 158 11.22 -3.93 -12.61
C VAL B 158 11.30 -5.24 -11.82
N THR B 159 10.14 -5.78 -11.44
CA THR B 159 10.03 -7.03 -10.70
C THR B 159 9.42 -8.12 -11.58
N VAL B 160 9.91 -9.35 -11.42
CA VAL B 160 9.39 -10.52 -12.15
C VAL B 160 9.13 -11.66 -11.17
N SER B 161 7.89 -12.15 -11.13
CA SER B 161 7.53 -13.37 -10.42
C SER B 161 7.15 -14.45 -11.44
N TRP B 162 6.80 -15.64 -10.95
CA TRP B 162 6.36 -16.70 -11.85
C TRP B 162 5.19 -17.43 -11.21
N ASN B 163 4.07 -17.51 -11.95
CA ASN B 163 2.87 -18.14 -11.42
C ASN B 163 2.42 -17.45 -10.15
N SER B 164 2.46 -16.12 -10.17
CA SER B 164 2.11 -15.30 -9.02
C SER B 164 2.90 -15.71 -7.77
N GLY B 165 4.19 -16.03 -7.97
CA GLY B 165 5.08 -16.41 -6.90
C GLY B 165 5.16 -17.90 -6.60
N ALA B 166 4.25 -18.69 -7.15
CA ALA B 166 4.20 -20.12 -6.84
C ALA B 166 5.45 -20.83 -7.34
N LEU B 167 5.86 -20.56 -8.59
CA LEU B 167 7.03 -21.17 -9.20
C LEU B 167 8.26 -20.38 -8.79
N THR B 168 9.05 -20.93 -7.87
CA THR B 168 10.25 -20.27 -7.35
C THR B 168 11.53 -20.98 -7.75
N SER B 169 11.58 -22.30 -7.57
CA SER B 169 12.80 -23.05 -7.83
C SER B 169 13.10 -23.11 -9.32
N GLY B 170 14.35 -22.82 -9.69
CA GLY B 170 14.74 -22.87 -11.08
C GLY B 170 14.58 -21.57 -11.83
N VAL B 171 14.31 -20.47 -11.13
CA VAL B 171 14.12 -19.17 -11.77
C VAL B 171 15.45 -18.42 -11.75
N HIS B 172 15.72 -17.72 -12.85
CA HIS B 172 16.89 -16.86 -13.00
C HIS B 172 16.41 -15.55 -13.65
N THR B 173 16.33 -14.47 -12.88
CA THR B 173 16.04 -13.16 -13.45
C THR B 173 17.35 -12.38 -13.57
N PHE B 174 17.67 -12.00 -14.73
CA PHE B 174 18.99 -11.45 -14.98
C PHE B 174 19.01 -9.96 -14.67
N PRO B 175 20.19 -9.44 -14.35
CA PRO B 175 20.34 -7.98 -14.26
C PRO B 175 19.99 -7.31 -15.58
N ALA B 176 19.23 -6.21 -15.51
CA ALA B 176 18.92 -5.46 -16.72
C ALA B 176 20.19 -4.91 -17.36
N VAL B 177 20.14 -4.72 -18.66
CA VAL B 177 21.25 -4.12 -19.40
C VAL B 177 20.72 -2.85 -20.07
N LEU B 178 21.57 -1.84 -20.18
CA LEU B 178 21.18 -0.59 -20.81
C LEU B 178 21.49 -0.63 -22.30
N GLN B 179 20.47 -0.47 -23.13
CA GLN B 179 20.68 -0.50 -24.58
C GLN B 179 21.01 0.88 -25.12
N SER B 180 21.60 0.91 -26.33
CA SER B 180 21.97 2.20 -26.88
C SER B 180 20.83 3.21 -26.90
N SER B 181 19.58 2.76 -26.83
CA SER B 181 18.47 3.69 -26.78
C SER B 181 18.28 4.34 -25.41
N GLY B 182 19.03 3.90 -24.41
CA GLY B 182 18.80 4.43 -23.09
C GLY B 182 17.66 3.80 -22.35
N LEU B 183 17.00 2.81 -22.95
CA LEU B 183 15.99 2.02 -22.27
C LEU B 183 16.65 0.73 -21.81
N TYR B 184 16.12 0.16 -20.74
CA TYR B 184 16.64 -1.07 -20.18
C TYR B 184 15.96 -2.26 -20.81
N SER B 185 16.62 -3.41 -20.70
CA SER B 185 16.08 -4.70 -21.08
C SER B 185 16.64 -5.75 -20.12
N LEU B 186 15.78 -6.62 -19.62
CA LEU B 186 16.20 -7.79 -18.87
C LEU B 186 15.42 -9.01 -19.36
N SER B 187 15.83 -10.19 -18.88
CA SER B 187 15.12 -11.42 -19.18
C SER B 187 15.08 -12.28 -17.90
N SER B 188 14.04 -13.10 -17.78
CA SER B 188 13.87 -14.01 -16.66
C SER B 188 13.49 -15.37 -17.21
N VAL B 189 14.21 -16.41 -16.80
CA VAL B 189 14.03 -17.74 -17.38
C VAL B 189 13.81 -18.74 -16.26
N VAL B 190 13.30 -19.91 -16.63
CA VAL B 190 13.06 -20.95 -15.64
C VAL B 190 13.13 -22.30 -16.33
N THR B 191 13.75 -23.28 -15.66
CA THR B 191 13.83 -24.65 -16.13
C THR B 191 12.70 -25.43 -15.51
N VAL B 192 12.03 -26.21 -16.33
CA VAL B 192 10.85 -26.98 -15.97
C VAL B 192 11.02 -28.43 -16.38
N PRO B 193 10.23 -29.32 -15.79
CA PRO B 193 10.25 -30.69 -16.26
C PRO B 193 10.18 -30.80 -17.77
N SER B 194 11.18 -31.50 -18.35
CA SER B 194 11.08 -31.81 -19.77
C SER B 194 9.71 -32.43 -20.02
N SER B 195 9.25 -33.28 -19.10
CA SER B 195 7.95 -33.94 -19.17
C SER B 195 6.73 -33.03 -19.19
N SER B 196 6.38 -32.43 -18.05
CA SER B 196 5.14 -31.66 -17.95
C SER B 196 5.37 -30.25 -18.45
N LEU B 197 5.27 -30.08 -19.77
CA LEU B 197 5.47 -28.78 -20.39
C LEU B 197 4.15 -28.21 -20.87
N GLY B 198 3.46 -28.92 -21.77
CA GLY B 198 2.23 -28.49 -22.42
C GLY B 198 1.00 -28.73 -21.58
N THR B 199 1.19 -29.14 -20.32
CA THR B 199 0.14 -29.29 -19.32
C THR B 199 0.26 -28.31 -18.15
N GLN B 200 1.46 -27.82 -17.86
CA GLN B 200 1.66 -26.83 -16.81
C GLN B 200 1.60 -25.44 -17.42
N THR B 201 0.72 -24.62 -16.90
CA THR B 201 0.57 -23.26 -17.39
C THR B 201 1.59 -22.37 -16.66
N TYR B 202 2.30 -21.53 -17.42
CA TYR B 202 3.36 -20.67 -16.91
C TYR B 202 3.04 -19.22 -17.19
N ILE B 203 3.01 -18.40 -16.13
CA ILE B 203 2.68 -16.99 -16.16
C ILE B 203 3.89 -16.19 -15.72
N CYS B 204 4.01 -14.98 -16.27
CA CYS B 204 5.16 -14.12 -15.99
C CYS B 204 4.98 -13.16 -14.81
N ASN B 205 4.00 -12.26 -14.86
CA ASN B 205 3.87 -11.24 -13.79
C ASN B 205 5.09 -10.32 -13.73
N VAL B 206 5.16 -9.42 -14.71
CA VAL B 206 6.13 -8.34 -14.75
C VAL B 206 5.51 -7.11 -14.11
N ASN B 207 6.30 -6.40 -13.31
CA ASN B 207 5.81 -5.22 -12.61
C ASN B 207 6.81 -4.09 -12.77
N HIS B 208 6.33 -2.95 -13.27
CA HIS B 208 7.16 -1.77 -13.39
C HIS B 208 6.41 -0.64 -12.67
N LYS B 209 6.72 -0.47 -11.37
CA LYS B 209 6.03 0.52 -10.52
C LYS B 209 6.15 1.94 -11.04
N PRO B 210 7.31 2.45 -11.42
CA PRO B 210 7.30 3.71 -12.17
C PRO B 210 6.56 3.43 -13.47
N SER B 211 5.67 4.31 -13.83
CA SER B 211 4.81 4.07 -15.01
C SER B 211 3.64 3.12 -14.72
N ASN B 212 3.56 2.51 -13.53
CA ASN B 212 2.34 1.84 -13.11
C ASN B 212 1.91 0.76 -14.09
N THR B 213 2.87 -0.07 -14.47
CA THR B 213 2.70 -1.16 -15.43
C THR B 213 2.68 -2.48 -14.68
N LYS B 214 1.73 -3.35 -15.03
CA LYS B 214 1.63 -4.69 -14.46
C LYS B 214 1.09 -5.61 -15.56
N VAL B 215 1.98 -6.42 -16.15
CA VAL B 215 1.67 -7.29 -17.29
C VAL B 215 1.80 -8.74 -16.85
N ASP B 216 0.90 -9.59 -17.33
CA ASP B 216 0.98 -11.02 -17.10
C ASP B 216 1.05 -11.70 -18.47
N LYS B 217 2.16 -12.34 -18.77
CA LYS B 217 2.34 -13.01 -20.05
C LYS B 217 2.41 -14.52 -19.84
N LYS B 218 1.66 -15.26 -20.66
CA LYS B 218 1.68 -16.72 -20.66
C LYS B 218 2.73 -17.22 -21.65
N VAL B 219 3.39 -18.33 -21.31
CA VAL B 219 4.46 -18.92 -22.11
C VAL B 219 4.06 -20.33 -22.54
N GLU B 220 4.19 -20.61 -23.84
CA GLU B 220 3.81 -21.90 -24.41
C GLU B 220 4.56 -22.06 -25.71
N PRO B 221 4.56 -23.26 -26.31
CA PRO B 221 5.38 -23.41 -27.52
C PRO B 221 4.79 -22.79 -28.78
N GLN C 1 -31.60 -55.15 -31.78
CA GLN C 1 -31.66 -54.56 -33.11
C GLN C 1 -30.75 -53.34 -33.21
N VAL C 2 -30.68 -52.53 -32.15
CA VAL C 2 -29.87 -51.31 -32.20
C VAL C 2 -28.41 -51.66 -32.36
N GLN C 3 -27.72 -50.97 -33.26
CA GLN C 3 -26.35 -51.35 -33.59
C GLN C 3 -25.54 -50.12 -33.96
N LEU C 4 -24.33 -50.03 -33.43
CA LEU C 4 -23.45 -48.89 -33.65
C LEU C 4 -22.11 -49.46 -34.06
N VAL C 5 -21.69 -49.20 -35.29
CA VAL C 5 -20.46 -49.73 -35.86
C VAL C 5 -19.60 -48.55 -36.25
N GLN C 6 -18.47 -48.40 -35.58
CA GLN C 6 -17.57 -47.27 -35.75
C GLN C 6 -16.44 -47.60 -36.71
N SER C 7 -15.79 -46.55 -37.18
CA SER C 7 -14.66 -46.73 -38.06
C SER C 7 -13.51 -47.40 -37.30
N GLY C 8 -12.59 -48.01 -38.06
CA GLY C 8 -11.52 -48.76 -37.49
C GLY C 8 -10.53 -47.87 -36.75
N PRO C 9 -9.54 -48.50 -36.10
CA PRO C 9 -8.52 -47.75 -35.38
C PRO C 9 -7.66 -46.93 -36.33
N ASP C 10 -7.14 -45.82 -35.81
CA ASP C 10 -6.41 -44.84 -36.61
C ASP C 10 -5.20 -44.32 -35.85
N VAL C 11 -4.20 -43.88 -36.60
CA VAL C 11 -3.01 -43.26 -36.02
C VAL C 11 -2.80 -41.91 -36.70
N ARG C 12 -2.67 -40.84 -35.89
CA ARG C 12 -2.53 -39.49 -36.44
C ARG C 12 -1.30 -38.79 -35.86
N LYS C 13 -0.63 -37.99 -36.70
CA LYS C 13 0.56 -37.26 -36.26
C LYS C 13 0.17 -36.13 -35.30
N PRO C 14 1.08 -35.76 -34.40
CA PRO C 14 0.76 -34.64 -33.51
C PRO C 14 0.50 -33.37 -34.33
N GLY C 15 -0.58 -32.68 -33.98
CA GLY C 15 -1.02 -31.48 -34.66
C GLY C 15 -2.04 -31.69 -35.76
N ALA C 16 -2.38 -32.94 -36.09
CA ALA C 16 -3.28 -33.25 -37.20
C ALA C 16 -4.73 -33.30 -36.74
N THR C 17 -5.62 -33.62 -37.68
CA THR C 17 -7.02 -33.82 -37.40
C THR C 17 -7.36 -35.29 -37.56
N VAL C 18 -8.30 -35.76 -36.73
CA VAL C 18 -8.83 -37.11 -36.84
C VAL C 18 -10.32 -37.03 -37.17
N LYS C 19 -10.78 -37.93 -38.02
CA LYS C 19 -12.19 -38.08 -38.33
C LYS C 19 -12.60 -39.49 -37.95
N VAL C 20 -13.53 -39.61 -37.02
CA VAL C 20 -14.06 -40.91 -36.59
C VAL C 20 -15.53 -40.94 -36.98
N SER C 21 -15.98 -42.10 -37.48
CA SER C 21 -17.37 -42.23 -37.90
C SER C 21 -18.04 -43.38 -37.15
N CYS C 22 -19.36 -43.28 -37.05
CA CYS C 22 -20.23 -44.23 -36.35
C CYS C 22 -21.50 -44.40 -37.17
N GLN C 23 -21.73 -45.58 -37.71
CA GLN C 23 -22.95 -45.83 -38.44
C GLN C 23 -23.92 -46.55 -37.52
N THR C 24 -25.10 -45.96 -37.28
CA THR C 24 -26.13 -46.58 -36.46
C THR C 24 -27.16 -47.33 -37.33
N SER C 25 -27.89 -48.25 -36.70
CA SER C 25 -28.92 -48.94 -37.47
C SER C 25 -29.83 -49.67 -36.50
N GLY C 26 -30.99 -50.10 -37.01
CA GLY C 26 -31.96 -50.86 -36.24
C GLY C 26 -32.97 -50.07 -35.45
N TYR C 27 -32.97 -48.74 -35.59
CA TYR C 27 -33.94 -47.88 -34.92
C TYR C 27 -34.12 -46.63 -35.78
N ARG C 28 -35.09 -45.78 -35.41
CA ARG C 28 -35.37 -44.55 -36.15
C ARG C 28 -34.27 -43.55 -35.82
N PHE C 29 -33.31 -43.41 -36.75
CA PHE C 29 -32.15 -42.54 -36.59
C PHE C 29 -32.44 -41.19 -35.92
N THR C 30 -33.45 -40.45 -36.40
CA THR C 30 -33.62 -39.08 -35.91
C THR C 30 -34.35 -38.96 -34.58
N ASP C 31 -34.73 -40.06 -33.92
CA ASP C 31 -35.41 -40.01 -32.63
C ASP C 31 -34.48 -39.91 -31.41
N TYR C 32 -33.17 -40.07 -31.57
CA TYR C 32 -32.28 -40.02 -30.41
C TYR C 32 -30.99 -39.31 -30.72
N GLU C 33 -30.55 -38.49 -29.78
CA GLU C 33 -29.26 -37.83 -29.96
C GLU C 33 -28.14 -38.85 -29.86
N MET C 34 -27.05 -38.56 -30.54
CA MET C 34 -25.85 -39.39 -30.49
C MET C 34 -24.76 -38.64 -29.73
N ASN C 35 -24.01 -39.36 -28.89
CA ASN C 35 -22.93 -38.77 -28.11
C ASN C 35 -21.60 -39.44 -28.41
N TRP C 36 -20.52 -38.69 -28.20
CA TRP C 36 -19.16 -39.23 -28.30
C TRP C 36 -18.49 -39.17 -26.93
N VAL C 37 -17.85 -40.27 -26.53
CA VAL C 37 -17.13 -40.43 -25.27
C VAL C 37 -15.79 -41.09 -25.57
N ARG C 38 -14.73 -40.60 -24.95
CA ARG C 38 -13.45 -41.23 -25.14
C ARG C 38 -12.90 -41.69 -23.79
N GLN C 39 -11.93 -42.61 -23.85
CA GLN C 39 -11.30 -43.17 -22.66
C GLN C 39 -9.81 -43.38 -22.92
N ALA C 40 -8.97 -42.55 -22.31
CA ALA C 40 -7.53 -42.73 -22.45
C ALA C 40 -7.11 -44.06 -21.83
N PRO C 41 -6.12 -44.77 -22.42
CA PRO C 41 -5.77 -46.13 -21.92
C PRO C 41 -5.62 -46.19 -20.41
N GLY C 42 -6.42 -47.03 -19.76
CA GLY C 42 -6.39 -47.19 -18.31
C GLY C 42 -7.03 -46.07 -17.53
N GLN C 43 -7.91 -45.26 -18.15
CA GLN C 43 -8.45 -44.08 -17.51
C GLN C 43 -9.98 -44.14 -17.49
N GLY C 44 -10.60 -43.04 -17.08
CA GLY C 44 -12.04 -42.95 -16.99
C GLY C 44 -12.70 -42.56 -18.30
N LEU C 45 -14.03 -42.50 -18.25
CA LEU C 45 -14.82 -42.01 -19.36
C LEU C 45 -14.82 -40.50 -19.35
N GLU C 46 -14.74 -39.91 -20.54
CA GLU C 46 -14.76 -38.46 -20.72
C GLU C 46 -15.74 -38.12 -21.83
N TRP C 47 -16.82 -37.41 -21.45
CA TRP C 47 -17.80 -37.00 -22.43
C TRP C 47 -17.20 -35.94 -23.35
N ILE C 48 -17.40 -36.09 -24.66
CA ILE C 48 -16.89 -35.12 -25.63
C ILE C 48 -18.00 -34.16 -26.05
N GLY C 49 -19.12 -34.71 -26.50
CA GLY C 49 -20.23 -33.90 -26.93
C GLY C 49 -21.31 -34.75 -27.56
N LEU C 50 -22.27 -34.06 -28.19
CA LEU C 50 -23.43 -34.71 -28.79
C LEU C 50 -23.90 -33.95 -30.02
N ILE C 51 -24.57 -34.69 -30.91
CA ILE C 51 -25.28 -34.16 -32.06
C ILE C 51 -26.69 -34.75 -32.08
N ASN C 52 -27.65 -33.92 -32.43
CA ASN C 52 -29.03 -34.32 -32.60
C ASN C 52 -29.28 -34.58 -34.09
N PRO C 53 -29.52 -35.81 -34.52
CA PRO C 53 -29.71 -36.05 -35.96
C PRO C 53 -30.98 -35.42 -36.52
N HIS C 54 -31.99 -35.16 -35.72
CA HIS C 54 -33.19 -34.54 -36.27
C HIS C 54 -32.95 -33.05 -36.56
N SER C 55 -32.14 -32.37 -35.75
CA SER C 55 -31.92 -30.93 -35.91
C SER C 55 -30.50 -30.56 -36.34
N GLY C 56 -29.55 -31.47 -36.19
CA GLY C 56 -28.17 -31.11 -36.43
C GLY C 56 -27.58 -30.22 -35.35
N ASP C 57 -28.32 -29.99 -34.26
CA ASP C 57 -27.84 -29.17 -33.16
C ASP C 57 -26.75 -29.91 -32.36
N THR C 58 -25.79 -29.17 -31.83
CA THR C 58 -24.67 -29.81 -31.14
C THR C 58 -24.43 -29.22 -29.77
N ALA C 59 -23.89 -30.07 -28.89
CA ALA C 59 -23.39 -29.66 -27.59
C ALA C 59 -22.06 -30.34 -27.34
N TYR C 60 -21.04 -29.51 -27.06
CA TYR C 60 -19.67 -29.95 -26.85
C TYR C 60 -19.23 -29.66 -25.43
N ALA C 61 -18.36 -30.52 -24.89
CA ALA C 61 -17.74 -30.22 -23.60
C ALA C 61 -16.78 -29.04 -23.72
N GLN C 62 -16.77 -28.17 -22.70
CA GLN C 62 -15.94 -26.98 -22.77
C GLN C 62 -14.48 -27.30 -23.08
N LYS C 63 -14.00 -28.45 -22.64
CA LYS C 63 -12.63 -28.83 -22.90
C LYS C 63 -12.34 -28.83 -24.40
N PHE C 64 -13.31 -29.22 -25.21
CA PHE C 64 -13.10 -29.43 -26.62
C PHE C 64 -13.66 -28.31 -27.50
N GLN C 65 -14.33 -27.34 -26.91
CA GLN C 65 -14.80 -26.20 -27.67
C GLN C 65 -13.68 -25.58 -28.50
N GLY C 66 -13.88 -25.51 -29.82
CA GLY C 66 -12.92 -24.92 -30.72
C GLY C 66 -12.05 -25.91 -31.46
N ARG C 67 -12.05 -27.18 -31.08
CA ARG C 67 -11.27 -28.23 -31.73
C ARG C 67 -12.11 -29.38 -32.21
N VAL C 68 -13.39 -29.42 -31.90
CA VAL C 68 -14.22 -30.57 -32.21
C VAL C 68 -15.39 -30.13 -33.10
N THR C 69 -15.73 -31.00 -34.05
CA THR C 69 -16.92 -30.87 -34.88
C THR C 69 -17.63 -32.20 -34.96
N MET C 70 -18.96 -32.14 -34.88
CA MET C 70 -19.80 -33.30 -35.13
C MET C 70 -20.79 -32.97 -36.24
N THR C 71 -21.00 -33.93 -37.14
CA THR C 71 -22.04 -33.75 -38.15
C THR C 71 -22.82 -35.04 -38.21
N SER C 72 -23.96 -34.97 -38.88
CA SER C 72 -24.89 -36.09 -38.91
C SER C 72 -25.50 -36.21 -40.29
N ASP C 73 -25.59 -37.43 -40.77
CA ASP C 73 -26.01 -37.67 -42.15
C ASP C 73 -27.12 -38.72 -42.18
N THR C 74 -28.33 -38.27 -42.52
CA THR C 74 -29.49 -39.15 -42.49
C THR C 74 -29.51 -40.14 -43.66
N SER C 75 -28.72 -39.93 -44.72
CA SER C 75 -28.78 -40.88 -45.82
C SER C 75 -28.31 -42.28 -45.41
N ASP C 76 -27.38 -42.39 -44.46
CA ASP C 76 -26.90 -43.72 -44.06
C ASP C 76 -26.82 -43.87 -42.53
N SER C 77 -27.50 -42.99 -41.78
CA SER C 77 -27.69 -43.10 -40.34
C SER C 77 -26.37 -43.11 -39.57
N THR C 78 -25.45 -42.26 -39.98
CA THR C 78 -24.12 -42.26 -39.39
C THR C 78 -23.78 -40.86 -38.90
N VAL C 79 -23.11 -40.80 -37.74
CA VAL C 79 -22.61 -39.54 -37.21
C VAL C 79 -21.08 -39.52 -37.26
N TYR C 80 -20.52 -38.32 -37.18
CA TYR C 80 -19.09 -38.14 -37.36
C TYR C 80 -18.53 -37.30 -36.22
N LEU C 81 -17.33 -37.66 -35.79
CA LEU C 81 -16.57 -36.86 -34.85
C LEU C 81 -15.31 -36.36 -35.55
N GLU C 82 -15.00 -35.08 -35.42
CA GLU C 82 -13.76 -34.55 -35.98
C GLU C 82 -13.06 -33.71 -34.90
N LEU C 83 -11.85 -34.12 -34.54
CA LEU C 83 -11.08 -33.50 -33.48
C LEU C 83 -9.74 -33.04 -34.05
N SER C 84 -9.40 -31.77 -33.85
CA SER C 84 -8.17 -31.24 -34.45
C SER C 84 -7.17 -30.85 -33.36
N GLY C 85 -5.98 -30.44 -33.82
CA GLY C 85 -4.91 -30.05 -32.94
C GLY C 85 -4.57 -31.18 -31.99
N LEU C 86 -4.36 -32.38 -32.53
CA LEU C 86 -4.17 -33.55 -31.68
C LEU C 86 -2.83 -33.46 -30.97
N THR C 87 -2.81 -33.97 -29.76
CA THR C 87 -1.64 -34.19 -28.93
C THR C 87 -1.72 -35.59 -28.32
N PRO C 88 -0.59 -36.09 -27.81
CA PRO C 88 -0.62 -37.42 -27.17
C PRO C 88 -1.66 -37.53 -26.06
N ASP C 89 -2.09 -36.40 -25.50
CA ASP C 89 -3.18 -36.47 -24.53
C ASP C 89 -4.48 -36.91 -25.17
N ASP C 90 -4.54 -36.93 -26.51
CA ASP C 90 -5.76 -37.31 -27.20
C ASP C 90 -5.77 -38.77 -27.58
N THR C 91 -4.68 -39.50 -27.32
CA THR C 91 -4.71 -40.93 -27.54
C THR C 91 -5.75 -41.56 -26.63
N ALA C 92 -6.65 -42.34 -27.24
CA ALA C 92 -7.82 -42.87 -26.54
C ALA C 92 -8.61 -43.80 -27.45
N VAL C 93 -9.51 -44.53 -26.82
CA VAL C 93 -10.57 -45.25 -27.51
C VAL C 93 -11.75 -44.30 -27.62
N TYR C 94 -12.27 -44.10 -28.81
CA TYR C 94 -13.38 -43.17 -29.03
C TYR C 94 -14.64 -43.97 -29.23
N TYR C 95 -15.67 -43.67 -28.44
CA TYR C 95 -16.94 -44.36 -28.45
C TYR C 95 -18.05 -43.42 -28.92
N CYS C 96 -18.93 -43.95 -29.75
CA CYS C 96 -20.22 -43.32 -29.91
C CYS C 96 -21.20 -44.00 -28.97
N ALA C 97 -22.11 -43.22 -28.41
CA ALA C 97 -23.12 -43.78 -27.55
C ALA C 97 -24.49 -43.26 -27.97
N ARG C 98 -25.46 -44.16 -27.97
CA ARG C 98 -26.82 -43.80 -28.33
C ARG C 98 -27.57 -43.38 -27.07
N SER C 99 -28.11 -42.17 -27.09
CA SER C 99 -28.79 -41.64 -25.90
C SER C 99 -30.19 -42.21 -25.78
N GLN C 100 -30.75 -42.11 -24.57
CA GLN C 100 -32.06 -42.64 -24.20
C GLN C 100 -32.65 -41.75 -23.11
N GLY C 101 -33.96 -41.59 -23.14
CA GLY C 101 -34.63 -40.78 -22.13
C GLY C 101 -35.11 -39.44 -22.69
N THR C 102 -36.04 -38.83 -21.96
CA THR C 102 -36.49 -37.48 -22.29
C THR C 102 -36.48 -36.60 -21.03
N PHE C 103 -36.62 -35.30 -21.27
CA PHE C 103 -36.66 -34.26 -20.25
C PHE C 103 -35.39 -34.27 -19.41
N GLU C 104 -35.47 -34.65 -18.13
CA GLU C 104 -34.29 -34.66 -17.26
C GLU C 104 -33.56 -36.01 -17.25
N VAL C 105 -34.05 -36.99 -18.01
CA VAL C 105 -33.46 -38.33 -18.12
C VAL C 105 -32.64 -38.40 -19.41
N TYR C 106 -31.33 -38.66 -19.26
CA TYR C 106 -30.42 -38.72 -20.40
C TYR C 106 -29.27 -39.67 -20.05
N TYR C 107 -29.30 -40.88 -20.60
CA TYR C 107 -28.26 -41.87 -20.36
C TYR C 107 -27.96 -42.58 -21.67
N PHE C 108 -27.09 -43.58 -21.62
CA PHE C 108 -26.58 -44.27 -22.79
C PHE C 108 -27.00 -45.73 -22.78
N VAL C 109 -27.74 -46.11 -23.81
CA VAL C 109 -28.42 -47.39 -23.87
C VAL C 109 -27.72 -48.35 -24.81
N SER C 110 -26.82 -47.84 -25.66
CA SER C 110 -26.06 -48.68 -26.58
C SER C 110 -24.76 -47.96 -26.94
N TRP C 111 -23.72 -48.74 -27.24
CA TRP C 111 -22.42 -48.17 -27.55
C TRP C 111 -21.85 -48.80 -28.80
N GLY C 112 -21.01 -48.06 -29.49
CA GLY C 112 -20.20 -48.64 -30.54
C GLY C 112 -19.03 -49.43 -29.96
N GLN C 113 -18.32 -50.15 -30.84
CA GLN C 113 -17.20 -50.93 -30.36
C GLN C 113 -16.00 -50.05 -29.98
N GLY C 114 -16.05 -48.76 -30.31
CA GLY C 114 -14.91 -47.91 -29.98
C GLY C 114 -13.90 -47.90 -31.11
N SER C 115 -13.18 -46.79 -31.20
CA SER C 115 -12.12 -46.63 -32.20
C SER C 115 -10.90 -46.07 -31.51
N LEU C 116 -9.83 -46.86 -31.43
CA LEU C 116 -8.61 -46.40 -30.76
C LEU C 116 -7.82 -45.51 -31.72
N VAL C 117 -7.62 -44.23 -31.36
CA VAL C 117 -6.79 -43.35 -32.17
C VAL C 117 -5.57 -42.98 -31.35
N THR C 118 -4.41 -43.21 -31.96
CA THR C 118 -3.10 -43.05 -31.34
C THR C 118 -2.43 -41.84 -31.97
N VAL C 119 -2.03 -40.88 -31.16
CA VAL C 119 -1.37 -39.68 -31.67
C VAL C 119 0.12 -39.90 -31.49
N SER C 120 0.83 -40.09 -32.61
CA SER C 120 2.24 -40.42 -32.55
C SER C 120 2.90 -40.07 -33.88
N SER C 121 4.13 -39.59 -33.81
CA SER C 121 4.88 -39.39 -35.03
C SER C 121 5.39 -40.72 -35.58
N ALA C 122 5.41 -41.75 -34.74
CA ALA C 122 5.92 -43.06 -35.14
C ALA C 122 5.01 -43.74 -36.18
N SER C 123 5.65 -44.57 -37.02
CA SER C 123 5.13 -45.27 -38.21
C SER C 123 4.58 -46.63 -37.80
N THR C 124 3.68 -47.12 -38.62
CA THR C 124 3.05 -48.38 -38.30
C THR C 124 4.02 -49.53 -38.52
N LYS C 125 3.96 -50.53 -37.65
CA LYS C 125 4.71 -51.75 -37.86
C LYS C 125 3.92 -52.96 -37.35
N GLY C 126 3.73 -53.94 -38.23
CA GLY C 126 3.12 -55.18 -37.84
C GLY C 126 4.03 -56.02 -36.95
N PRO C 127 3.43 -56.97 -36.23
CA PRO C 127 4.20 -57.77 -35.28
C PRO C 127 4.81 -59.03 -35.87
N SER C 128 5.83 -59.50 -35.17
CA SER C 128 6.37 -60.84 -35.32
C SER C 128 5.74 -61.71 -34.26
N VAL C 129 5.27 -62.89 -34.64
CA VAL C 129 4.61 -63.80 -33.71
C VAL C 129 5.51 -65.01 -33.55
N PHE C 130 5.97 -65.23 -32.34
CA PHE C 130 6.75 -66.40 -32.01
C PHE C 130 5.97 -67.30 -31.07
N PRO C 131 6.22 -68.59 -31.10
CA PRO C 131 5.48 -69.52 -30.24
C PRO C 131 6.06 -69.62 -28.84
N LEU C 132 5.19 -70.01 -27.90
CA LEU C 132 5.55 -70.43 -26.55
C LEU C 132 5.20 -71.91 -26.44
N ALA C 133 6.19 -72.77 -26.66
CA ALA C 133 5.87 -74.20 -26.69
C ALA C 133 5.92 -74.81 -25.29
N PRO C 134 5.02 -75.75 -24.99
CA PRO C 134 5.02 -76.44 -23.67
C PRO C 134 5.96 -77.63 -23.57
N SER C 135 6.56 -77.83 -22.39
CA SER C 135 7.44 -78.98 -22.16
C SER C 135 6.63 -80.20 -21.70
N SER C 136 7.29 -81.38 -21.71
CA SER C 136 6.69 -82.60 -21.16
C SER C 136 7.08 -82.80 -19.67
N THR C 143 -3.00 -79.78 -17.67
CA THR C 143 -2.14 -79.20 -16.63
C THR C 143 -0.85 -78.63 -17.25
N ALA C 144 -0.87 -78.37 -18.56
CA ALA C 144 0.26 -77.75 -19.25
C ALA C 144 -0.18 -76.42 -19.83
N ALA C 145 0.80 -75.58 -20.15
CA ALA C 145 0.55 -74.21 -20.60
C ALA C 145 1.31 -73.93 -21.89
N LEU C 146 0.72 -73.08 -22.74
CA LEU C 146 1.34 -72.71 -24.01
C LEU C 146 0.76 -71.37 -24.46
N GLY C 147 1.42 -70.74 -25.42
CA GLY C 147 0.90 -69.49 -25.93
C GLY C 147 1.71 -68.94 -27.08
N CYS C 148 1.37 -67.70 -27.45
CA CYS C 148 2.03 -66.94 -28.50
C CYS C 148 2.64 -65.67 -27.92
N LEU C 149 3.74 -65.24 -28.53
CA LEU C 149 4.40 -64.00 -28.16
C LEU C 149 4.32 -63.06 -29.36
N VAL C 150 3.55 -61.98 -29.20
CA VAL C 150 3.33 -61.00 -30.26
C VAL C 150 4.23 -59.81 -29.97
N LYS C 151 5.38 -59.75 -30.66
CA LYS C 151 6.46 -58.84 -30.32
C LYS C 151 6.63 -57.73 -31.36
N ASP C 152 6.91 -56.51 -30.87
CA ASP C 152 7.32 -55.36 -31.70
C ASP C 152 6.30 -54.95 -32.75
N TYR C 153 5.21 -54.35 -32.28
CA TYR C 153 4.19 -53.81 -33.17
C TYR C 153 3.82 -52.39 -32.75
N PHE C 154 3.13 -51.69 -33.64
CA PHE C 154 2.63 -50.33 -33.41
C PHE C 154 1.63 -49.97 -34.50
N PRO C 155 0.49 -49.34 -34.19
CA PRO C 155 0.05 -48.80 -32.91
C PRO C 155 -0.56 -49.88 -32.02
N GLU C 156 -1.34 -49.50 -31.02
CA GLU C 156 -1.55 -50.44 -29.91
C GLU C 156 -2.49 -51.59 -30.26
N PRO C 157 -3.67 -51.34 -30.87
CA PRO C 157 -4.68 -52.41 -30.91
C PRO C 157 -4.23 -53.65 -31.69
N VAL C 158 -4.04 -54.75 -30.97
CA VAL C 158 -3.80 -56.08 -31.53
C VAL C 158 -4.78 -57.05 -30.90
N THR C 159 -5.34 -57.95 -31.69
CA THR C 159 -6.23 -58.97 -31.16
C THR C 159 -5.57 -60.35 -31.27
N VAL C 160 -5.88 -61.22 -30.30
CA VAL C 160 -5.42 -62.59 -30.34
C VAL C 160 -6.58 -63.51 -29.99
N SER C 161 -6.91 -64.41 -30.92
CA SER C 161 -7.84 -65.51 -30.71
C SER C 161 -7.05 -66.83 -30.74
N TRP C 162 -7.72 -67.92 -30.41
CA TRP C 162 -7.10 -69.23 -30.42
C TRP C 162 -8.05 -70.19 -31.12
N ASN C 163 -7.57 -70.83 -32.18
CA ASN C 163 -8.38 -71.73 -32.98
C ASN C 163 -9.61 -71.00 -33.52
N SER C 164 -9.41 -69.75 -33.94
CA SER C 164 -10.45 -68.91 -34.54
C SER C 164 -11.69 -68.82 -33.66
N GLY C 165 -11.45 -68.68 -32.35
CA GLY C 165 -12.50 -68.57 -31.36
C GLY C 165 -12.91 -69.89 -30.71
N ALA C 166 -12.45 -71.04 -31.23
CA ALA C 166 -12.86 -72.33 -30.67
C ALA C 166 -12.32 -72.53 -29.26
N LEU C 167 -11.02 -72.28 -29.05
CA LEU C 167 -10.38 -72.49 -27.75
C LEU C 167 -10.62 -71.25 -26.91
N THR C 168 -11.58 -71.33 -25.99
CA THR C 168 -11.97 -70.18 -25.23
C THR C 168 -11.58 -70.26 -23.76
N SER C 169 -11.92 -71.37 -23.09
CA SER C 169 -11.66 -71.49 -21.66
C SER C 169 -10.17 -71.66 -21.39
N GLY C 170 -9.68 -70.91 -20.41
CA GLY C 170 -8.29 -71.01 -20.01
C GLY C 170 -7.34 -70.09 -20.74
N VAL C 171 -7.84 -69.13 -21.53
CA VAL C 171 -6.98 -68.22 -22.28
C VAL C 171 -6.76 -66.95 -21.48
N HIS C 172 -5.51 -66.47 -21.50
CA HIS C 172 -5.14 -65.21 -20.87
C HIS C 172 -4.25 -64.44 -21.85
N THR C 173 -4.79 -63.37 -22.39
CA THR C 173 -4.03 -62.45 -23.23
C THR C 173 -3.64 -61.26 -22.37
N PHE C 174 -2.37 -61.00 -22.30
CA PHE C 174 -1.98 -59.99 -21.33
C PHE C 174 -2.10 -58.60 -21.94
N PRO C 175 -2.27 -57.56 -21.12
CA PRO C 175 -2.17 -56.21 -21.66
C PRO C 175 -0.81 -56.00 -22.32
N ALA C 176 -0.84 -55.33 -23.46
CA ALA C 176 0.37 -55.05 -24.19
C ALA C 176 1.31 -54.22 -23.33
N VAL C 177 2.59 -54.29 -23.62
CA VAL C 177 3.58 -53.49 -22.93
C VAL C 177 4.30 -52.63 -23.97
N LEU C 178 4.64 -51.40 -23.58
CA LEU C 178 5.40 -50.50 -24.43
C LEU C 178 6.89 -50.72 -24.13
N GLN C 179 7.65 -51.12 -25.14
CA GLN C 179 9.07 -51.35 -24.93
C GLN C 179 9.86 -50.05 -25.14
N SER C 180 11.06 -50.02 -24.56
CA SER C 180 11.94 -48.84 -24.68
C SER C 180 12.18 -48.46 -26.14
N SER C 181 11.93 -49.39 -27.08
CA SER C 181 12.04 -49.11 -28.50
C SER C 181 10.86 -48.32 -29.04
N GLY C 182 9.81 -48.15 -28.25
CA GLY C 182 8.58 -47.55 -28.75
C GLY C 182 7.66 -48.52 -29.45
N LEU C 183 8.04 -49.79 -29.54
CA LEU C 183 7.19 -50.85 -30.08
C LEU C 183 6.51 -51.60 -28.94
N TYR C 184 5.33 -52.13 -29.23
CA TYR C 184 4.57 -52.86 -28.24
C TYR C 184 4.88 -54.36 -28.31
N SER C 185 4.62 -55.05 -27.20
CA SER C 185 4.77 -56.50 -27.15
C SER C 185 3.79 -57.05 -26.14
N LEU C 186 3.05 -58.10 -26.53
CA LEU C 186 2.21 -58.82 -25.57
C LEU C 186 2.40 -60.33 -25.74
N SER C 187 1.75 -61.06 -24.85
CA SER C 187 1.74 -62.50 -24.93
C SER C 187 0.34 -62.99 -24.57
N SER C 188 -0.01 -64.12 -25.17
CA SER C 188 -1.28 -64.80 -24.95
C SER C 188 -0.96 -66.26 -24.66
N VAL C 189 -1.53 -66.78 -23.58
CA VAL C 189 -1.26 -68.14 -23.13
C VAL C 189 -2.59 -68.85 -22.88
N VAL C 190 -2.52 -70.18 -22.80
CA VAL C 190 -3.70 -70.99 -22.57
C VAL C 190 -3.27 -72.24 -21.81
N THR C 191 -4.07 -72.62 -20.83
CA THR C 191 -3.86 -73.86 -20.10
C THR C 191 -4.71 -74.94 -20.74
N VAL C 192 -4.06 -76.05 -21.03
CA VAL C 192 -4.63 -77.18 -21.74
C VAL C 192 -4.17 -78.49 -21.07
N PRO C 193 -4.94 -79.56 -21.25
CA PRO C 193 -4.53 -80.86 -20.69
C PRO C 193 -3.14 -81.33 -21.09
N SER C 194 -2.35 -81.77 -20.10
CA SER C 194 -1.00 -82.28 -20.37
C SER C 194 -0.98 -83.31 -21.50
N SER C 195 -2.04 -84.12 -21.66
CA SER C 195 -2.04 -85.09 -22.75
C SER C 195 -1.83 -84.43 -24.12
N SER C 196 -2.04 -83.12 -24.24
CA SER C 196 -1.82 -82.40 -25.49
C SER C 196 -2.61 -82.91 -26.70
N LEU C 197 -3.92 -82.66 -26.70
CA LEU C 197 -4.81 -82.99 -27.80
C LEU C 197 -5.30 -81.70 -28.46
N GLY C 198 -6.05 -81.85 -29.54
CA GLY C 198 -6.33 -80.72 -30.40
C GLY C 198 -5.17 -80.36 -31.28
N THR C 199 -4.11 -81.18 -31.24
CA THR C 199 -2.97 -81.17 -32.14
C THR C 199 -2.97 -82.51 -32.88
N TYR C 202 -2.91 -76.63 -32.12
CA TYR C 202 -3.17 -75.30 -31.56
C TYR C 202 -2.60 -74.19 -32.41
N ILE C 203 -3.46 -73.29 -32.87
CA ILE C 203 -3.05 -72.11 -33.63
C ILE C 203 -3.57 -70.88 -32.90
N CYS C 204 -2.74 -69.85 -32.81
CA CYS C 204 -3.21 -68.57 -32.28
C CYS C 204 -3.44 -67.63 -33.46
N ASN C 205 -4.44 -66.77 -33.34
CA ASN C 205 -4.92 -65.92 -34.42
C ASN C 205 -4.61 -64.46 -34.09
N VAL C 206 -3.41 -64.03 -34.45
CA VAL C 206 -2.99 -62.66 -34.20
C VAL C 206 -3.41 -61.77 -35.37
N ASN C 207 -3.99 -60.61 -35.05
CA ASN C 207 -4.51 -59.66 -36.02
C ASN C 207 -4.13 -58.24 -35.61
N HIS C 208 -3.53 -57.49 -36.54
CA HIS C 208 -3.12 -56.10 -36.32
C HIS C 208 -3.78 -55.24 -37.41
N LYS C 209 -4.93 -54.65 -37.09
CA LYS C 209 -5.70 -53.92 -38.10
C LYS C 209 -4.90 -52.82 -38.77
N PRO C 210 -4.27 -51.89 -38.05
CA PRO C 210 -3.29 -51.00 -38.70
C PRO C 210 -2.10 -51.83 -39.14
N SER C 211 -1.58 -51.56 -40.33
CA SER C 211 -0.51 -52.33 -40.95
C SER C 211 -1.06 -53.61 -41.55
N ASN C 212 -2.36 -53.89 -41.42
CA ASN C 212 -3.02 -54.93 -42.19
C ASN C 212 -2.32 -56.27 -42.04
N THR C 213 -2.03 -56.63 -40.80
CA THR C 213 -1.30 -57.85 -40.50
C THR C 213 -2.27 -58.90 -39.94
N LYS C 214 -2.13 -60.12 -40.44
CA LYS C 214 -2.96 -61.26 -40.02
C LYS C 214 -2.07 -62.49 -40.04
N VAL C 215 -1.64 -62.93 -38.87
CA VAL C 215 -0.73 -64.07 -38.76
C VAL C 215 -1.42 -65.20 -38.02
N ASP C 216 -1.28 -66.41 -38.54
CA ASP C 216 -1.77 -67.65 -37.91
C ASP C 216 -0.56 -68.52 -37.69
N LYS C 217 -0.18 -68.72 -36.43
CA LYS C 217 0.98 -69.51 -36.06
C LYS C 217 0.52 -70.77 -35.32
N LYS C 218 1.08 -71.91 -35.70
CA LYS C 218 0.80 -73.16 -35.00
C LYS C 218 1.79 -73.32 -33.86
N VAL C 219 1.31 -73.84 -32.75
CA VAL C 219 2.12 -74.04 -31.55
C VAL C 219 2.15 -75.53 -31.24
N GLU C 220 3.35 -76.07 -31.01
CA GLU C 220 3.51 -77.48 -30.68
C GLU C 220 4.82 -77.66 -29.94
N PRO C 221 4.99 -78.78 -29.23
CA PRO C 221 6.21 -78.98 -28.43
C PRO C 221 7.36 -79.48 -29.28
N LYS C 222 8.44 -79.90 -28.61
CA LYS C 222 9.57 -80.62 -29.21
C LYS C 222 10.11 -79.96 -30.48
N MET D 1 15.50 24.30 25.18
CA MET D 1 16.86 24.75 25.53
C MET D 1 17.85 23.62 25.23
N SER D 2 19.14 23.94 25.11
CA SER D 2 20.13 22.93 24.82
C SER D 2 20.33 21.97 25.99
N CYS D 3 20.90 20.80 25.71
CA CYS D 3 21.27 19.87 26.78
C CYS D 3 22.38 20.48 27.63
N GLU D 4 23.31 21.19 27.00
CA GLU D 4 24.32 21.94 27.74
C GLU D 4 23.66 22.68 28.91
N ARG D 5 22.65 23.52 28.62
CA ARG D 5 22.02 24.31 29.66
C ARG D 5 21.17 23.46 30.60
N GLN D 6 20.52 22.44 30.07
CA GLN D 6 19.66 21.61 30.90
C GLN D 6 20.44 20.85 31.97
N VAL D 7 21.59 20.27 31.60
CA VAL D 7 22.34 19.45 32.54
C VAL D 7 23.01 20.31 33.59
N ASP D 8 23.53 21.47 33.19
CA ASP D 8 24.29 22.30 34.12
C ASP D 8 23.38 22.89 35.19
N ARG D 9 22.10 22.99 34.89
CA ARG D 9 21.11 23.57 35.77
C ARG D 9 20.75 22.62 36.91
N VAL D 10 21.16 21.38 36.81
CA VAL D 10 20.76 20.33 37.74
C VAL D 10 21.89 20.06 38.73
N ASN D 11 21.53 19.51 39.90
CA ASN D 11 22.50 19.16 40.93
C ASN D 11 22.77 17.66 40.87
N LEU D 12 23.92 17.30 40.31
CA LEU D 12 24.27 15.90 40.12
C LEU D 12 24.99 15.27 41.32
N LYS D 13 25.19 16.04 42.41
CA LYS D 13 25.90 15.52 43.57
C LYS D 13 25.35 14.19 44.08
N PRO D 14 24.04 14.02 44.27
CA PRO D 14 23.55 12.71 44.75
C PRO D 14 23.88 11.57 43.80
N CYS D 15 23.87 11.83 42.48
CA CYS D 15 24.22 10.77 41.51
C CYS D 15 25.70 10.42 41.61
N GLU D 16 26.57 11.44 41.59
CA GLU D 16 28.00 11.15 41.69
C GLU D 16 28.32 10.45 43.00
N GLN D 17 27.76 10.92 44.12
CA GLN D 17 28.08 10.29 45.41
C GLN D 17 27.49 8.89 45.49
N HIS D 18 26.29 8.67 44.93
CA HIS D 18 25.72 7.33 44.97
C HIS D 18 26.64 6.31 44.32
N ILE D 19 27.19 6.65 43.15
CA ILE D 19 28.10 5.77 42.44
C ILE D 19 29.40 5.59 43.20
N MET D 20 29.97 6.70 43.69
CA MET D 20 31.25 6.63 44.39
C MET D 20 31.18 5.70 45.58
N GLN D 21 30.08 5.74 46.33
CA GLN D 21 29.96 4.90 47.52
C GLN D 21 29.94 3.43 47.16
N ARG D 22 29.38 3.06 46.00
CA ARG D 22 29.38 1.65 45.63
C ARG D 22 30.72 1.17 45.13
N ILE D 23 31.33 1.91 44.20
CA ILE D 23 32.62 1.46 43.67
C ILE D 23 33.71 1.56 44.73
N MET D 24 33.75 2.67 45.46
CA MET D 24 34.74 2.85 46.52
C MET D 24 34.29 2.26 47.85
N GLY D 25 33.11 1.64 47.91
CA GLY D 25 32.63 0.95 49.09
C GLY D 25 32.42 -0.54 48.85
N GLU D 26 33.23 -1.12 47.96
CA GLU D 26 33.19 -2.54 47.63
C GLU D 26 33.09 -3.45 48.87
N THR D 38 17.69 3.20 53.62
CA THR D 38 18.85 3.74 54.32
C THR D 38 19.11 5.18 53.82
N ARG D 39 20.38 5.59 53.70
CA ARG D 39 20.63 6.91 53.12
C ARG D 39 20.76 6.80 51.61
N SER D 40 21.04 5.60 51.13
CA SER D 40 21.40 5.36 49.74
C SER D 40 20.20 5.19 48.84
N SER D 41 19.04 4.79 49.38
CA SER D 41 17.80 4.88 48.60
C SER D 41 17.35 6.33 48.47
N ASP D 42 17.49 7.13 49.53
CA ASP D 42 17.15 8.56 49.44
C ASP D 42 18.16 9.33 48.59
N GLN D 43 19.43 8.92 48.63
CA GLN D 43 20.42 9.56 47.78
C GLN D 43 20.19 9.20 46.32
N GLN D 44 19.97 7.91 46.04
CA GLN D 44 19.63 7.53 44.67
C GLN D 44 18.30 8.15 44.25
N GLN D 45 17.32 8.16 45.16
CA GLN D 45 16.04 8.79 44.82
C GLN D 45 16.24 10.27 44.47
N ARG D 46 17.08 10.97 45.24
CA ARG D 46 17.38 12.35 44.90
C ARG D 46 18.10 12.45 43.56
N CYS D 47 18.90 11.43 43.22
CA CYS D 47 19.52 11.41 41.89
C CYS D 47 18.49 11.43 40.78
N CYS D 48 17.53 10.49 40.82
CA CYS D 48 16.48 10.45 39.79
C CYS D 48 15.65 11.74 39.80
N ASP D 49 15.38 12.31 40.99
CA ASP D 49 14.66 13.57 41.06
C ASP D 49 15.42 14.68 40.33
N GLU D 50 16.75 14.70 40.47
CA GLU D 50 17.51 15.75 39.78
C GLU D 50 17.52 15.50 38.28
N LEU D 51 17.71 14.25 37.83
CA LEU D 51 17.62 13.98 36.40
C LEU D 51 16.23 14.32 35.86
N ASN D 52 15.18 13.93 36.58
CA ASN D 52 13.83 14.17 36.11
C ASN D 52 13.52 15.65 35.99
N GLU D 53 14.24 16.53 36.72
CA GLU D 53 13.99 17.96 36.60
C GLU D 53 14.40 18.49 35.24
N MET D 54 15.28 17.79 34.53
CA MET D 54 15.58 18.18 33.16
C MET D 54 14.30 18.12 32.32
N GLU D 55 14.14 19.15 31.50
CA GLU D 55 12.96 19.28 30.66
C GLU D 55 12.81 18.10 29.71
N ASN D 56 13.90 17.67 29.10
CA ASN D 56 13.93 16.44 28.29
C ASN D 56 14.92 15.53 28.97
N THR D 57 14.47 14.79 29.98
CA THR D 57 15.45 14.03 30.74
C THR D 57 15.93 12.81 29.95
N GLN D 58 15.08 12.21 29.10
CA GLN D 58 15.54 11.06 28.30
C GLN D 58 16.59 11.47 27.28
N GLY D 59 16.32 12.52 26.49
CA GLY D 59 17.40 13.19 25.80
C GLY D 59 18.23 13.88 26.84
N CYS D 60 19.45 14.26 26.50
CA CYS D 60 20.29 14.85 27.54
C CYS D 60 20.80 13.84 28.59
N MET D 61 20.32 12.59 28.58
CA MET D 61 20.83 11.59 29.51
C MET D 61 22.32 11.33 29.30
N CYS D 62 22.74 11.24 28.03
CA CYS D 62 24.15 11.07 27.70
C CYS D 62 24.97 12.20 28.28
N GLU D 63 24.55 13.43 28.02
CA GLU D 63 25.23 14.58 28.57
C GLU D 63 25.24 14.53 30.10
N ALA D 64 24.15 14.10 30.71
CA ALA D 64 24.11 14.04 32.17
C ALA D 64 25.11 13.02 32.71
N LEU D 65 25.19 11.85 32.06
CA LEU D 65 26.17 10.84 32.47
C LEU D 65 27.58 11.32 32.21
N GLN D 66 27.83 11.96 31.07
CA GLN D 66 29.16 12.46 30.79
C GLN D 66 29.59 13.49 31.82
N GLN D 67 28.64 14.34 32.24
CA GLN D 67 28.93 15.35 33.24
C GLN D 67 29.21 14.71 34.61
N ILE D 68 28.50 13.62 34.95
CA ILE D 68 28.79 12.93 36.20
C ILE D 68 30.22 12.37 36.17
N MET D 69 30.60 11.79 35.04
CA MET D 69 31.94 11.22 34.89
C MET D 69 33.00 12.31 34.93
N GLU D 70 32.78 13.38 34.17
CA GLU D 70 33.70 14.50 34.18
C GLU D 70 33.88 15.06 35.57
N ASN D 71 32.80 15.03 36.38
CA ASN D 71 32.85 15.63 37.71
C ASN D 71 33.65 14.77 38.68
N GLN D 72 33.69 13.45 38.49
CA GLN D 72 34.36 12.58 39.42
C GLN D 72 35.71 12.07 38.92
N CYS D 73 36.11 12.47 37.69
CA CYS D 73 37.25 11.84 37.04
C CYS D 73 38.49 11.91 37.93
N ASP D 74 38.77 13.08 38.51
CA ASP D 74 39.98 13.26 39.31
C ASP D 74 40.06 12.26 40.46
N ARG D 75 38.91 11.74 40.91
CA ARG D 75 38.88 10.84 42.05
C ARG D 75 39.02 9.38 41.62
N LEU D 76 39.21 9.12 40.34
CA LEU D 76 39.41 7.76 39.86
C LEU D 76 40.92 7.63 39.64
N GLN D 77 41.59 7.27 40.73
CA GLN D 77 43.04 7.20 40.84
C GLN D 77 43.58 5.91 40.27
N ASP D 78 42.74 5.08 39.69
CA ASP D 78 43.16 3.75 39.34
C ASP D 78 42.68 3.35 37.96
N ARG D 79 43.50 2.53 37.29
CA ARG D 79 43.08 1.90 36.07
C ARG D 79 41.80 1.08 36.27
N GLN D 80 41.67 0.43 37.44
CA GLN D 80 40.53 -0.42 37.75
C GLN D 80 39.28 0.38 38.15
N MET D 81 39.44 1.41 38.98
CA MET D 81 38.30 2.21 39.39
C MET D 81 37.55 2.76 38.18
N VAL D 82 38.28 3.10 37.13
CA VAL D 82 37.59 3.65 35.96
C VAL D 82 36.73 2.62 35.27
N GLN D 83 37.03 1.31 35.35
CA GLN D 83 36.10 0.45 34.63
C GLN D 83 34.83 0.51 35.44
N GLN D 84 35.03 0.29 36.77
CA GLN D 84 33.98 0.13 37.77
C GLN D 84 33.05 1.33 37.82
N PHE D 85 33.59 2.54 37.75
CA PHE D 85 32.73 3.71 37.70
C PHE D 85 31.87 3.67 36.44
N LYS D 86 32.45 3.26 35.31
CA LYS D 86 31.71 3.22 34.06
C LYS D 86 30.51 2.25 34.12
N ARG D 87 30.69 1.01 34.62
CA ARG D 87 29.53 0.12 34.71
C ARG D 87 28.45 0.71 35.61
N GLU D 88 28.83 1.25 36.76
CA GLU D 88 27.81 1.87 37.60
C GLU D 88 27.11 3.00 36.85
N LEU D 89 27.90 3.87 36.21
CA LEU D 89 27.32 4.93 35.41
C LEU D 89 26.34 4.38 34.39
N MET D 90 26.77 3.37 33.64
CA MET D 90 25.95 2.83 32.57
C MET D 90 24.64 2.26 33.08
N SER D 91 24.60 1.86 34.36
CA SER D 91 23.37 1.33 34.90
C SER D 91 22.50 2.40 35.51
N LEU D 92 23.01 3.63 35.62
CA LEU D 92 22.24 4.71 36.21
C LEU D 92 20.91 4.96 35.50
N PRO D 93 20.84 5.06 34.18
CA PRO D 93 19.53 5.36 33.56
C PRO D 93 18.47 4.34 33.90
N GLN D 94 18.77 3.04 33.86
CA GLN D 94 17.76 2.03 34.20
C GLN D 94 17.31 2.17 35.66
N GLN D 95 18.25 2.46 36.56
CA GLN D 95 17.89 2.67 37.96
C GLN D 95 16.82 3.75 38.12
N CYS D 96 16.81 4.73 37.22
CA CYS D 96 15.84 5.82 37.28
C CYS D 96 14.65 5.63 36.35
N ASN D 97 14.48 4.44 35.75
CA ASN D 97 13.40 4.12 34.83
C ASN D 97 13.50 4.90 33.52
N PHE D 98 14.71 5.14 33.07
CA PHE D 98 14.99 5.65 31.75
C PHE D 98 15.79 4.60 30.98
N ARG D 99 16.08 4.89 29.72
CA ARG D 99 16.79 3.97 28.86
C ARG D 99 18.23 4.43 28.69
N ALA D 100 19.16 3.50 28.68
CA ALA D 100 20.53 3.92 28.38
C ALA D 100 20.54 4.64 27.04
N PRO D 101 21.29 5.74 26.89
CA PRO D 101 21.30 6.49 25.65
C PRO D 101 22.02 5.76 24.52
N GLN D 102 21.84 6.25 23.30
CA GLN D 102 22.26 5.45 22.18
C GLN D 102 23.61 5.84 21.59
N ARG D 103 23.96 7.09 21.41
CA ARG D 103 25.32 7.30 20.90
C ARG D 103 26.12 8.02 22.00
N CYS D 104 26.62 7.24 22.94
CA CYS D 104 27.14 7.82 24.17
C CYS D 104 28.47 7.15 24.51
N ASP D 105 29.57 7.80 24.15
CA ASP D 105 30.89 7.31 24.49
C ASP D 105 31.31 7.90 25.83
N LEU D 106 31.46 7.05 26.85
CA LEU D 106 31.84 7.57 28.16
C LEU D 106 33.35 7.64 28.33
N ASP D 107 34.13 7.20 27.35
CA ASP D 107 35.60 7.33 27.42
C ASP D 107 36.06 8.72 27.02
N MET E 1 -33.47 -19.46 -37.73
CA MET E 1 -33.73 -18.61 -36.59
C MET E 1 -33.27 -19.29 -35.31
N SER E 2 -32.95 -18.48 -34.30
CA SER E 2 -32.62 -19.02 -32.98
C SER E 2 -33.89 -19.45 -32.24
N CYS E 3 -33.73 -20.32 -31.26
CA CYS E 3 -34.88 -20.65 -30.42
C CYS E 3 -35.32 -19.46 -29.59
N GLU E 4 -34.38 -18.68 -29.05
CA GLU E 4 -34.73 -17.43 -28.38
C GLU E 4 -35.75 -16.65 -29.19
N ARG E 5 -35.36 -16.32 -30.43
CA ARG E 5 -36.19 -15.51 -31.30
C ARG E 5 -37.39 -16.30 -31.81
N GLN E 6 -37.21 -17.60 -32.07
CA GLN E 6 -38.29 -18.40 -32.63
C GLN E 6 -39.44 -18.57 -31.64
N VAL E 7 -39.11 -18.90 -30.38
CA VAL E 7 -40.15 -19.11 -29.38
C VAL E 7 -40.84 -17.79 -29.02
N ASP E 8 -40.10 -16.68 -29.03
CA ASP E 8 -40.71 -15.41 -28.65
C ASP E 8 -41.72 -14.86 -29.70
N ARG E 9 -41.65 -15.32 -30.96
CA ARG E 9 -42.57 -14.93 -32.02
C ARG E 9 -43.91 -15.62 -31.91
N VAL E 10 -44.05 -16.54 -31.00
CA VAL E 10 -45.23 -17.36 -30.93
C VAL E 10 -46.17 -16.80 -29.88
N ASN E 11 -47.46 -17.13 -29.98
CA ASN E 11 -48.43 -16.76 -28.95
C ASN E 11 -48.72 -18.03 -28.16
N LEU E 12 -48.15 -18.13 -26.97
CA LEU E 12 -48.28 -19.37 -26.21
C LEU E 12 -49.53 -19.39 -25.35
N LYS E 13 -50.35 -18.34 -25.39
CA LYS E 13 -51.55 -18.30 -24.55
C LYS E 13 -52.45 -19.51 -24.68
N PRO E 14 -52.80 -19.99 -25.88
CA PRO E 14 -53.69 -21.17 -25.93
C PRO E 14 -53.09 -22.37 -25.23
N CYS E 15 -51.76 -22.52 -25.28
CA CYS E 15 -51.09 -23.61 -24.56
C CYS E 15 -51.17 -23.39 -23.06
N GLU E 16 -50.86 -22.18 -22.60
CA GLU E 16 -50.88 -21.90 -21.17
C GLU E 16 -52.29 -22.12 -20.60
N GLN E 17 -53.30 -21.61 -21.28
CA GLN E 17 -54.66 -21.75 -20.78
C GLN E 17 -55.17 -23.19 -20.90
N HIS E 18 -54.78 -23.92 -21.94
CA HIS E 18 -55.22 -25.30 -22.03
C HIS E 18 -54.75 -26.10 -20.82
N ILE E 19 -53.48 -25.94 -20.45
CA ILE E 19 -52.94 -26.66 -19.31
C ILE E 19 -53.63 -26.21 -18.03
N MET E 20 -53.77 -24.89 -17.86
CA MET E 20 -54.39 -24.37 -16.65
C MET E 20 -55.80 -24.93 -16.48
N GLN E 21 -56.58 -24.95 -17.56
CA GLN E 21 -57.94 -25.47 -17.48
C GLN E 21 -57.93 -26.96 -17.17
N ARG E 22 -56.93 -27.70 -17.64
CA ARG E 22 -56.89 -29.14 -17.39
C ARG E 22 -56.68 -29.41 -15.90
N ILE E 23 -55.69 -28.74 -15.29
CA ILE E 23 -55.55 -28.82 -13.85
C ILE E 23 -56.67 -28.00 -13.21
N MET E 24 -56.93 -28.25 -11.94
CA MET E 24 -58.01 -27.54 -11.26
C MET E 24 -59.36 -28.18 -11.61
N SER E 37 -64.22 -30.59 -24.79
CA SER E 37 -64.87 -30.60 -23.47
C SER E 37 -65.65 -29.31 -23.23
N THR E 38 -64.93 -28.18 -23.31
CA THR E 38 -65.47 -26.85 -23.09
C THR E 38 -64.89 -25.89 -24.15
N ARG E 39 -65.08 -26.22 -25.45
CA ARG E 39 -64.49 -25.48 -26.57
C ARG E 39 -62.97 -25.48 -26.45
N SER E 40 -62.47 -26.42 -25.63
CA SER E 40 -61.08 -26.63 -25.27
C SER E 40 -60.36 -27.51 -26.28
N SER E 41 -61.11 -28.26 -27.09
CA SER E 41 -60.50 -28.94 -28.23
C SER E 41 -60.01 -27.91 -29.26
N ASP E 42 -60.78 -26.83 -29.47
CA ASP E 42 -60.36 -25.76 -30.36
C ASP E 42 -59.20 -24.97 -29.77
N GLN E 43 -59.15 -24.89 -28.43
CA GLN E 43 -58.03 -24.24 -27.76
C GLN E 43 -56.76 -25.08 -27.84
N GLN E 44 -56.85 -26.38 -27.58
CA GLN E 44 -55.66 -27.22 -27.74
C GLN E 44 -55.17 -27.17 -29.19
N GLN E 45 -56.08 -27.20 -30.15
CA GLN E 45 -55.72 -27.08 -31.56
C GLN E 45 -54.98 -25.77 -31.85
N ARG E 46 -55.45 -24.66 -31.28
CA ARG E 46 -54.73 -23.41 -31.46
C ARG E 46 -53.35 -23.51 -30.83
N CYS E 47 -53.23 -24.29 -29.75
CA CYS E 47 -51.91 -24.49 -29.17
C CYS E 47 -50.99 -25.15 -30.19
N CYS E 48 -51.41 -26.31 -30.72
CA CYS E 48 -50.59 -27.03 -31.69
C CYS E 48 -50.32 -26.19 -32.92
N ASP E 49 -51.30 -25.41 -33.36
CA ASP E 49 -51.07 -24.51 -34.48
C ASP E 49 -49.96 -23.51 -34.16
N GLU E 50 -49.92 -23.01 -32.92
CA GLU E 50 -48.89 -22.05 -32.54
C GLU E 50 -47.51 -22.69 -32.51
N LEU E 51 -47.41 -23.93 -32.00
CA LEU E 51 -46.14 -24.63 -31.99
C LEU E 51 -45.63 -24.87 -33.40
N ASN E 52 -46.51 -25.33 -34.28
CA ASN E 52 -46.11 -25.66 -35.64
C ASN E 52 -45.61 -24.45 -36.41
N GLU E 53 -46.01 -23.24 -36.01
CA GLU E 53 -45.54 -22.03 -36.68
C GLU E 53 -44.08 -21.75 -36.40
N MET E 54 -43.50 -22.36 -35.36
CA MET E 54 -42.06 -22.28 -35.21
C MET E 54 -41.40 -22.95 -36.41
N GLU E 55 -40.34 -22.32 -36.92
CA GLU E 55 -39.61 -22.89 -38.06
C GLU E 55 -39.02 -24.24 -37.71
N ASN E 56 -38.48 -24.38 -36.49
CA ASN E 56 -37.96 -25.63 -35.93
C ASN E 56 -38.76 -25.97 -34.68
N THR E 57 -39.92 -26.58 -34.89
CA THR E 57 -40.80 -26.87 -33.77
C THR E 57 -40.21 -27.96 -32.90
N GLN E 58 -39.59 -28.95 -33.52
CA GLN E 58 -38.97 -30.04 -32.76
C GLN E 58 -37.73 -29.55 -32.02
N GLY E 59 -36.84 -28.82 -32.71
CA GLY E 59 -35.65 -28.28 -32.07
C GLY E 59 -35.88 -27.26 -30.96
N CYS E 60 -36.95 -26.49 -31.03
CA CYS E 60 -37.19 -25.49 -29.99
C CYS E 60 -38.24 -25.92 -28.99
N MET E 61 -38.71 -27.18 -29.04
CA MET E 61 -39.81 -27.56 -28.15
C MET E 61 -39.48 -27.31 -26.69
N CYS E 62 -38.25 -27.62 -26.28
CA CYS E 62 -37.84 -27.40 -24.89
C CYS E 62 -37.99 -25.93 -24.48
N GLU E 63 -37.40 -25.02 -25.24
CA GLU E 63 -37.52 -23.60 -24.93
C GLU E 63 -38.98 -23.17 -24.91
N ALA E 64 -39.81 -23.71 -25.81
CA ALA E 64 -41.22 -23.33 -25.82
C ALA E 64 -41.93 -23.79 -24.56
N LEU E 65 -41.64 -25.02 -24.12
CA LEU E 65 -42.21 -25.53 -22.88
C LEU E 65 -41.73 -24.70 -21.69
N GLN E 66 -40.45 -24.37 -21.66
CA GLN E 66 -39.93 -23.55 -20.58
C GLN E 66 -40.59 -22.18 -20.55
N GLN E 67 -40.83 -21.59 -21.72
CA GLN E 67 -41.47 -20.29 -21.76
C GLN E 67 -42.90 -20.37 -21.25
N ILE E 68 -43.56 -21.49 -21.52
CA ILE E 68 -44.90 -21.69 -20.99
C ILE E 68 -44.86 -21.71 -19.47
N MET E 69 -43.84 -22.35 -18.91
CA MET E 69 -43.68 -22.43 -17.47
C MET E 69 -43.35 -21.06 -16.87
N GLU E 70 -42.36 -20.38 -17.42
CA GLU E 70 -42.04 -19.06 -16.92
C GLU E 70 -43.24 -18.12 -17.02
N ASN E 71 -44.10 -18.30 -18.03
CA ASN E 71 -45.26 -17.42 -18.21
C ASN E 71 -46.35 -17.69 -17.17
N GLN E 72 -46.42 -18.90 -16.62
CA GLN E 72 -47.46 -19.22 -15.66
C GLN E 72 -46.96 -19.39 -14.22
N CYS E 73 -45.66 -19.23 -13.97
CA CYS E 73 -45.07 -19.58 -12.67
C CYS E 73 -45.76 -18.85 -11.51
N ASP E 74 -46.01 -17.56 -11.67
CA ASP E 74 -46.57 -16.79 -10.56
C ASP E 74 -47.90 -17.36 -10.07
N ARG E 75 -48.61 -18.10 -10.90
CA ARG E 75 -49.96 -18.58 -10.59
C ARG E 75 -49.98 -19.97 -9.97
N LEU E 76 -48.82 -20.56 -9.70
CA LEU E 76 -48.71 -21.87 -9.08
C LEU E 76 -48.42 -21.67 -7.58
N GLN E 77 -49.46 -21.81 -6.75
CA GLN E 77 -49.36 -21.37 -5.36
C GLN E 77 -48.62 -22.35 -4.47
N ASP E 78 -48.45 -23.60 -4.89
CA ASP E 78 -47.80 -24.59 -4.05
C ASP E 78 -47.10 -25.55 -5.00
N ARG E 79 -46.06 -26.25 -4.53
CA ARG E 79 -45.40 -27.19 -5.43
C ARG E 79 -46.35 -28.26 -5.97
N GLN E 80 -47.42 -28.60 -5.25
CA GLN E 80 -48.34 -29.60 -5.77
C GLN E 80 -49.00 -29.09 -7.07
N MET E 81 -49.39 -27.82 -7.09
CA MET E 81 -49.79 -27.20 -8.35
C MET E 81 -48.63 -27.17 -9.34
N VAL E 82 -47.40 -26.94 -8.85
CA VAL E 82 -46.27 -26.92 -9.76
C VAL E 82 -46.05 -28.28 -10.37
N GLN E 83 -46.45 -29.34 -9.67
CA GLN E 83 -46.24 -30.68 -10.20
C GLN E 83 -47.28 -31.04 -11.25
N GLN E 84 -48.58 -30.80 -10.97
CA GLN E 84 -49.57 -31.08 -12.01
C GLN E 84 -49.21 -30.32 -13.28
N PHE E 85 -48.75 -29.09 -13.13
CA PHE E 85 -48.41 -28.32 -14.31
C PHE E 85 -47.29 -28.96 -15.12
N LYS E 86 -46.24 -29.47 -14.44
CA LYS E 86 -45.10 -30.09 -15.13
C LYS E 86 -45.53 -31.35 -15.89
N ARG E 87 -46.27 -32.22 -15.23
CA ARG E 87 -46.74 -33.44 -15.89
C ARG E 87 -47.56 -33.08 -17.10
N GLU E 88 -48.41 -32.10 -16.92
CA GLU E 88 -49.30 -31.72 -18.00
C GLU E 88 -48.52 -31.17 -19.16
N LEU E 89 -47.60 -30.26 -18.85
CA LEU E 89 -46.68 -29.72 -19.83
C LEU E 89 -45.91 -30.84 -20.54
N MET E 90 -45.44 -31.82 -19.77
CA MET E 90 -44.59 -32.87 -20.33
C MET E 90 -45.28 -33.69 -21.41
N SER E 91 -46.60 -33.77 -21.38
CA SER E 91 -47.38 -34.47 -22.39
C SER E 91 -47.83 -33.57 -23.55
N LEU E 92 -47.63 -32.27 -23.47
CA LEU E 92 -48.04 -31.41 -24.58
C LEU E 92 -47.45 -31.86 -25.92
N PRO E 93 -46.15 -32.13 -26.05
CA PRO E 93 -45.63 -32.48 -27.39
C PRO E 93 -46.34 -33.65 -28.02
N GLN E 94 -46.62 -34.71 -27.25
CA GLN E 94 -47.37 -35.84 -27.80
C GLN E 94 -48.77 -35.40 -28.25
N GLN E 95 -49.44 -34.56 -27.46
CA GLN E 95 -50.76 -34.07 -27.85
C GLN E 95 -50.71 -33.35 -29.18
N CYS E 96 -49.59 -32.71 -29.50
CA CYS E 96 -49.43 -32.01 -30.76
C CYS E 96 -48.74 -32.88 -31.82
N ASN E 97 -48.60 -34.18 -31.55
CA ASN E 97 -47.98 -35.09 -32.49
C ASN E 97 -46.50 -34.78 -32.70
N PHE E 98 -45.83 -34.32 -31.65
CA PHE E 98 -44.39 -34.16 -31.63
C PHE E 98 -43.81 -35.12 -30.59
N ARG E 99 -42.48 -35.15 -30.52
CA ARG E 99 -41.77 -36.03 -29.61
C ARG E 99 -41.27 -35.21 -28.43
N ALA E 100 -41.37 -35.79 -27.24
CA ALA E 100 -40.90 -35.10 -26.06
C ALA E 100 -39.42 -34.75 -26.22
N PRO E 101 -39.00 -33.54 -25.81
CA PRO E 101 -37.59 -33.14 -26.00
C PRO E 101 -36.63 -33.86 -25.07
N GLN E 102 -35.34 -33.86 -25.42
CA GLN E 102 -34.47 -34.81 -24.75
C GLN E 102 -33.64 -34.21 -23.63
N ARG E 103 -33.06 -33.03 -23.79
CA ARG E 103 -32.33 -32.46 -22.66
C ARG E 103 -33.11 -31.21 -22.24
N CYS E 104 -34.13 -31.42 -21.43
CA CYS E 104 -35.09 -30.37 -21.12
C CYS E 104 -35.45 -30.39 -19.64
N ASP E 105 -34.80 -29.53 -18.88
CA ASP E 105 -35.09 -29.37 -17.46
C ASP E 105 -36.18 -28.31 -17.29
N LEU E 106 -37.29 -28.69 -16.68
CA LEU E 106 -38.42 -27.78 -16.51
C LEU E 106 -38.34 -26.95 -15.21
N ASP E 107 -37.28 -27.11 -14.42
CA ASP E 107 -37.11 -26.25 -13.24
C ASP E 107 -36.57 -24.85 -13.58
N SER F 1 16.81 34.15 45.62
CA SER F 1 16.15 32.93 46.05
C SER F 1 17.02 32.19 47.05
N TYR F 2 17.93 31.34 46.59
CA TYR F 2 18.72 30.55 47.53
C TYR F 2 19.69 31.45 48.29
N GLU F 3 19.77 31.23 49.59
CA GLU F 3 20.51 32.13 50.49
C GLU F 3 21.56 31.35 51.25
N LEU F 4 22.72 31.98 51.47
CA LEU F 4 23.81 31.41 52.24
C LEU F 4 24.25 32.38 53.35
N THR F 5 24.26 31.90 54.58
CA THR F 5 24.75 32.73 55.69
C THR F 5 26.13 32.24 56.17
N GLN F 6 26.97 33.22 56.54
CA GLN F 6 28.31 33.05 57.11
C GLN F 6 28.47 34.01 58.29
N PRO F 7 29.09 33.59 59.38
CA PRO F 7 29.39 34.53 60.48
C PRO F 7 30.26 35.66 59.96
N PRO F 8 29.97 36.92 60.32
CA PRO F 8 30.79 37.99 59.73
C PRO F 8 32.28 37.88 60.06
N SER F 9 32.65 37.54 61.29
CA SER F 9 34.06 37.45 61.63
C SER F 9 34.26 36.23 62.51
N VAL F 10 35.49 35.71 62.49
CA VAL F 10 35.92 34.55 63.27
C VAL F 10 37.35 34.80 63.69
N SER F 11 37.62 34.68 65.00
CA SER F 11 38.96 34.92 65.55
C SER F 11 39.55 33.63 66.10
N VAL F 12 40.84 33.44 65.89
CA VAL F 12 41.53 32.24 66.33
C VAL F 12 42.93 32.64 66.79
N SER F 13 43.43 31.95 67.83
CA SER F 13 44.81 32.13 68.25
C SER F 13 45.76 31.30 67.37
N PRO F 14 47.01 31.72 67.23
CA PRO F 14 47.95 31.00 66.36
C PRO F 14 48.13 29.58 66.86
N GLY F 15 47.87 28.61 65.97
CA GLY F 15 47.94 27.20 66.31
C GLY F 15 46.59 26.52 66.50
N GLN F 16 45.56 27.28 66.87
CA GLN F 16 44.24 26.66 67.00
C GLN F 16 43.64 26.42 65.64
N THR F 17 42.60 25.57 65.61
CA THR F 17 41.90 25.35 64.37
C THR F 17 40.73 26.34 64.27
N ALA F 18 40.59 26.95 63.09
CA ALA F 18 39.52 27.89 62.78
C ALA F 18 38.43 27.18 62.00
N SER F 19 37.17 27.50 62.30
CA SER F 19 36.04 26.86 61.61
C SER F 19 35.16 27.93 60.99
N VAL F 20 35.03 27.91 59.67
CA VAL F 20 34.12 28.82 58.98
C VAL F 20 32.92 28.03 58.49
N THR F 21 31.74 28.39 58.97
CA THR F 21 30.55 27.64 58.63
C THR F 21 29.60 28.42 57.74
N CYS F 22 29.07 27.71 56.77
CA CYS F 22 28.20 28.23 55.73
C CYS F 22 26.87 27.52 55.87
N SER F 23 25.78 28.27 55.92
CA SER F 23 24.48 27.65 56.17
C SER F 23 23.49 27.95 55.04
N GLY F 24 22.75 26.92 54.64
CA GLY F 24 21.70 27.05 53.66
C GLY F 24 20.73 25.88 53.79
N ASP F 25 19.52 26.09 53.28
CA ASP F 25 18.52 25.05 53.39
C ASP F 25 19.03 23.78 52.73
N LYS F 26 19.05 22.72 53.51
CA LYS F 26 19.59 21.44 53.07
C LYS F 26 20.87 21.65 52.27
N LEU F 27 21.76 22.56 52.72
CA LEU F 27 23.01 22.76 51.99
C LEU F 27 23.80 21.47 51.87
N GLY F 28 23.68 20.57 52.84
CA GLY F 28 24.43 19.34 52.75
C GLY F 28 24.19 18.57 51.48
N GLU F 29 23.06 18.79 50.81
CA GLU F 29 22.79 18.05 49.58
C GLU F 29 23.46 18.65 48.34
N ARG F 30 24.16 19.78 48.49
CA ARG F 30 24.86 20.41 47.37
C ARG F 30 26.35 20.39 47.63
N TYR F 31 27.13 20.65 46.58
CA TYR F 31 28.55 20.89 46.74
C TYR F 31 28.80 22.32 47.17
N VAL F 32 29.81 22.47 48.02
CA VAL F 32 30.26 23.78 48.47
C VAL F 32 31.71 23.95 48.06
N SER F 33 32.00 25.14 47.62
CA SER F 33 33.30 25.59 47.13
C SER F 33 33.78 26.68 48.12
N TRP F 34 35.07 26.76 48.42
CA TRP F 34 35.58 27.79 49.36
C TRP F 34 36.67 28.60 48.73
N TYR F 35 36.70 29.89 49.03
CA TYR F 35 37.64 30.81 48.40
C TYR F 35 38.25 31.70 49.47
N GLN F 36 39.57 31.87 49.42
CA GLN F 36 40.30 32.73 50.33
C GLN F 36 40.77 33.98 49.61
N GLN F 37 40.50 35.15 50.19
CA GLN F 37 40.93 36.42 49.61
C GLN F 37 41.62 37.26 50.67
N LYS F 38 42.93 37.42 50.52
CA LYS F 38 43.67 38.36 51.32
C LYS F 38 43.50 39.75 50.71
N ALA F 39 43.65 40.77 51.56
CA ALA F 39 43.42 42.14 51.12
C ALA F 39 44.25 42.47 49.88
N GLY F 40 43.61 43.17 48.94
CA GLY F 40 44.26 43.65 47.73
C GLY F 40 44.59 42.59 46.71
N GLN F 41 44.09 41.37 46.89
CA GLN F 41 44.43 40.22 46.08
C GLN F 41 43.18 39.55 45.53
N SER F 42 43.35 38.72 44.49
CA SER F 42 42.20 38.01 43.96
C SER F 42 41.92 36.76 44.79
N PRO F 43 40.67 36.27 44.77
CA PRO F 43 40.34 35.05 45.53
C PRO F 43 41.17 33.88 45.07
N ASP F 44 41.32 32.91 45.98
CA ASP F 44 41.99 31.64 45.71
C ASP F 44 41.12 30.47 46.14
N LEU F 45 40.91 29.55 45.21
CA LEU F 45 40.14 28.36 45.53
C LEU F 45 40.93 27.49 46.53
N VAL F 46 40.34 27.17 47.68
CA VAL F 46 41.03 26.34 48.67
C VAL F 46 40.30 25.04 48.94
N ILE F 47 39.02 24.92 48.63
CA ILE F 47 38.30 23.66 48.77
C ILE F 47 37.20 23.61 47.73
N TYR F 48 36.99 22.43 47.15
CA TYR F 48 35.93 22.27 46.16
C TYR F 48 35.18 20.98 46.42
N GLN F 49 33.99 20.88 45.81
CA GLN F 49 33.12 19.72 45.95
C GLN F 49 32.81 19.42 47.42
N THR F 50 32.13 20.39 48.03
CA THR F 50 31.54 20.27 49.37
C THR F 50 32.63 19.91 50.31
N ASN F 51 33.73 20.58 50.15
CA ASN F 51 34.78 20.61 51.15
C ASN F 51 35.40 19.24 51.41
N GLN F 52 35.17 18.23 50.59
CA GLN F 52 36.04 17.11 50.86
C GLN F 52 37.29 17.18 50.01
N ARG F 53 37.37 18.13 49.08
CA ARG F 53 38.44 18.11 48.08
C ARG F 53 39.37 19.33 48.10
N PRO F 54 40.69 19.12 48.20
CA PRO F 54 41.70 20.21 48.17
C PRO F 54 42.26 20.45 46.77
N SER F 55 43.52 20.85 46.66
CA SER F 55 44.22 21.16 45.40
C SER F 55 45.72 21.08 45.74
N GLY F 56 46.61 21.77 45.01
CA GLY F 56 47.99 21.96 45.49
C GLY F 56 48.07 22.98 46.64
N ILE F 57 47.05 22.97 47.49
CA ILE F 57 46.78 23.80 48.67
C ILE F 57 47.25 23.14 49.97
N PRO F 58 47.69 23.89 50.98
CA PRO F 58 48.24 23.27 52.20
C PRO F 58 47.29 22.26 52.84
N GLU F 59 47.87 21.19 53.39
CA GLU F 59 47.08 20.11 53.96
C GLU F 59 46.25 20.52 55.15
N ARG F 60 46.59 21.63 55.84
CA ARG F 60 45.82 22.01 57.02
C ARG F 60 44.41 22.49 56.67
N PHE F 61 44.17 22.87 55.41
CA PHE F 61 42.83 23.21 54.96
C PHE F 61 42.05 21.92 54.69
N SER F 62 40.80 21.88 55.16
CA SER F 62 39.91 20.73 54.95
C SER F 62 38.48 21.20 54.95
N GLY F 63 37.59 20.35 54.44
CA GLY F 63 36.18 20.64 54.45
C GLY F 63 35.34 19.45 54.85
N SER F 64 34.12 19.76 55.28
CA SER F 64 33.14 18.81 55.81
C SER F 64 31.76 19.46 55.66
N ASP F 65 30.70 18.67 55.91
CA ASP F 65 29.35 19.22 55.92
C ASP F 65 28.45 18.38 56.82
N SER F 66 27.29 18.95 57.16
CA SER F 66 26.32 18.25 57.99
C SER F 66 25.00 18.98 57.87
N GLY F 67 23.96 18.29 57.39
CA GLY F 67 22.63 18.88 57.33
C GLY F 67 22.56 20.17 56.53
N ASN F 68 22.39 21.28 57.25
CA ASN F 68 22.20 22.58 56.62
C ASN F 68 23.46 23.43 56.62
N THR F 69 24.64 22.83 56.88
CA THR F 69 25.90 23.56 57.07
C THR F 69 27.06 22.90 56.34
N ALA F 70 27.96 23.74 55.88
CA ALA F 70 29.24 23.32 55.34
C ALA F 70 30.31 24.12 56.05
N THR F 71 31.47 23.50 56.24
CA THR F 71 32.46 24.07 57.15
C THR F 71 33.85 24.00 56.52
N LEU F 72 34.47 25.16 56.37
CA LEU F 72 35.91 25.24 56.16
C LEU F 72 36.59 25.23 57.52
N THR F 73 37.55 24.33 57.67
CA THR F 73 38.24 24.20 58.95
C THR F 73 39.73 24.24 58.63
N ILE F 74 40.45 25.12 59.33
CA ILE F 74 41.87 25.39 59.14
C ILE F 74 42.58 24.94 60.42
N SER F 75 43.24 23.80 60.38
CA SER F 75 43.96 23.37 61.58
C SER F 75 45.30 24.10 61.66
N GLY F 76 45.74 24.38 62.90
CA GLY F 76 46.98 25.10 63.11
C GLY F 76 47.10 26.42 62.37
N THR F 77 46.14 27.35 62.56
CA THR F 77 46.13 28.61 61.83
C THR F 77 47.44 29.36 62.05
N GLN F 78 47.93 30.03 61.01
CA GLN F 78 49.29 30.54 61.05
C GLN F 78 49.45 32.03 60.78
N GLY F 79 48.39 32.79 60.71
CA GLY F 79 48.55 34.22 60.55
C GLY F 79 48.62 34.59 59.10
N LEU F 80 49.40 33.85 58.31
CA LEU F 80 49.33 33.98 56.86
C LEU F 80 47.98 33.50 56.33
N ASP F 81 47.21 32.80 57.15
CA ASP F 81 45.87 32.36 56.81
C ASP F 81 44.82 33.43 57.09
N GLU F 82 45.22 34.56 57.70
CA GLU F 82 44.32 35.69 57.88
C GLU F 82 43.80 36.17 56.52
N ALA F 83 42.49 36.12 56.34
CA ALA F 83 41.88 36.48 55.08
C ALA F 83 40.38 36.52 55.29
N ASP F 84 39.67 36.88 54.21
CA ASP F 84 38.24 36.65 54.08
C ASP F 84 38.02 35.31 53.42
N TYR F 85 37.01 34.59 53.87
CA TYR F 85 36.64 33.33 53.25
C TYR F 85 35.20 33.38 52.76
N TYR F 86 34.98 32.90 51.53
CA TYR F 86 33.65 32.86 50.92
C TYR F 86 33.31 31.43 50.52
N CYS F 87 32.11 30.99 50.89
CA CYS F 87 31.59 29.73 50.32
C CYS F 87 30.78 30.00 49.04
N LEU F 88 30.68 28.97 48.21
CA LEU F 88 29.98 29.04 46.95
C LEU F 88 29.17 27.78 46.73
N THR F 89 27.92 27.94 46.35
CA THR F 89 27.15 26.81 45.86
C THR F 89 26.39 27.28 44.61
N TRP F 90 25.68 26.36 43.96
CA TRP F 90 24.95 26.68 42.73
C TRP F 90 23.48 26.35 42.93
N ASP F 91 22.62 27.16 42.31
CA ASP F 91 21.18 26.93 42.36
C ASP F 91 20.66 27.12 40.94
N ARG F 92 20.33 26.02 40.28
CA ARG F 92 19.78 26.03 38.92
C ARG F 92 20.48 27.09 38.06
N GLY F 93 21.80 26.94 38.00
CA GLY F 93 22.63 27.73 37.13
C GLY F 93 23.06 29.07 37.67
N THR F 94 22.62 29.43 38.86
CA THR F 94 22.98 30.70 39.46
C THR F 94 24.05 30.46 40.53
N PRO F 95 25.23 31.06 40.41
CA PRO F 95 26.25 30.93 41.47
C PRO F 95 25.85 31.80 42.66
N VAL F 96 25.90 31.23 43.85
CA VAL F 96 25.49 31.89 45.08
C VAL F 96 26.71 31.96 45.97
N PHE F 97 27.24 33.17 46.14
CA PHE F 97 28.35 33.40 47.06
C PHE F 97 27.78 33.73 48.43
N GLY F 98 28.35 33.13 49.46
CA GLY F 98 28.05 33.61 50.80
C GLY F 98 28.53 35.02 51.00
N THR F 99 28.00 35.66 52.05
CA THR F 99 28.62 36.87 52.58
C THR F 99 30.00 36.50 53.11
N GLY F 100 30.90 37.45 53.17
CA GLY F 100 32.23 37.09 53.64
C GLY F 100 32.26 36.68 55.10
N THR F 101 33.20 35.76 55.43
CA THR F 101 33.67 35.58 56.80
C THR F 101 35.12 36.06 56.91
N LYS F 102 35.37 36.96 57.85
CA LYS F 102 36.71 37.51 58.06
C LYS F 102 37.43 36.71 59.14
N VAL F 103 38.50 36.02 58.77
CA VAL F 103 39.28 35.25 59.75
C VAL F 103 40.45 36.09 60.26
N THR F 104 40.46 36.37 61.56
CA THR F 104 41.53 37.11 62.24
C THR F 104 42.37 36.14 63.05
N VAL F 105 43.70 36.26 62.94
CA VAL F 105 44.64 35.43 63.69
C VAL F 105 45.29 36.28 64.76
N LEU F 106 44.99 36.00 66.03
CA LEU F 106 45.36 36.87 67.13
C LEU F 106 46.79 36.58 67.59
N GLY F 107 47.19 37.08 68.76
CA GLY F 107 48.53 36.93 69.27
C GLY F 107 49.30 38.24 69.29
N GLN F 108 48.95 39.17 68.41
CA GLN F 108 49.61 40.46 68.36
C GLN F 108 49.47 41.13 69.74
N PRO F 109 50.55 41.67 70.30
CA PRO F 109 50.43 42.45 71.54
C PRO F 109 50.01 43.89 71.27
N LYS F 110 49.39 44.49 72.29
CA LYS F 110 49.02 45.88 72.15
C LYS F 110 50.27 46.69 71.85
N ALA F 111 50.15 47.59 70.87
CA ALA F 111 51.24 48.45 70.43
C ALA F 111 50.69 49.87 70.33
N ASN F 112 51.32 50.76 71.01
CA ASN F 112 50.90 52.15 71.03
C ASN F 112 51.27 52.85 69.72
N PRO F 113 50.44 53.78 69.25
CA PRO F 113 50.72 54.42 67.97
C PRO F 113 51.89 55.38 68.09
N THR F 114 52.70 55.45 67.03
CA THR F 114 53.59 56.59 66.84
C THR F 114 52.91 57.56 65.88
N VAL F 115 52.91 58.83 66.24
CA VAL F 115 52.14 59.86 65.56
C VAL F 115 53.13 60.86 65.01
N THR F 116 52.95 61.25 63.74
CA THR F 116 53.79 62.28 63.13
C THR F 116 52.90 63.33 62.48
N LEU F 117 53.06 64.58 62.91
CA LEU F 117 52.24 65.69 62.42
C LEU F 117 53.12 66.61 61.58
N PHE F 118 52.70 66.84 60.32
CA PHE F 118 53.41 67.63 59.32
C PHE F 118 52.72 68.96 59.02
N PRO F 119 53.46 70.06 58.94
CA PRO F 119 52.87 71.33 58.49
C PRO F 119 52.86 71.40 56.97
N PRO F 120 52.17 72.37 56.38
CA PRO F 120 52.18 72.46 54.91
C PRO F 120 53.57 72.83 54.43
N SER F 121 54.04 72.17 53.37
CA SER F 121 55.34 72.49 52.81
C SER F 121 55.28 73.85 52.13
N SER F 122 56.43 74.52 52.06
CA SER F 122 56.50 75.81 51.37
C SER F 122 56.07 75.68 49.91
N GLU F 123 56.41 74.56 49.28
CA GLU F 123 55.99 74.30 47.91
C GLU F 123 54.48 74.39 47.77
N GLU F 124 53.74 73.73 48.68
CA GLU F 124 52.28 73.77 48.65
C GLU F 124 51.74 75.16 48.95
N LEU F 125 52.24 75.82 50.00
CA LEU F 125 51.77 77.17 50.30
C LEU F 125 51.96 78.10 49.11
N GLN F 126 53.09 78.00 48.41
CA GLN F 126 53.31 78.83 47.23
C GLN F 126 52.31 78.52 46.14
N ALA F 127 51.61 77.38 46.25
CA ALA F 127 50.58 76.98 45.32
C ALA F 127 49.16 77.30 45.82
N ASN F 128 49.01 78.25 46.77
CA ASN F 128 47.70 78.73 47.23
C ASN F 128 46.89 77.64 47.92
N LYS F 129 47.62 76.79 48.66
CA LYS F 129 47.13 75.51 49.16
C LYS F 129 47.71 75.34 50.56
N ALA F 130 47.07 74.54 51.40
CA ALA F 130 47.62 74.30 52.73
C ALA F 130 46.97 73.05 53.27
N THR F 131 47.80 72.13 53.76
CA THR F 131 47.32 70.84 54.18
C THR F 131 48.19 70.35 55.32
N LEU F 132 47.59 69.94 56.46
CA LEU F 132 48.38 69.27 57.48
C LEU F 132 48.11 67.77 57.43
N VAL F 133 49.19 67.00 57.39
CA VAL F 133 49.13 65.54 57.26
C VAL F 133 49.56 64.98 58.60
N CYS F 134 48.73 64.11 59.18
CA CYS F 134 49.01 63.47 60.47
C CYS F 134 49.11 61.98 60.24
N LEU F 135 50.33 61.43 60.19
CA LEU F 135 50.51 60.00 59.97
C LEU F 135 50.61 59.29 61.33
N ILE F 136 49.82 58.23 61.50
CA ILE F 136 49.77 57.43 62.72
C ILE F 136 50.14 55.99 62.35
N SER F 137 51.12 55.42 63.04
CA SER F 137 51.66 54.14 62.60
C SER F 137 52.00 53.22 63.77
N ASP F 138 52.02 51.92 63.47
CA ASP F 138 52.63 50.91 64.33
C ASP F 138 51.83 50.68 65.63
N PHE F 139 50.51 50.63 65.51
CA PHE F 139 49.68 50.44 66.68
C PHE F 139 48.83 49.19 66.51
N TYR F 140 48.45 48.58 67.64
CA TYR F 140 47.58 47.43 67.66
C TYR F 140 46.79 47.50 68.95
N PRO F 141 45.45 47.30 68.90
CA PRO F 141 44.62 46.94 67.74
C PRO F 141 44.48 48.09 66.76
N GLY F 142 43.91 47.81 65.59
CA GLY F 142 43.80 48.84 64.59
C GLY F 142 42.58 49.72 64.75
N ALA F 143 42.57 50.59 65.75
CA ALA F 143 41.45 51.50 65.90
C ALA F 143 41.91 52.72 66.68
N VAL F 144 41.75 53.92 66.11
CA VAL F 144 42.17 55.15 66.76
C VAL F 144 41.13 56.23 66.52
N THR F 145 40.96 57.07 67.54
CA THR F 145 40.19 58.29 67.38
C THR F 145 41.14 59.45 67.18
N VAL F 146 40.87 60.26 66.16
CA VAL F 146 41.71 61.39 65.80
C VAL F 146 40.91 62.67 66.02
N ALA F 147 41.55 63.65 66.63
CA ALA F 147 40.89 64.93 66.82
C ALA F 147 41.89 66.04 66.56
N TRP F 148 41.48 67.06 65.81
CA TRP F 148 42.32 68.22 65.55
C TRP F 148 41.93 69.38 66.46
N LYS F 149 42.93 70.15 66.89
CA LYS F 149 42.72 71.32 67.74
C LYS F 149 43.27 72.55 67.04
N ALA F 150 42.49 73.63 67.01
CA ALA F 150 42.95 74.92 66.51
C ALA F 150 43.22 75.82 67.70
N ASP F 151 44.50 76.04 68.00
CA ASP F 151 44.90 76.83 69.17
C ASP F 151 44.26 76.29 70.46
N GLY F 152 44.18 74.96 70.57
CA GLY F 152 43.64 74.31 71.74
C GLY F 152 42.14 74.08 71.74
N SER F 153 41.43 74.46 70.68
CA SER F 153 39.98 74.24 70.58
C SER F 153 39.65 73.30 69.41
N PRO F 154 38.58 72.51 69.54
CA PRO F 154 38.27 71.52 68.49
C PRO F 154 37.95 72.16 67.14
N VAL F 155 38.45 71.52 66.07
CA VAL F 155 38.21 71.94 64.69
C VAL F 155 37.75 70.73 63.90
N LYS F 156 36.53 70.78 63.37
CA LYS F 156 35.96 69.67 62.61
C LYS F 156 35.94 69.91 61.11
N ALA F 157 35.85 71.17 60.68
CA ALA F 157 35.78 71.47 59.26
C ALA F 157 37.09 71.12 58.56
N GLY F 158 36.97 70.49 57.39
CA GLY F 158 38.11 70.22 56.56
C GLY F 158 38.98 69.06 57.00
N VAL F 159 38.43 68.14 57.80
CA VAL F 159 39.17 66.98 58.33
C VAL F 159 38.78 65.76 57.53
N GLU F 160 39.77 64.94 57.17
CA GLU F 160 39.56 63.67 56.46
C GLU F 160 40.47 62.63 57.07
N THR F 161 39.90 61.54 57.61
CA THR F 161 40.68 60.48 58.23
C THR F 161 40.48 59.18 57.47
N THR F 162 41.51 58.35 57.47
CA THR F 162 41.46 57.04 56.82
C THR F 162 41.10 55.96 57.83
N LYS F 163 40.43 54.89 57.35
CA LYS F 163 40.23 53.70 58.16
C LYS F 163 41.55 52.95 58.29
N PRO F 164 41.95 52.56 59.52
CA PRO F 164 43.25 51.89 59.68
C PRO F 164 43.32 50.61 58.86
N SER F 165 44.52 50.32 58.35
CA SER F 165 44.78 49.11 57.54
C SER F 165 46.12 48.50 57.95
N LYS F 166 46.25 47.19 57.77
CA LYS F 166 47.45 46.51 58.26
C LYS F 166 48.68 46.95 57.47
N GLN F 167 49.83 46.84 58.12
CA GLN F 167 51.13 47.19 57.58
C GLN F 167 51.88 45.91 57.24
N SER F 168 53.07 46.08 56.67
CA SER F 168 53.90 44.92 56.35
C SER F 168 54.21 44.13 57.61
N ASN F 169 54.45 44.82 58.72
CA ASN F 169 54.76 44.18 59.99
C ASN F 169 53.52 43.76 60.77
N ASN F 170 52.38 43.54 60.13
CA ASN F 170 51.17 43.06 60.79
C ASN F 170 50.64 44.00 61.87
N LYS F 171 51.15 45.23 61.96
CA LYS F 171 50.57 46.26 62.79
C LYS F 171 49.70 47.15 61.89
N TYR F 172 49.08 48.18 62.46
CA TYR F 172 48.20 49.05 61.69
C TYR F 172 48.76 50.46 61.56
N ALA F 173 48.33 51.14 60.50
CA ALA F 173 48.64 52.55 60.26
C ALA F 173 47.36 53.24 59.81
N ALA F 174 47.34 54.56 59.97
CA ALA F 174 46.21 55.39 59.57
C ALA F 174 46.68 56.84 59.42
N SER F 175 45.88 57.66 58.72
CA SER F 175 46.27 59.03 58.46
C SER F 175 45.06 59.95 58.54
N SER F 176 45.35 61.22 58.78
CA SER F 176 44.35 62.26 58.94
C SER F 176 44.85 63.55 58.29
N TYR F 177 44.00 64.20 57.50
CA TYR F 177 44.33 65.43 56.80
C TYR F 177 43.39 66.55 57.24
N LEU F 178 43.95 67.74 57.46
CA LEU F 178 43.19 68.95 57.80
C LEU F 178 43.46 69.98 56.71
N SER F 179 42.48 70.21 55.85
CA SER F 179 42.65 71.14 54.74
C SER F 179 42.35 72.55 55.22
N LEU F 180 43.29 73.47 55.01
CA LEU F 180 43.16 74.87 55.36
C LEU F 180 43.43 75.75 54.14
N THR F 181 43.00 77.00 54.23
CA THR F 181 43.53 78.00 53.32
C THR F 181 44.87 78.50 53.84
N PRO F 182 45.73 79.02 52.97
CA PRO F 182 47.02 79.51 53.46
C PRO F 182 46.89 80.52 54.60
N GLU F 183 45.90 81.41 54.58
CA GLU F 183 45.76 82.40 55.65
C GLU F 183 45.40 81.74 56.99
N GLN F 184 44.52 80.74 56.96
CA GLN F 184 44.21 80.03 58.20
C GLN F 184 45.45 79.39 58.81
N TRP F 185 46.39 78.97 57.96
CA TRP F 185 47.60 78.31 58.46
C TRP F 185 48.42 79.24 59.35
N LYS F 186 48.90 80.37 58.81
CA LYS F 186 49.75 81.27 59.59
C LYS F 186 48.96 82.25 60.47
N SER F 187 47.64 82.31 60.35
CA SER F 187 46.85 83.12 61.28
C SER F 187 46.96 82.59 62.70
N HIS F 188 46.57 81.33 62.91
CA HIS F 188 46.71 80.65 64.21
C HIS F 188 48.19 80.31 64.48
N ARG F 189 48.52 80.13 65.77
CA ARG F 189 49.91 79.87 66.14
C ARG F 189 50.23 78.39 66.33
N SER F 190 49.24 77.54 66.57
CA SER F 190 49.49 76.12 66.79
C SER F 190 48.29 75.32 66.33
N TYR F 191 48.58 74.19 65.72
CA TYR F 191 47.58 73.19 65.40
C TYR F 191 48.00 71.89 66.07
N SER F 192 47.02 71.04 66.39
CA SER F 192 47.29 69.81 67.13
C SER F 192 46.54 68.65 66.51
N CYS F 193 47.24 67.54 66.32
CA CYS F 193 46.64 66.26 65.94
C CYS F 193 46.67 65.38 67.17
N GLN F 194 45.50 64.99 67.67
CA GLN F 194 45.35 64.25 68.91
C GLN F 194 44.79 62.88 68.59
N VAL F 195 45.51 61.83 69.01
CA VAL F 195 45.17 60.44 68.68
C VAL F 195 44.91 59.68 69.97
N THR F 196 43.72 59.08 70.07
CA THR F 196 43.37 58.23 71.22
C THR F 196 43.32 56.78 70.75
N HIS F 197 44.08 55.92 71.42
CA HIS F 197 44.19 54.51 71.09
C HIS F 197 44.11 53.73 72.39
N GLU F 198 43.01 53.00 72.57
CA GLU F 198 42.79 52.16 73.75
C GLU F 198 43.00 52.94 75.06
N GLY F 199 42.41 54.12 75.15
CA GLY F 199 42.50 54.85 76.40
C GLY F 199 43.82 55.55 76.67
N SER F 200 44.79 55.47 75.76
CA SER F 200 45.98 56.29 75.81
C SER F 200 45.89 57.32 74.68
N THR F 201 46.19 58.59 75.00
CA THR F 201 46.13 59.66 74.02
C THR F 201 47.53 60.20 73.78
N VAL F 202 47.88 60.40 72.51
CA VAL F 202 49.14 61.00 72.11
C VAL F 202 48.82 62.14 71.16
N GLU F 203 49.53 63.25 71.32
CA GLU F 203 49.22 64.45 70.55
C GLU F 203 50.53 65.10 70.09
N LYS F 204 50.48 65.68 68.89
CA LYS F 204 51.59 66.47 68.38
C LYS F 204 51.06 67.80 67.86
N THR F 205 51.83 68.88 68.07
CA THR F 205 51.44 70.24 67.72
C THR F 205 52.47 70.91 66.84
N VAL F 206 52.00 71.71 65.87
CA VAL F 206 52.86 72.52 65.02
C VAL F 206 52.43 74.00 65.01
N GLN G 1 51.27 26.68 33.75
CA GLN G 1 50.55 27.45 34.75
C GLN G 1 49.50 28.33 34.09
N VAL G 2 48.29 28.30 34.66
CA VAL G 2 47.19 29.10 34.14
C VAL G 2 47.44 30.57 34.40
N GLN G 3 47.03 31.41 33.45
CA GLN G 3 47.19 32.86 33.53
C GLN G 3 46.00 33.51 32.84
N LEU G 4 45.35 34.44 33.51
CA LEU G 4 44.27 35.22 32.93
C LEU G 4 44.67 36.67 33.04
N VAL G 5 44.86 37.34 31.90
CA VAL G 5 45.34 38.72 31.88
C VAL G 5 44.16 39.60 31.45
N GLU G 6 43.76 40.50 32.33
CA GLU G 6 42.56 41.30 32.11
C GLU G 6 42.92 42.71 31.66
N SER G 7 42.05 43.29 30.83
CA SER G 7 42.25 44.66 30.37
C SER G 7 40.92 45.26 29.95
N GLY G 8 40.93 46.60 29.84
CA GLY G 8 39.79 47.35 29.37
C GLY G 8 39.05 48.08 30.45
N GLY G 9 39.54 48.03 31.69
CA GLY G 9 38.93 48.78 32.77
C GLY G 9 39.44 50.22 32.78
N GLY G 10 38.88 51.02 33.70
CA GLY G 10 39.29 52.40 33.88
C GLY G 10 38.14 53.34 34.17
N LEU G 11 38.30 54.61 33.84
CA LEU G 11 37.25 55.60 34.08
C LEU G 11 36.21 55.55 32.95
N VAL G 12 34.93 55.66 33.30
CA VAL G 12 33.86 55.67 32.28
C VAL G 12 32.74 56.57 32.76
N LYS G 13 32.20 57.37 31.84
CA LYS G 13 31.10 58.25 32.16
C LYS G 13 29.82 57.44 32.35
N PRO G 14 28.93 57.89 33.23
CA PRO G 14 27.66 57.17 33.43
C PRO G 14 26.87 57.15 32.13
N GLY G 15 26.15 56.04 31.91
CA GLY G 15 25.47 55.84 30.65
C GLY G 15 26.36 55.36 29.53
N GLY G 16 27.65 55.25 29.77
CA GLY G 16 28.58 54.86 28.74
C GLY G 16 28.76 53.37 28.66
N SER G 17 29.60 52.98 27.72
CA SER G 17 29.88 51.59 27.40
C SER G 17 31.31 51.25 27.76
N LEU G 18 31.56 49.96 27.98
CA LEU G 18 32.89 49.47 28.34
C LEU G 18 33.05 48.03 27.91
N ARG G 19 34.16 47.74 27.24
CA ARG G 19 34.42 46.39 26.76
C ARG G 19 35.58 45.85 27.58
N LEU G 20 35.32 44.80 28.36
CA LEU G 20 36.34 44.12 29.13
C LEU G 20 36.86 42.94 28.31
N SER G 21 38.15 42.65 28.47
CA SER G 21 38.76 41.54 27.73
C SER G 21 39.73 40.76 28.62
N CYS G 22 39.81 39.46 28.35
CA CYS G 22 40.63 38.55 29.13
C CYS G 22 41.37 37.64 28.18
N VAL G 23 42.68 37.61 28.29
CA VAL G 23 43.49 36.72 27.46
C VAL G 23 44.02 35.62 28.35
N ALA G 24 43.79 34.38 27.94
CA ALA G 24 44.16 33.22 28.72
C ALA G 24 45.40 32.57 28.13
N SER G 25 46.19 31.95 28.99
CA SER G 25 47.29 31.12 28.57
C SER G 25 47.50 30.04 29.61
N GLY G 26 48.11 28.93 29.20
CA GLY G 26 48.42 27.84 30.08
C GLY G 26 47.42 26.70 30.10
N PHE G 27 46.33 26.79 29.35
CA PHE G 27 45.37 25.70 29.24
C PHE G 27 44.66 25.81 27.90
N THR G 28 44.03 24.72 27.49
CA THR G 28 43.21 24.75 26.27
C THR G 28 41.90 25.47 26.59
N PHE G 29 41.94 26.80 26.43
CA PHE G 29 40.82 27.72 26.59
C PHE G 29 39.53 27.17 26.01
N SER G 30 39.60 26.54 24.87
CA SER G 30 38.39 26.09 24.21
C SER G 30 37.74 24.86 24.90
N ASP G 31 38.21 24.45 26.07
CA ASP G 31 37.59 23.38 26.84
C ASP G 31 36.85 23.85 28.09
N PHE G 32 36.78 25.16 28.35
CA PHE G 32 36.30 25.61 29.66
C PHE G 32 35.26 26.73 29.57
N TYR G 33 34.28 26.65 30.48
CA TYR G 33 33.46 27.81 30.77
C TYR G 33 34.33 28.95 31.27
N MET G 34 33.98 30.16 30.87
CA MET G 34 34.64 31.35 31.35
C MET G 34 33.58 32.25 31.96
N SER G 35 34.02 33.12 32.86
CA SER G 35 33.07 33.92 33.61
C SER G 35 33.69 35.26 33.97
N TRP G 36 32.83 36.16 34.39
CA TRP G 36 33.17 37.47 34.90
C TRP G 36 32.53 37.60 36.27
N ILE G 37 33.30 38.12 37.23
CA ILE G 37 32.85 38.33 38.61
C ILE G 37 33.27 39.73 39.04
N ARG G 38 32.47 40.38 39.89
CA ARG G 38 32.80 41.73 40.34
C ARG G 38 32.68 41.87 41.85
N GLN G 39 33.28 42.93 42.37
CA GLN G 39 33.32 43.13 43.82
C GLN G 39 33.56 44.61 44.12
N ALA G 40 32.59 45.28 44.73
CA ALA G 40 32.82 46.66 45.15
C ALA G 40 33.84 46.67 46.29
N PRO G 41 34.82 47.60 46.27
CA PRO G 41 35.88 47.57 47.30
C PRO G 41 35.35 47.52 48.73
N GLY G 42 35.70 46.47 49.47
CA GLY G 42 35.19 46.30 50.81
C GLY G 42 33.92 45.51 50.93
N LYS G 43 33.34 45.10 49.82
CA LYS G 43 32.15 44.26 49.76
C LYS G 43 32.54 42.82 49.37
N GLY G 44 31.52 41.96 49.25
CA GLY G 44 31.73 40.59 48.83
C GLY G 44 31.80 40.39 47.33
N LEU G 45 31.90 39.11 46.97
CA LEU G 45 32.03 38.67 45.59
C LEU G 45 30.66 38.53 44.92
N GLU G 46 30.51 39.14 43.76
CA GLU G 46 29.22 39.20 43.08
C GLU G 46 29.43 38.75 41.64
N TRP G 47 28.78 37.65 41.24
CA TRP G 47 28.95 37.15 39.88
C TRP G 47 28.23 38.06 38.88
N VAL G 48 28.73 38.08 37.65
CA VAL G 48 28.21 38.92 36.59
C VAL G 48 27.74 38.09 35.40
N SER G 49 28.61 37.23 34.87
CA SER G 49 28.23 36.48 33.68
C SER G 49 29.15 35.30 33.51
N TYR G 50 28.66 34.27 32.80
CA TYR G 50 29.50 33.17 32.36
C TYR G 50 28.87 32.57 31.12
N MET G 51 29.68 31.82 30.37
CA MET G 51 29.24 31.19 29.13
C MET G 51 30.00 29.90 28.96
N SER G 52 29.37 28.96 28.26
CA SER G 52 30.00 27.69 27.97
C SER G 52 31.19 27.89 27.05
N ALA G 53 31.97 26.81 26.90
CA ALA G 53 33.15 26.85 26.05
C ALA G 53 32.78 27.25 24.63
N THR G 54 31.78 26.61 24.06
CA THR G 54 31.25 27.11 22.81
C THR G 54 29.78 26.71 22.83
N GLY G 55 28.95 27.60 23.32
CA GLY G 55 27.62 27.07 23.44
C GLY G 55 26.54 28.09 23.68
N GLY G 56 25.36 27.53 23.78
CA GLY G 56 24.08 28.13 24.03
C GLY G 56 23.89 28.43 25.47
N ASN G 57 24.88 28.11 26.30
CA ASN G 57 24.72 28.40 27.71
C ASN G 57 25.44 29.70 28.05
N ILE G 58 24.64 30.76 28.15
CA ILE G 58 25.07 32.09 28.54
C ILE G 58 24.17 32.51 29.68
N TYR G 59 24.77 32.92 30.80
CA TYR G 59 24.05 33.38 31.97
C TYR G 59 24.46 34.81 32.28
N TYR G 60 23.50 35.67 32.55
CA TYR G 60 23.77 37.02 33.03
C TYR G 60 23.14 37.23 34.39
N ALA G 61 23.80 38.01 35.25
CA ALA G 61 23.27 38.31 36.58
C ALA G 61 22.11 39.30 36.52
N ASP G 62 21.07 39.05 37.32
CA ASP G 62 19.89 39.93 37.32
C ASP G 62 20.27 41.38 37.60
N SER G 63 21.29 41.61 38.42
CA SER G 63 21.72 42.96 38.77
C SER G 63 22.04 43.77 37.53
N MET G 64 22.58 43.12 36.50
CA MET G 64 22.96 43.79 35.26
C MET G 64 22.13 43.33 34.08
N LYS G 65 21.00 42.67 34.33
CA LYS G 65 20.21 42.05 33.27
C LYS G 65 19.90 43.08 32.19
N GLY G 66 20.14 42.69 30.94
CA GLY G 66 19.83 43.47 29.75
C GLY G 66 20.87 44.52 29.39
N ARG G 67 21.92 44.66 30.22
CA ARG G 67 22.98 45.65 30.01
C ARG G 67 24.35 45.05 29.71
N LEU G 68 24.50 43.74 29.57
CA LEU G 68 25.82 43.24 29.17
C LEU G 68 25.71 42.01 28.28
N THR G 69 26.67 41.92 27.34
CA THR G 69 26.82 40.81 26.40
C THR G 69 28.18 40.16 26.65
N ILE G 70 28.17 38.85 26.88
CA ILE G 70 29.40 38.09 26.99
C ILE G 70 29.72 37.43 25.65
N SER G 71 31.01 37.27 25.36
CA SER G 71 31.44 36.59 24.14
C SER G 71 32.90 36.15 24.30
N ARG G 72 33.31 35.27 23.40
CA ARG G 72 34.67 34.77 23.40
C ARG G 72 35.08 34.48 21.96
N ASP G 73 36.39 34.57 21.69
CA ASP G 73 36.97 34.13 20.43
C ASP G 73 38.05 33.11 20.79
N ASN G 74 37.73 31.81 20.63
CA ASN G 74 38.61 30.77 21.17
C ASN G 74 39.91 30.60 20.36
N THR G 75 39.94 31.06 19.11
CA THR G 75 41.17 31.03 18.31
C THR G 75 42.22 31.96 18.91
N LYS G 76 41.77 33.00 19.60
CA LYS G 76 42.64 33.99 20.23
C LYS G 76 42.66 33.85 21.76
N ASN G 77 42.13 32.76 22.30
CA ASN G 77 42.13 32.49 23.74
C ASN G 77 41.58 33.70 24.50
N SER G 78 40.47 34.25 24.02
CA SER G 78 40.01 35.55 24.50
C SER G 78 38.52 35.52 24.87
N LEU G 79 38.22 36.15 26.00
CA LEU G 79 36.87 36.30 26.51
C LEU G 79 36.53 37.79 26.62
N PHE G 80 35.29 38.14 26.32
CA PHE G 80 34.91 39.53 26.31
C PHE G 80 33.63 39.74 27.13
N LEU G 81 33.51 40.95 27.66
CA LEU G 81 32.33 41.42 28.35
C LEU G 81 32.04 42.84 27.90
N GLN G 82 30.91 43.05 27.22
CA GLN G 82 30.46 44.37 26.81
C GLN G 82 29.43 44.88 27.82
N MET G 83 29.69 46.05 28.40
CA MET G 83 28.84 46.64 29.43
C MET G 83 28.24 47.96 28.94
N ASN G 84 26.91 48.02 28.91
CA ASN G 84 26.18 49.19 28.40
C ASN G 84 25.45 49.91 29.52
N SER G 85 25.16 51.19 29.27
CA SER G 85 24.37 52.00 30.18
C SER G 85 24.91 51.86 31.60
N LEU G 86 26.21 52.09 31.75
CA LEU G 86 26.83 51.93 33.05
C LEU G 86 26.33 53.03 33.98
N ARG G 87 26.33 52.70 35.28
CA ARG G 87 25.85 53.59 36.32
C ARG G 87 26.87 53.65 37.44
N ALA G 88 26.68 54.63 38.32
CA ALA G 88 27.61 54.86 39.39
C ALA G 88 27.73 53.66 40.32
N ASP G 89 26.64 52.94 40.57
CA ASP G 89 26.67 51.71 41.37
C ASP G 89 27.17 50.52 40.60
N ASP G 90 27.85 50.74 39.49
CA ASP G 90 28.51 49.68 38.76
C ASP G 90 30.01 49.73 38.90
N THR G 91 30.55 50.80 39.49
CA THR G 91 31.99 50.83 39.73
C THR G 91 32.36 49.78 40.76
N ALA G 92 33.40 49.04 40.45
CA ALA G 92 33.77 47.87 41.24
C ALA G 92 35.02 47.27 40.64
N LEU G 93 35.56 46.28 41.33
CA LEU G 93 36.61 45.45 40.79
C LEU G 93 35.94 44.35 39.97
N TYR G 94 36.41 44.21 38.74
CA TYR G 94 35.92 43.18 37.84
C TYR G 94 37.03 42.14 37.70
N TYR G 95 36.65 40.88 37.86
CA TYR G 95 37.54 39.74 37.74
C TYR G 95 37.09 38.89 36.56
N CYS G 96 38.08 38.28 35.92
CA CYS G 96 37.90 37.22 34.95
C CYS G 96 38.25 35.92 35.67
N ALA G 97 37.45 34.88 35.43
CA ALA G 97 37.70 33.62 36.13
C ALA G 97 37.34 32.46 35.24
N ARG G 98 38.03 31.35 35.47
CA ARG G 98 37.77 30.10 34.77
C ARG G 98 36.85 29.22 35.62
N ARG G 99 35.86 28.62 34.98
CA ARG G 99 34.93 27.71 35.62
C ARG G 99 35.33 26.30 35.22
N LYS G 100 35.19 25.33 36.14
CA LYS G 100 35.84 24.06 35.89
C LYS G 100 34.91 22.87 35.77
N PHE G 101 33.86 22.76 36.58
CA PHE G 101 33.00 21.58 36.37
C PHE G 101 31.59 22.04 36.13
N GLY G 102 30.59 21.18 36.34
CA GLY G 102 29.25 21.70 36.22
C GLY G 102 28.22 20.92 37.01
N ALA G 103 26.95 21.25 36.74
CA ALA G 103 25.82 20.51 37.30
C ALA G 103 25.97 20.31 38.81
N GLY G 104 26.33 21.40 39.50
CA GLY G 104 26.49 21.36 40.94
C GLY G 104 27.91 21.46 41.45
N SER G 105 28.92 21.26 40.59
CA SER G 105 30.32 21.31 41.01
C SER G 105 31.09 22.52 40.50
N ALA G 106 30.49 23.38 39.70
CA ALA G 106 31.31 24.39 39.03
C ALA G 106 32.11 25.17 40.08
N ILE G 107 33.36 25.46 39.77
CA ILE G 107 34.21 26.21 40.69
C ILE G 107 34.93 27.26 39.87
N PHE G 108 35.28 28.34 40.53
CA PHE G 108 36.08 29.38 39.90
C PHE G 108 37.52 29.10 40.28
N ASP G 109 38.18 28.25 39.48
CA ASP G 109 39.45 27.69 39.93
C ASP G 109 40.68 28.54 39.61
N HIS G 110 40.57 29.55 38.74
CA HIS G 110 41.66 30.51 38.53
C HIS G 110 41.06 31.88 38.29
N TRP G 111 41.67 32.89 38.90
CA TRP G 111 41.13 34.25 38.84
C TRP G 111 42.18 35.20 38.28
N SER G 112 41.71 36.14 37.46
CA SER G 112 42.53 37.23 36.97
C SER G 112 42.76 38.25 38.10
N GLN G 113 43.70 39.17 37.90
CA GLN G 113 43.73 40.27 38.84
C GLN G 113 42.51 41.13 38.56
N GLY G 114 42.09 41.89 39.57
CA GLY G 114 40.94 42.76 39.42
C GLY G 114 41.33 44.08 38.76
N THR G 115 40.59 44.47 37.73
CA THR G 115 40.76 45.86 37.32
C THR G 115 39.60 46.69 37.86
N LEU G 116 39.89 47.96 38.10
CA LEU G 116 38.93 48.88 38.67
C LEU G 116 38.20 49.59 37.52
N VAL G 117 36.88 49.50 37.50
CA VAL G 117 36.09 50.35 36.63
C VAL G 117 35.41 51.40 37.50
N THR G 118 35.58 52.65 37.11
CA THR G 118 35.04 53.80 37.80
C THR G 118 34.05 54.45 36.86
N VAL G 119 32.79 54.51 37.25
CA VAL G 119 31.77 55.17 36.46
C VAL G 119 31.52 56.53 37.09
N SER G 120 31.83 57.61 36.36
CA SER G 120 31.76 58.95 36.93
C SER G 120 31.84 60.01 35.83
N SER G 121 31.08 61.09 36.03
CA SER G 121 31.15 62.27 35.18
C SER G 121 32.43 63.07 35.39
N ALA G 122 33.16 62.76 36.47
CA ALA G 122 34.41 63.46 36.76
C ALA G 122 35.49 63.10 35.75
N SER G 123 36.36 64.08 35.51
CA SER G 123 37.47 63.92 34.57
C SER G 123 38.70 63.37 35.29
N THR G 124 39.51 62.64 34.54
CA THR G 124 40.74 62.10 35.11
C THR G 124 41.74 63.23 35.35
N LYS G 125 42.38 63.22 36.53
CA LYS G 125 43.29 64.27 36.96
C LYS G 125 44.53 63.64 37.58
N GLY G 126 45.70 64.15 37.21
CA GLY G 126 46.96 63.68 37.74
C GLY G 126 47.28 64.36 39.06
N PRO G 127 48.06 63.71 39.90
CA PRO G 127 48.33 64.25 41.24
C PRO G 127 49.41 65.31 41.21
N SER G 128 49.39 66.14 42.25
CA SER G 128 50.45 67.08 42.56
C SER G 128 51.19 66.54 43.79
N VAL G 129 52.52 66.50 43.72
CA VAL G 129 53.36 65.88 44.75
C VAL G 129 54.09 66.95 45.53
N PHE G 130 53.93 66.95 46.85
CA PHE G 130 54.61 67.92 47.70
C PHE G 130 55.50 67.23 48.73
N PRO G 131 56.64 67.83 49.07
CA PRO G 131 57.55 67.19 50.02
C PRO G 131 57.15 67.40 51.47
N LEU G 132 57.51 66.42 52.29
CA LEU G 132 57.32 66.47 53.74
C LEU G 132 58.69 66.36 54.42
N ALA G 133 59.28 67.51 54.78
CA ALA G 133 60.64 67.53 55.33
C ALA G 133 60.67 67.01 56.77
N PRO G 134 61.82 66.50 57.21
CA PRO G 134 61.96 66.06 58.60
C PRO G 134 62.50 67.15 59.51
N SER G 135 62.31 66.95 60.81
CA SER G 135 62.71 67.94 61.83
C SER G 135 64.14 67.71 62.34
N GLY G 142 66.31 60.02 68.93
CA GLY G 142 67.04 59.88 67.68
C GLY G 142 66.24 59.18 66.60
N ALA G 144 64.50 59.96 62.69
CA ALA G 144 63.49 60.81 62.03
C ALA G 144 62.91 60.20 60.71
N ALA G 145 61.74 60.69 60.30
CA ALA G 145 61.03 60.19 59.12
C ALA G 145 60.61 61.34 58.20
N LEU G 146 60.60 61.06 56.89
CA LEU G 146 60.14 62.00 55.88
C LEU G 146 59.32 61.27 54.82
N GLY G 147 58.68 62.05 53.97
CA GLY G 147 57.87 61.47 52.91
C GLY G 147 57.35 62.54 51.98
N CYS G 148 56.46 62.12 51.06
CA CYS G 148 55.82 63.03 50.13
C CYS G 148 54.31 62.79 50.14
N LEU G 149 53.58 63.77 49.59
CA LEU G 149 52.12 63.85 49.61
C LEU G 149 51.60 63.92 48.19
N VAL G 150 50.91 62.87 47.73
CA VAL G 150 50.27 62.88 46.42
C VAL G 150 48.86 63.47 46.60
N LYS G 151 48.59 64.60 45.95
CA LYS G 151 47.37 65.35 46.26
C LYS G 151 46.50 65.59 45.02
N ASP G 152 45.19 65.40 45.21
CA ASP G 152 44.15 65.80 44.25
C ASP G 152 44.33 65.07 42.91
N TYR G 153 44.12 63.77 42.96
CA TYR G 153 44.16 62.93 41.77
C TYR G 153 42.86 62.15 41.66
N PHE G 154 42.54 61.73 40.43
CA PHE G 154 41.35 60.97 40.12
C PHE G 154 41.61 60.26 38.80
N PRO G 155 41.22 58.97 38.65
CA PRO G 155 40.70 58.00 39.62
C PRO G 155 41.79 57.43 40.51
N GLU G 156 41.37 56.40 41.25
CA GLU G 156 42.03 56.06 42.51
C GLU G 156 43.43 55.47 42.34
N PRO G 157 43.69 54.47 41.50
CA PRO G 157 44.95 53.71 41.68
C PRO G 157 46.21 54.54 41.60
N VAL G 158 46.93 54.68 42.73
CA VAL G 158 48.23 55.38 42.77
C VAL G 158 49.23 54.53 43.54
N THR G 159 50.48 54.55 43.09
CA THR G 159 51.59 53.80 43.68
C THR G 159 52.77 54.73 43.90
N VAL G 160 53.46 54.55 45.03
CA VAL G 160 54.61 55.36 45.43
C VAL G 160 55.75 54.45 45.88
N SER G 161 56.97 54.75 45.43
CA SER G 161 58.20 54.05 45.75
C SER G 161 59.33 55.08 45.90
N TRP G 162 60.57 54.58 46.09
CA TRP G 162 61.77 55.42 46.22
C TRP G 162 62.95 54.87 45.35
N ASN G 163 62.63 54.45 44.08
CA ASN G 163 63.60 53.73 43.18
C ASN G 163 64.47 52.77 43.93
N SER G 164 63.72 51.84 44.50
CA SER G 164 64.22 50.68 45.14
C SER G 164 65.37 51.10 46.02
N GLY G 165 65.22 52.28 46.67
CA GLY G 165 66.08 52.53 47.83
C GLY G 165 66.07 51.24 48.62
N ALA G 166 64.89 50.51 48.56
CA ALA G 166 64.77 49.14 49.14
C ALA G 166 65.64 48.98 50.41
N SER G 169 60.66 48.55 51.74
CA SER G 169 61.99 48.77 52.33
C SER G 169 61.91 49.71 53.58
N GLY G 170 61.13 49.31 54.58
CA GLY G 170 60.88 50.14 55.74
C GLY G 170 60.04 51.39 55.47
N VAL G 171 58.85 51.22 54.92
CA VAL G 171 57.98 52.25 54.32
C VAL G 171 56.49 51.84 54.37
N HIS G 172 55.54 52.86 54.29
CA HIS G 172 54.10 52.58 54.28
C HIS G 172 53.48 53.72 53.56
N THR G 173 52.87 53.42 52.42
CA THR G 173 52.08 54.39 51.69
C THR G 173 50.65 54.17 52.19
N PHE G 174 50.13 55.15 52.90
CA PHE G 174 48.80 55.09 53.47
C PHE G 174 47.73 55.00 52.39
N PRO G 175 46.67 54.31 52.66
CA PRO G 175 45.51 54.39 51.78
C PRO G 175 45.07 55.84 51.60
N ALA G 176 44.30 56.09 50.56
CA ALA G 176 43.97 57.44 50.16
C ALA G 176 42.69 57.93 50.81
N VAL G 177 42.62 59.23 50.98
CA VAL G 177 41.42 59.93 51.42
C VAL G 177 40.71 60.50 50.20
N LEU G 178 39.37 60.50 50.24
CA LEU G 178 38.55 61.07 49.18
C LEU G 178 38.05 62.43 49.66
N GLN G 179 38.69 63.51 49.20
CA GLN G 179 38.28 64.83 49.61
C GLN G 179 36.87 65.13 49.10
N SER G 180 36.17 66.03 49.82
CA SER G 180 34.84 66.44 49.38
C SER G 180 34.86 66.94 47.93
N SER G 181 36.00 67.52 47.50
CA SER G 181 36.12 68.02 46.15
C SER G 181 35.81 66.96 45.11
N GLY G 182 36.08 65.70 45.40
CA GLY G 182 35.99 64.63 44.44
C GLY G 182 37.34 64.05 44.02
N LEU G 183 38.44 64.61 44.51
CA LEU G 183 39.76 64.10 44.22
C LEU G 183 40.32 63.38 45.45
N TYR G 184 41.20 62.41 45.21
CA TYR G 184 41.84 61.64 46.25
C TYR G 184 43.15 62.27 46.68
N SER G 185 43.67 61.79 47.82
CA SER G 185 44.99 62.18 48.26
C SER G 185 45.51 61.10 49.20
N LEU G 186 46.77 60.73 49.01
CA LEU G 186 47.45 59.75 49.87
C LEU G 186 48.87 60.22 50.15
N SER G 187 49.46 59.68 51.20
CA SER G 187 50.81 60.00 51.66
C SER G 187 51.65 58.73 51.66
N SER G 188 52.98 58.88 51.54
CA SER G 188 53.88 57.72 51.60
C SER G 188 55.14 58.11 52.35
N VAL G 189 55.34 57.57 53.54
CA VAL G 189 56.42 58.00 54.43
C VAL G 189 57.39 56.85 54.68
N VAL G 190 58.68 57.19 54.74
CA VAL G 190 59.78 56.29 55.04
C VAL G 190 60.54 56.82 56.23
N THR G 191 61.19 55.93 56.97
CA THR G 191 61.98 56.28 58.14
C THR G 191 63.44 55.90 57.91
N VAL G 192 64.35 56.80 58.29
CA VAL G 192 65.77 56.65 57.99
C VAL G 192 66.68 57.22 59.08
N PRO G 193 67.96 56.84 59.14
CA PRO G 193 68.86 57.35 60.18
C PRO G 193 68.89 58.88 60.25
N SER G 194 68.84 59.40 61.48
CA SER G 194 68.85 60.84 61.74
C SER G 194 70.17 61.51 61.35
N GLN G 200 71.01 58.87 52.13
CA GLN G 200 71.56 60.21 52.00
C GLN G 200 70.63 61.09 51.17
N THR G 201 70.53 60.80 49.86
CA THR G 201 69.57 61.47 48.98
C THR G 201 68.30 60.62 48.85
N TYR G 202 67.14 61.21 49.15
CA TYR G 202 65.86 60.50 49.17
C TYR G 202 64.91 61.12 48.17
N ILE G 203 64.49 60.31 47.19
CA ILE G 203 63.57 60.70 46.14
C ILE G 203 62.37 59.77 46.17
N CYS G 204 61.16 60.33 46.08
CA CYS G 204 59.93 59.54 46.02
C CYS G 204 59.36 59.58 44.61
N ASN G 205 58.97 58.41 44.11
CA ASN G 205 58.41 58.28 42.77
C ASN G 205 56.95 57.88 42.85
N VAL G 206 56.10 58.68 42.26
CA VAL G 206 54.67 58.44 42.21
C VAL G 206 54.27 58.13 40.77
N ASN G 207 53.42 57.11 40.62
CA ASN G 207 52.96 56.63 39.33
C ASN G 207 51.43 56.51 39.36
N HIS G 208 50.75 57.46 38.72
CA HIS G 208 49.29 57.47 38.59
C HIS G 208 48.96 57.02 37.17
N LYS G 209 48.86 55.70 36.98
CA LYS G 209 48.67 55.15 35.65
C LYS G 209 47.43 55.69 34.93
N PRO G 210 46.27 55.85 35.58
CA PRO G 210 45.07 56.30 34.86
C PRO G 210 45.25 57.64 34.16
N SER G 211 46.30 58.41 34.49
CA SER G 211 46.65 59.59 33.70
C SER G 211 48.04 59.48 33.08
N ASN G 212 48.74 58.36 33.30
CA ASN G 212 50.08 58.14 32.76
C ASN G 212 51.05 59.17 33.31
N THR G 213 50.85 59.56 34.56
CA THR G 213 51.74 60.47 35.28
C THR G 213 52.77 59.68 36.08
N LYS G 214 54.03 60.08 35.93
CA LYS G 214 55.16 59.47 36.63
C LYS G 214 56.04 60.60 37.13
N VAL G 215 55.92 60.93 38.43
CA VAL G 215 56.66 62.05 39.00
C VAL G 215 57.71 61.53 39.97
N ASP G 216 58.82 62.26 40.06
CA ASP G 216 59.91 62.02 40.99
C ASP G 216 60.09 63.25 41.87
N LYS G 217 60.26 63.03 43.17
CA LYS G 217 60.36 64.11 44.15
C LYS G 217 61.52 63.86 45.10
N LYS G 218 62.26 64.93 45.42
CA LYS G 218 63.37 64.89 46.37
C LYS G 218 62.92 65.45 47.71
N VAL G 219 63.74 65.21 48.75
CA VAL G 219 63.42 65.62 50.10
C VAL G 219 64.63 66.26 50.77
N GLU G 220 64.37 67.05 51.81
CA GLU G 220 65.40 67.75 52.58
C GLU G 220 66.24 66.79 53.42
N SER H 1 -50.48 -5.33 -40.82
CA SER H 1 -50.03 -5.56 -39.47
C SER H 1 -51.20 -5.59 -38.50
N TYR H 2 -51.00 -6.12 -37.31
CA TYR H 2 -52.08 -6.21 -36.33
C TYR H 2 -52.41 -4.82 -35.75
N GLU H 3 -53.70 -4.52 -35.61
CA GLU H 3 -54.15 -3.19 -35.20
C GLU H 3 -55.08 -3.27 -33.98
N LEU H 4 -54.94 -2.31 -33.07
CA LEU H 4 -55.79 -2.21 -31.89
C LEU H 4 -56.47 -0.85 -31.84
N THR H 5 -57.80 -0.84 -31.71
CA THR H 5 -58.53 0.41 -31.53
C THR H 5 -59.08 0.50 -30.11
N GLN H 6 -59.11 1.73 -29.61
CA GLN H 6 -59.69 2.11 -28.34
C GLN H 6 -60.53 3.35 -28.53
N PRO H 7 -61.65 3.47 -27.84
CA PRO H 7 -62.41 4.71 -27.83
C PRO H 7 -61.52 5.87 -27.41
N PRO H 8 -61.52 6.99 -28.13
CA PRO H 8 -60.60 8.08 -27.76
C PRO H 8 -60.81 8.62 -26.34
N SER H 9 -62.05 8.76 -25.86
CA SER H 9 -62.28 9.27 -24.52
C SER H 9 -63.44 8.54 -23.85
N VAL H 10 -63.39 8.51 -22.52
CA VAL H 10 -64.44 7.92 -21.69
C VAL H 10 -64.57 8.76 -20.43
N SER H 11 -65.80 9.20 -20.13
CA SER H 11 -66.10 10.09 -19.02
C SER H 11 -66.97 9.42 -17.97
N VAL H 12 -66.64 9.63 -16.70
CA VAL H 12 -67.42 9.08 -15.60
C VAL H 12 -67.41 10.06 -14.43
N SER H 13 -68.48 10.03 -13.62
CA SER H 13 -68.47 10.73 -12.36
C SER H 13 -67.76 9.89 -11.27
N PRO H 14 -67.14 10.56 -10.29
CA PRO H 14 -66.38 9.81 -9.26
C PRO H 14 -67.26 8.84 -8.50
N GLY H 15 -66.83 7.56 -8.46
CA GLY H 15 -67.56 6.47 -7.86
C GLY H 15 -68.21 5.50 -8.84
N GLN H 16 -68.55 5.96 -10.05
CA GLN H 16 -69.08 5.08 -11.09
C GLN H 16 -67.96 4.27 -11.71
N THR H 17 -68.30 3.17 -12.36
CA THR H 17 -67.26 2.35 -12.95
C THR H 17 -66.99 2.77 -14.40
N ALA H 18 -65.70 2.92 -14.74
CA ALA H 18 -65.28 3.24 -16.10
C ALA H 18 -64.82 1.98 -16.82
N SER H 19 -65.19 1.86 -18.09
CA SER H 19 -64.82 0.70 -18.91
C SER H 19 -64.06 1.19 -20.12
N VAL H 20 -62.80 0.79 -20.23
CA VAL H 20 -61.99 1.09 -21.41
C VAL H 20 -61.89 -0.19 -22.22
N THR H 21 -62.37 -0.15 -23.45
CA THR H 21 -62.43 -1.33 -24.30
C THR H 21 -61.42 -1.23 -25.42
N CYS H 22 -60.77 -2.36 -25.69
CA CYS H 22 -59.70 -2.50 -26.66
C CYS H 22 -60.15 -3.55 -27.68
N SER H 23 -60.10 -3.24 -28.96
CA SER H 23 -60.62 -4.16 -29.98
C SER H 23 -59.57 -4.49 -31.03
N GLY H 24 -59.52 -5.76 -31.40
CA GLY H 24 -58.65 -6.24 -32.47
C GLY H 24 -59.13 -7.58 -32.97
N ASP H 25 -58.68 -7.96 -34.14
CA ASP H 25 -59.15 -9.24 -34.68
C ASP H 25 -58.81 -10.41 -33.76
N LYS H 26 -59.86 -11.12 -33.31
CA LYS H 26 -59.79 -12.24 -32.37
C LYS H 26 -58.79 -11.95 -31.26
N LEU H 27 -58.88 -10.74 -30.71
CA LEU H 27 -58.04 -10.32 -29.58
C LEU H 27 -58.17 -11.23 -28.36
N GLY H 28 -59.36 -11.79 -28.14
CA GLY H 28 -59.53 -12.72 -27.03
C GLY H 28 -58.56 -13.88 -27.06
N GLU H 29 -57.99 -14.19 -28.22
CA GLU H 29 -57.03 -15.29 -28.30
C GLU H 29 -55.62 -14.88 -27.93
N ARG H 30 -55.38 -13.61 -27.64
CA ARG H 30 -54.07 -13.13 -27.24
C ARG H 30 -54.17 -12.55 -25.84
N TYR H 31 -53.03 -12.36 -25.21
CA TYR H 31 -53.01 -11.63 -23.95
C TYR H 31 -53.02 -10.14 -24.20
N VAL H 32 -53.72 -9.43 -23.34
CA VAL H 32 -53.73 -7.98 -23.35
C VAL H 32 -53.14 -7.50 -22.03
N SER H 33 -52.30 -6.50 -22.14
CA SER H 33 -51.62 -5.80 -21.07
C SER H 33 -52.12 -4.35 -21.11
N TRP H 34 -52.31 -3.71 -19.93
CA TRP H 34 -52.85 -2.34 -19.83
C TRP H 34 -51.91 -1.40 -19.07
N TYR H 35 -51.87 -0.14 -19.47
CA TYR H 35 -50.94 0.81 -18.84
C TYR H 35 -51.64 2.12 -18.57
N GLN H 36 -51.45 2.68 -17.37
CA GLN H 36 -52.03 3.96 -16.95
C GLN H 36 -50.96 5.04 -17.03
N GLN H 37 -51.28 6.16 -17.67
CA GLN H 37 -50.33 7.26 -17.81
C GLN H 37 -50.99 8.58 -17.45
N LYS H 38 -50.61 9.12 -16.29
CA LYS H 38 -51.08 10.44 -15.87
C LYS H 38 -50.21 11.52 -16.52
N ALA H 39 -50.78 12.71 -16.65
CA ALA H 39 -50.08 13.74 -17.41
C ALA H 39 -48.69 13.99 -16.84
N GLY H 40 -47.70 14.13 -17.73
CA GLY H 40 -46.34 14.44 -17.33
C GLY H 40 -45.58 13.30 -16.66
N GLN H 41 -46.15 12.09 -16.64
CA GLN H 41 -45.62 10.95 -15.90
C GLN H 41 -45.47 9.75 -16.82
N SER H 42 -44.70 8.76 -16.39
CA SER H 42 -44.49 7.58 -17.22
C SER H 42 -45.64 6.59 -17.05
N PRO H 43 -45.81 5.70 -18.03
CA PRO H 43 -46.84 4.67 -17.93
C PRO H 43 -46.58 3.75 -16.76
N ASP H 44 -47.65 3.17 -16.20
CA ASP H 44 -47.58 2.20 -15.10
C ASP H 44 -48.43 1.00 -15.46
N LEU H 45 -47.85 -0.18 -15.37
CA LEU H 45 -48.59 -1.40 -15.64
C LEU H 45 -49.67 -1.59 -14.58
N VAL H 46 -50.92 -1.72 -15.02
CA VAL H 46 -52.01 -1.94 -14.07
C VAL H 46 -52.74 -3.26 -14.29
N ILE H 47 -52.63 -3.88 -15.46
CA ILE H 47 -53.19 -5.22 -15.69
C ILE H 47 -52.27 -5.96 -16.64
N TYR H 48 -52.08 -7.25 -16.39
CA TYR H 48 -51.29 -8.03 -17.34
C TYR H 48 -51.97 -9.37 -17.57
N GLN H 49 -51.65 -9.98 -18.71
CA GLN H 49 -52.25 -11.24 -19.16
C GLN H 49 -53.77 -11.19 -19.05
N THR H 50 -54.33 -10.07 -19.53
CA THR H 50 -55.75 -9.79 -19.66
C THR H 50 -56.54 -9.67 -18.36
N ASN H 51 -56.15 -10.36 -17.30
CA ASN H 51 -56.91 -10.22 -16.07
C ASN H 51 -56.07 -10.35 -14.80
N GLN H 52 -54.75 -10.32 -14.88
CA GLN H 52 -53.92 -10.43 -13.68
C GLN H 52 -53.56 -9.04 -13.21
N ARG H 53 -53.51 -8.89 -11.91
CA ARG H 53 -53.25 -7.57 -11.38
C ARG H 53 -51.89 -7.57 -10.74
N PRO H 54 -51.00 -6.67 -11.11
CA PRO H 54 -49.71 -6.61 -10.42
C PRO H 54 -49.90 -6.28 -8.94
N SER H 55 -48.87 -6.58 -8.16
CA SER H 55 -48.97 -6.29 -6.74
C SER H 55 -49.04 -4.79 -6.55
N GLY H 56 -49.81 -4.39 -5.54
CA GLY H 56 -49.91 -2.99 -5.20
C GLY H 56 -50.66 -2.17 -6.22
N ILE H 57 -51.46 -2.79 -7.06
CA ILE H 57 -52.42 -2.08 -7.89
C ILE H 57 -53.76 -2.22 -7.20
N PRO H 58 -54.52 -1.14 -7.01
CA PRO H 58 -55.78 -1.25 -6.26
C PRO H 58 -56.70 -2.28 -6.90
N GLU H 59 -57.43 -2.99 -6.04
CA GLU H 59 -58.32 -4.04 -6.50
C GLU H 59 -59.45 -3.52 -7.37
N ARG H 60 -59.74 -2.21 -7.31
CA ARG H 60 -60.85 -1.75 -8.15
C ARG H 60 -60.55 -1.88 -9.63
N PHE H 61 -59.27 -1.97 -10.02
CA PHE H 61 -58.86 -2.26 -11.39
C PHE H 61 -58.99 -3.75 -11.71
N SER H 62 -59.58 -4.06 -12.85
CA SER H 62 -59.69 -5.46 -13.26
C SER H 62 -59.76 -5.51 -14.78
N GLY H 63 -59.47 -6.70 -15.33
CA GLY H 63 -59.50 -6.90 -16.77
C GLY H 63 -60.23 -8.18 -17.16
N SER H 64 -60.70 -8.17 -18.40
CA SER H 64 -61.46 -9.28 -18.97
C SER H 64 -61.39 -9.14 -20.49
N ASP H 65 -61.89 -10.16 -21.18
CA ASP H 65 -61.97 -10.04 -22.62
C ASP H 65 -63.11 -10.92 -23.11
N SER H 66 -63.50 -10.68 -24.35
CA SER H 66 -64.61 -11.41 -24.99
C SER H 66 -64.54 -11.19 -26.49
N GLY H 67 -64.42 -12.28 -27.25
CA GLY H 67 -64.38 -12.18 -28.70
C GLY H 67 -63.25 -11.34 -29.25
N ASN H 68 -63.59 -10.16 -29.79
CA ASN H 68 -62.58 -9.30 -30.38
C ASN H 68 -62.19 -8.15 -29.48
N THR H 69 -62.56 -8.19 -28.21
CA THR H 69 -62.33 -7.03 -27.34
C THR H 69 -61.79 -7.47 -26.00
N ALA H 70 -60.98 -6.60 -25.43
CA ALA H 70 -60.47 -6.72 -24.07
C ALA H 70 -60.87 -5.44 -23.34
N THR H 71 -61.14 -5.56 -22.04
CA THR H 71 -61.73 -4.46 -21.28
C THR H 71 -61.03 -4.28 -19.95
N LEU H 72 -60.39 -3.15 -19.76
CA LEU H 72 -59.96 -2.71 -18.43
C LEU H 72 -61.12 -2.01 -17.76
N THR H 73 -61.48 -2.44 -16.55
CA THR H 73 -62.64 -1.82 -15.93
C THR H 73 -62.28 -1.34 -14.51
N ILE H 74 -62.60 -0.07 -14.24
CA ILE H 74 -62.19 0.64 -13.02
C ILE H 74 -63.44 0.87 -12.19
N SER H 75 -63.61 0.09 -11.13
CA SER H 75 -64.75 0.28 -10.24
C SER H 75 -64.54 1.46 -9.31
N GLY H 76 -65.63 2.12 -8.97
CA GLY H 76 -65.58 3.23 -8.06
C GLY H 76 -64.48 4.21 -8.39
N THR H 77 -64.47 4.68 -9.63
CA THR H 77 -63.40 5.54 -10.13
C THR H 77 -63.16 6.74 -9.23
N GLN H 78 -61.90 7.16 -9.17
CA GLN H 78 -61.47 8.28 -8.33
C GLN H 78 -60.76 9.30 -9.20
N GLY H 79 -60.92 10.57 -8.84
CA GLY H 79 -60.16 11.60 -9.52
C GLY H 79 -58.72 11.15 -9.75
N LEU H 80 -58.14 10.47 -8.77
CA LEU H 80 -56.78 9.95 -8.89
C LEU H 80 -56.61 9.01 -10.06
N ASP H 81 -57.69 8.50 -10.65
CA ASP H 81 -57.63 7.58 -11.78
C ASP H 81 -57.66 8.28 -13.14
N GLU H 82 -57.84 9.60 -13.17
CA GLU H 82 -57.80 10.32 -14.43
C GLU H 82 -56.45 10.12 -15.10
N ALA H 83 -56.46 9.53 -16.30
CA ALA H 83 -55.23 9.26 -17.03
C ALA H 83 -55.60 8.79 -18.43
N ASP H 84 -54.57 8.64 -19.28
CA ASP H 84 -54.69 7.91 -20.52
C ASP H 84 -54.38 6.45 -20.21
N TYR H 85 -55.15 5.56 -20.80
CA TYR H 85 -54.95 4.12 -20.62
C TYR H 85 -54.66 3.50 -21.98
N TYR H 86 -53.63 2.67 -22.05
CA TYR H 86 -53.21 2.01 -23.27
C TYR H 86 -53.27 0.50 -23.13
N CYS H 87 -53.86 -0.17 -24.12
CA CYS H 87 -53.73 -1.63 -24.18
C CYS H 87 -52.50 -2.01 -25.01
N LEU H 88 -52.00 -3.21 -24.74
CA LEU H 88 -50.82 -3.69 -25.46
C LEU H 88 -51.02 -5.16 -25.74
N THR H 89 -50.72 -5.58 -26.97
CA THR H 89 -50.63 -6.97 -27.28
C THR H 89 -49.43 -7.17 -28.20
N TRP H 90 -49.16 -8.42 -28.54
CA TRP H 90 -47.98 -8.78 -29.30
C TRP H 90 -48.35 -9.55 -30.56
N ASP H 91 -47.61 -9.29 -31.62
CA ASP H 91 -47.86 -9.96 -32.88
C ASP H 91 -46.52 -10.38 -33.47
N ARG H 92 -46.25 -11.68 -33.46
CA ARG H 92 -45.03 -12.23 -34.00
C ARG H 92 -43.84 -11.35 -33.64
N GLY H 93 -43.73 -11.05 -32.35
CA GLY H 93 -42.58 -10.32 -31.84
C GLY H 93 -42.66 -8.81 -31.92
N THR H 94 -43.74 -8.25 -32.46
CA THR H 94 -43.89 -6.80 -32.58
C THR H 94 -44.85 -6.34 -31.51
N PRO H 95 -44.50 -5.38 -30.66
CA PRO H 95 -45.46 -4.92 -29.64
C PRO H 95 -46.47 -3.94 -30.26
N VAL H 96 -47.76 -4.13 -29.98
CA VAL H 96 -48.81 -3.30 -30.59
C VAL H 96 -49.57 -2.57 -29.49
N PHE H 97 -49.38 -1.26 -29.42
CA PHE H 97 -50.11 -0.42 -28.49
C PHE H 97 -51.41 0.05 -29.12
N GLY H 98 -52.47 0.01 -28.36
CA GLY H 98 -53.68 0.67 -28.77
C GLY H 98 -53.45 2.17 -28.86
N THR H 99 -54.36 2.83 -29.55
CA THR H 99 -54.48 4.27 -29.38
C THR H 99 -54.92 4.53 -27.93
N GLY H 100 -54.59 5.68 -27.39
CA GLY H 100 -54.94 5.93 -26.00
C GLY H 100 -56.44 6.14 -25.82
N THR H 101 -56.94 5.76 -24.65
CA THR H 101 -58.22 6.25 -24.16
C THR H 101 -57.98 7.22 -23.02
N LYS H 102 -58.57 8.40 -23.11
CA LYS H 102 -58.45 9.40 -22.06
C LYS H 102 -59.65 9.22 -21.14
N VAL H 103 -59.40 8.81 -19.90
CA VAL H 103 -60.47 8.70 -18.90
C VAL H 103 -60.54 9.99 -18.11
N THR H 104 -61.65 10.71 -18.23
CA THR H 104 -61.89 11.92 -17.46
C THR H 104 -62.90 11.61 -16.36
N VAL H 105 -62.60 12.08 -15.14
CA VAL H 105 -63.48 11.91 -13.97
C VAL H 105 -64.17 13.25 -13.75
N LEU H 106 -65.50 13.28 -13.90
CA LEU H 106 -66.30 14.51 -13.85
C LEU H 106 -66.78 14.86 -12.44
N GLY H 107 -65.97 15.62 -11.70
CA GLY H 107 -66.39 16.08 -10.39
C GLY H 107 -66.62 17.58 -10.28
N GLN H 108 -65.87 18.36 -11.07
CA GLN H 108 -65.92 19.82 -11.01
C GLN H 108 -67.29 20.39 -11.34
N PRO H 109 -67.81 21.31 -10.54
CA PRO H 109 -68.94 22.15 -10.98
C PRO H 109 -68.46 23.28 -11.87
N LYS H 110 -69.39 23.81 -12.67
CA LYS H 110 -69.02 24.87 -13.60
C LYS H 110 -68.37 26.03 -12.84
N ALA H 111 -67.29 26.57 -13.40
CA ALA H 111 -66.58 27.70 -12.81
C ALA H 111 -66.25 28.72 -13.90
N ASN H 112 -66.68 29.98 -13.67
CA ASN H 112 -66.46 31.10 -14.59
C ASN H 112 -65.02 31.62 -14.49
N PRO H 113 -64.43 32.02 -15.62
CA PRO H 113 -63.03 32.45 -15.60
C PRO H 113 -62.81 33.77 -14.89
N THR H 114 -61.70 33.86 -14.16
CA THR H 114 -61.16 35.14 -13.73
C THR H 114 -60.08 35.56 -14.73
N VAL H 115 -60.11 36.83 -15.09
CA VAL H 115 -59.29 37.34 -16.18
C VAL H 115 -58.40 38.46 -15.65
N THR H 116 -57.12 38.42 -16.00
CA THR H 116 -56.17 39.46 -15.61
C THR H 116 -55.42 39.94 -16.85
N LEU H 117 -55.57 41.23 -17.17
CA LEU H 117 -55.00 41.82 -18.38
C LEU H 117 -53.97 42.87 -18.03
N PHE H 118 -52.73 42.72 -18.57
CA PHE H 118 -51.59 43.63 -18.30
C PHE H 118 -51.24 44.45 -19.54
N PRO H 119 -50.93 45.73 -19.40
CA PRO H 119 -50.42 46.47 -20.56
C PRO H 119 -48.93 46.22 -20.70
N PRO H 120 -48.32 46.62 -21.82
CA PRO H 120 -46.88 46.39 -21.99
C PRO H 120 -46.06 47.21 -20.98
N SER H 121 -45.00 46.60 -20.45
CA SER H 121 -44.13 47.30 -19.50
C SER H 121 -43.36 48.43 -20.18
N SER H 122 -42.95 49.40 -19.37
CA SER H 122 -42.15 50.49 -19.87
C SER H 122 -40.86 49.98 -20.51
N GLU H 123 -40.28 48.92 -19.94
CA GLU H 123 -39.05 48.34 -20.49
C GLU H 123 -39.24 47.87 -21.92
N GLU H 124 -40.32 47.12 -22.17
CA GLU H 124 -40.54 46.62 -23.52
C GLU H 124 -40.77 47.76 -24.49
N LEU H 125 -41.63 48.72 -24.11
CA LEU H 125 -41.84 49.87 -24.97
C LEU H 125 -40.51 50.52 -25.32
N GLN H 126 -39.59 50.59 -24.35
CA GLN H 126 -38.27 51.14 -24.57
C GLN H 126 -37.45 50.31 -25.56
N ALA H 127 -37.81 49.05 -25.79
CA ALA H 127 -37.10 48.20 -26.73
C ALA H 127 -37.82 48.06 -28.06
N ASN H 128 -38.66 49.04 -28.42
CA ASN H 128 -39.39 49.06 -29.70
C ASN H 128 -40.35 47.89 -29.86
N LYS H 129 -40.95 47.45 -28.77
CA LYS H 129 -41.85 46.31 -28.73
C LYS H 129 -43.02 46.62 -27.79
N ALA H 130 -44.07 45.80 -27.88
CA ALA H 130 -45.19 45.91 -26.97
C ALA H 130 -45.98 44.61 -26.97
N THR H 131 -46.35 44.14 -25.77
CA THR H 131 -47.06 42.88 -25.61
C THR H 131 -48.09 43.05 -24.51
N LEU H 132 -49.34 42.71 -24.82
CA LEU H 132 -50.42 42.70 -23.85
C LEU H 132 -50.65 41.27 -23.41
N VAL H 133 -50.73 41.06 -22.10
CA VAL H 133 -50.85 39.75 -21.50
C VAL H 133 -52.25 39.58 -20.94
N CYS H 134 -52.94 38.53 -21.38
CA CYS H 134 -54.27 38.22 -20.87
C CYS H 134 -54.23 36.86 -20.19
N LEU H 135 -54.17 36.85 -18.85
CA LEU H 135 -54.20 35.62 -18.07
C LEU H 135 -55.64 35.24 -17.66
N ILE H 136 -56.01 33.99 -17.97
CA ILE H 136 -57.32 33.41 -17.73
C ILE H 136 -57.16 32.19 -16.83
N SER H 137 -57.83 32.19 -15.68
CA SER H 137 -57.61 31.14 -14.69
C SER H 137 -58.90 30.75 -14.00
N ASP H 138 -58.88 29.52 -13.46
CA ASP H 138 -59.89 28.98 -12.53
C ASP H 138 -61.24 28.71 -13.18
N PHE H 139 -61.25 28.18 -14.40
CA PHE H 139 -62.51 27.96 -15.10
C PHE H 139 -62.73 26.49 -15.42
N TYR H 140 -64.01 26.14 -15.51
CA TYR H 140 -64.38 24.80 -15.87
C TYR H 140 -65.77 24.88 -16.50
N PRO H 141 -65.97 24.21 -17.66
CA PRO H 141 -65.03 23.31 -18.33
C PRO H 141 -63.83 24.05 -18.98
N GLY H 142 -62.80 23.33 -19.41
CA GLY H 142 -61.60 23.95 -19.94
C GLY H 142 -61.66 24.30 -21.41
N ALA H 143 -62.43 25.34 -21.73
CA ALA H 143 -62.53 25.81 -23.10
C ALA H 143 -63.02 27.25 -23.06
N VAL H 144 -62.25 28.15 -23.67
CA VAL H 144 -62.60 29.56 -23.71
C VAL H 144 -62.28 30.04 -25.12
N THR H 145 -63.07 31.02 -25.58
CA THR H 145 -62.78 31.79 -26.78
C THR H 145 -62.24 33.15 -26.35
N VAL H 146 -61.13 33.57 -26.95
CA VAL H 146 -60.52 34.86 -26.62
C VAL H 146 -60.58 35.77 -27.84
N ALA H 147 -61.04 37.00 -27.65
CA ALA H 147 -61.06 38.00 -28.70
C ALA H 147 -60.52 39.31 -28.15
N TRP H 148 -59.61 39.93 -28.89
CA TRP H 148 -59.05 41.22 -28.52
C TRP H 148 -59.75 42.34 -29.30
N LYS H 149 -59.93 43.47 -28.65
CA LYS H 149 -60.54 44.65 -29.27
C LYS H 149 -59.62 45.84 -29.16
N ALA H 150 -59.33 46.48 -30.30
CA ALA H 150 -58.61 47.75 -30.32
C ALA H 150 -59.61 48.86 -30.58
N ASP H 151 -59.90 49.64 -29.55
CA ASP H 151 -60.89 50.72 -29.65
C ASP H 151 -62.25 50.19 -30.14
N GLY H 152 -62.63 49.01 -29.66
CA GLY H 152 -63.92 48.46 -30.03
C GLY H 152 -63.95 47.62 -31.29
N SER H 153 -62.82 47.45 -31.96
CA SER H 153 -62.78 46.67 -33.17
C SER H 153 -61.97 45.39 -32.99
N PRO H 154 -62.30 44.32 -33.71
CA PRO H 154 -61.60 43.05 -33.53
C PRO H 154 -60.12 43.15 -33.94
N VAL H 155 -59.27 42.41 -33.24
CA VAL H 155 -57.85 42.36 -33.58
C VAL H 155 -57.48 40.90 -33.70
N LYS H 156 -57.10 40.49 -34.91
CA LYS H 156 -56.68 39.11 -35.15
C LYS H 156 -55.19 38.98 -35.38
N ALA H 157 -54.57 39.97 -36.02
CA ALA H 157 -53.14 39.92 -36.26
C ALA H 157 -52.40 39.99 -34.93
N GLY H 158 -51.36 39.16 -34.80
CA GLY H 158 -50.48 39.22 -33.64
C GLY H 158 -51.02 38.65 -32.36
N VAL H 159 -52.02 37.75 -32.42
CA VAL H 159 -52.62 37.12 -31.24
C VAL H 159 -52.11 35.70 -31.12
N GLU H 160 -51.75 35.30 -29.91
CA GLU H 160 -51.30 33.94 -29.63
C GLU H 160 -51.96 33.45 -28.36
N THR H 161 -52.72 32.37 -28.46
CA THR H 161 -53.45 31.85 -27.33
C THR H 161 -53.05 30.42 -27.04
N THR H 162 -53.11 30.05 -25.78
CA THR H 162 -52.77 28.70 -25.40
C THR H 162 -54.03 27.86 -25.24
N LYS H 163 -53.87 26.57 -25.48
CA LYS H 163 -54.92 25.61 -25.18
C LYS H 163 -55.03 25.52 -23.66
N PRO H 164 -56.23 25.59 -23.09
CA PRO H 164 -56.33 25.52 -21.62
C PRO H 164 -55.74 24.21 -21.11
N SER H 165 -55.17 24.28 -19.90
CA SER H 165 -54.57 23.12 -19.25
C SER H 165 -54.97 23.10 -17.78
N LYS H 166 -55.01 21.90 -17.20
CA LYS H 166 -55.51 21.81 -15.83
C LYS H 166 -54.53 22.42 -14.81
N GLN H 167 -55.09 22.86 -13.68
CA GLN H 167 -54.40 23.48 -12.56
C GLN H 167 -54.33 22.51 -11.39
N SER H 168 -53.70 22.96 -10.30
CA SER H 168 -53.65 22.12 -9.10
C SER H 168 -55.03 21.80 -8.57
N ASN H 169 -55.92 22.81 -8.59
CA ASN H 169 -57.28 22.67 -8.07
C ASN H 169 -58.22 22.07 -9.09
N ASN H 170 -57.67 21.37 -10.07
CA ASN H 170 -58.43 20.67 -11.10
C ASN H 170 -59.26 21.61 -11.98
N LYS H 171 -59.01 22.92 -11.94
CA LYS H 171 -59.61 23.83 -12.91
C LYS H 171 -58.61 24.12 -14.05
N TYR H 172 -59.03 24.96 -14.99
CA TYR H 172 -58.21 25.21 -16.17
C TYR H 172 -57.68 26.64 -16.18
N ALA H 173 -56.56 26.81 -16.89
CA ALA H 173 -55.93 28.10 -17.11
C ALA H 173 -55.57 28.28 -18.59
N ALA H 174 -55.43 29.53 -19.01
CA ALA H 174 -55.07 29.80 -20.39
C ALA H 174 -54.59 31.24 -20.52
N SER H 175 -53.85 31.51 -21.58
CA SER H 175 -53.24 32.81 -21.74
C SER H 175 -53.31 33.26 -23.20
N SER H 176 -53.32 34.58 -23.38
CA SER H 176 -53.40 35.17 -24.69
C SER H 176 -52.51 36.40 -24.73
N TYR H 177 -51.67 36.48 -25.75
CA TYR H 177 -50.69 37.53 -25.92
C TYR H 177 -51.00 38.27 -27.20
N LEU H 178 -51.00 39.59 -27.14
CA LEU H 178 -51.28 40.43 -28.29
C LEU H 178 -50.06 41.31 -28.53
N SER H 179 -49.29 41.00 -29.56
CA SER H 179 -48.08 41.74 -29.87
C SER H 179 -48.43 42.93 -30.74
N LEU H 180 -48.05 44.13 -30.30
CA LEU H 180 -48.29 45.35 -31.06
C LEU H 180 -46.97 46.08 -31.22
N THR H 181 -46.94 46.98 -32.17
CA THR H 181 -45.82 47.90 -32.13
C THR H 181 -46.13 48.98 -31.09
N PRO H 182 -45.10 49.57 -30.49
CA PRO H 182 -45.39 50.64 -29.52
C PRO H 182 -46.30 51.73 -30.07
N GLU H 183 -46.16 52.06 -31.37
CA GLU H 183 -46.99 53.08 -32.02
C GLU H 183 -48.45 52.65 -32.10
N GLN H 184 -48.72 51.38 -32.39
CA GLN H 184 -50.10 50.89 -32.33
C GLN H 184 -50.64 50.99 -30.90
N TRP H 185 -49.78 50.76 -29.92
CA TRP H 185 -50.18 50.84 -28.52
C TRP H 185 -50.68 52.24 -28.18
N LYS H 186 -49.85 53.25 -28.45
CA LYS H 186 -50.19 54.64 -28.12
C LYS H 186 -51.15 55.25 -29.11
N SER H 187 -51.37 54.60 -30.26
CA SER H 187 -52.34 55.07 -31.23
C SER H 187 -53.75 54.95 -30.69
N HIS H 188 -54.18 53.72 -30.39
CA HIS H 188 -55.50 53.48 -29.83
C HIS H 188 -55.56 53.94 -28.38
N ARG H 189 -56.78 54.21 -27.91
CA ARG H 189 -56.95 54.66 -26.54
C ARG H 189 -57.29 53.54 -25.57
N SER H 190 -57.75 52.39 -26.06
CA SER H 190 -58.07 51.25 -25.20
C SER H 190 -57.90 49.96 -25.98
N TYR H 191 -57.40 48.92 -25.31
CA TYR H 191 -57.47 47.57 -25.83
C TYR H 191 -58.24 46.72 -24.83
N SER H 192 -58.89 45.66 -25.33
CA SER H 192 -59.72 44.79 -24.49
C SER H 192 -59.43 43.33 -24.78
N CYS H 193 -59.36 42.57 -23.70
CA CYS H 193 -59.29 41.12 -23.75
C CYS H 193 -60.64 40.58 -23.30
N GLN H 194 -61.33 39.93 -24.22
CA GLN H 194 -62.69 39.45 -24.03
C GLN H 194 -62.73 37.92 -24.09
N VAL H 195 -63.27 37.31 -23.04
CA VAL H 195 -63.21 35.87 -22.83
C VAL H 195 -64.65 35.34 -22.78
N THR H 196 -64.95 34.38 -23.65
CA THR H 196 -66.27 33.78 -23.67
C THR H 196 -66.17 32.33 -23.22
N HIS H 197 -66.97 31.99 -22.21
CA HIS H 197 -66.93 30.68 -21.56
C HIS H 197 -68.35 30.18 -21.37
N GLU H 198 -68.70 29.11 -22.09
CA GLU H 198 -70.02 28.51 -22.02
C GLU H 198 -71.12 29.56 -22.17
N GLY H 199 -70.96 30.43 -23.16
CA GLY H 199 -71.94 31.47 -23.45
C GLY H 199 -71.94 32.71 -22.56
N SER H 200 -71.07 32.79 -21.55
CA SER H 200 -70.91 33.98 -20.72
C SER H 200 -69.60 34.67 -21.07
N THR H 201 -69.63 36.01 -21.17
CA THR H 201 -68.46 36.79 -21.57
C THR H 201 -67.92 37.65 -20.44
N VAL H 202 -66.60 37.68 -20.32
CA VAL H 202 -65.88 38.50 -19.37
C VAL H 202 -64.85 39.32 -20.13
N GLU H 203 -64.67 40.58 -19.74
CA GLU H 203 -63.81 41.48 -20.48
C GLU H 203 -62.98 42.35 -19.55
N LYS H 204 -61.72 42.60 -19.93
CA LYS H 204 -60.83 43.49 -19.19
C LYS H 204 -60.24 44.50 -20.17
N THR H 205 -60.11 45.75 -19.73
CA THR H 205 -59.62 46.82 -20.60
C THR H 205 -58.42 47.50 -19.97
N VAL H 206 -57.42 47.79 -20.80
CA VAL H 206 -56.26 48.58 -20.43
C VAL H 206 -56.10 49.71 -21.44
N ALA H 207 -55.42 50.77 -21.01
CA ALA H 207 -55.19 51.98 -21.77
C ALA H 207 -53.74 52.39 -21.60
N PRO H 208 -53.14 52.97 -22.62
CA PRO H 208 -51.83 53.61 -22.42
C PRO H 208 -51.95 54.74 -21.41
N THR H 209 -50.90 54.92 -20.61
CA THR H 209 -50.83 55.92 -19.55
C THR H 209 -49.60 56.79 -19.78
N GLU H 210 -49.52 57.88 -19.05
CA GLU H 210 -48.39 58.79 -19.23
C GLU H 210 -48.18 59.54 -17.94
N CYS H 211 -46.94 59.50 -17.43
CA CYS H 211 -46.64 60.26 -16.21
C CYS H 211 -46.84 61.73 -16.50
N SER H 212 -47.88 62.32 -15.92
CA SER H 212 -48.19 63.74 -15.98
C SER H 212 -48.05 64.40 -14.59
N GLN I 1 -36.88 -2.59 -5.00
CA GLN I 1 -37.64 -1.87 -6.00
C GLN I 1 -36.81 -1.51 -7.24
N VAL I 2 -37.40 -1.81 -8.40
CA VAL I 2 -36.76 -1.53 -9.67
C VAL I 2 -36.68 -0.03 -9.89
N GLN I 3 -35.59 0.39 -10.55
CA GLN I 3 -35.33 1.78 -10.91
C GLN I 3 -34.60 1.80 -12.24
N LEU I 4 -35.09 2.61 -13.17
CA LEU I 4 -34.45 2.79 -14.47
C LEU I 4 -34.14 4.26 -14.61
N VAL I 5 -32.86 4.61 -14.76
CA VAL I 5 -32.46 6.01 -14.82
C VAL I 5 -31.93 6.31 -16.21
N GLU I 6 -32.60 7.21 -16.90
CA GLU I 6 -32.32 7.51 -18.28
C GLU I 6 -31.53 8.81 -18.37
N SER I 7 -30.68 8.90 -19.39
CA SER I 7 -29.92 10.13 -19.57
C SER I 7 -29.51 10.22 -21.03
N GLY I 8 -29.18 11.44 -21.46
CA GLY I 8 -28.70 11.67 -22.80
C GLY I 8 -29.62 12.40 -23.75
N GLY I 9 -30.76 12.92 -23.27
CA GLY I 9 -31.65 13.65 -24.15
C GLY I 9 -31.24 15.10 -24.29
N GLY I 10 -32.00 15.82 -25.11
CA GLY I 10 -31.77 17.24 -25.27
C GLY I 10 -32.00 17.68 -26.70
N LEU I 11 -31.36 18.79 -27.04
CA LEU I 11 -31.48 19.38 -28.37
C LEU I 11 -30.51 18.70 -29.33
N VAL I 12 -30.93 18.56 -30.57
CA VAL I 12 -30.05 18.04 -31.62
C VAL I 12 -30.50 18.62 -32.95
N LYS I 13 -29.54 19.05 -33.78
CA LYS I 13 -29.86 19.54 -35.10
C LYS I 13 -30.26 18.37 -36.01
N PRO I 14 -31.17 18.58 -36.96
CA PRO I 14 -31.64 17.45 -37.78
C PRO I 14 -30.51 16.83 -38.59
N GLY I 15 -30.61 15.51 -38.79
CA GLY I 15 -29.59 14.74 -39.44
C GLY I 15 -28.43 14.33 -38.56
N GLY I 16 -28.42 14.76 -37.30
CA GLY I 16 -27.37 14.41 -36.37
C GLY I 16 -27.65 13.15 -35.57
N SER I 17 -26.70 12.83 -34.70
CA SER I 17 -26.72 11.62 -33.89
C SER I 17 -26.98 11.95 -32.43
N LEU I 18 -27.51 10.96 -31.72
CA LEU I 18 -27.81 11.13 -30.30
C LEU I 18 -27.81 9.76 -29.65
N ARG I 19 -27.16 9.65 -28.50
CA ARG I 19 -27.02 8.40 -27.78
C ARG I 19 -27.80 8.47 -26.47
N LEU I 20 -28.80 7.61 -26.32
CA LEU I 20 -29.52 7.48 -25.07
C LEU I 20 -28.95 6.34 -24.25
N SER I 21 -28.96 6.51 -22.92
CA SER I 21 -28.45 5.48 -22.04
C SER I 21 -29.37 5.33 -20.85
N CYS I 22 -29.41 4.11 -20.31
CA CYS I 22 -30.29 3.76 -19.20
C CYS I 22 -29.50 2.94 -18.19
N VAL I 23 -29.56 3.32 -16.91
CA VAL I 23 -28.89 2.61 -15.83
C VAL I 23 -29.91 1.98 -14.90
N ALA I 24 -29.77 0.68 -14.66
CA ALA I 24 -30.76 -0.09 -13.94
C ALA I 24 -30.28 -0.41 -12.53
N SER I 25 -31.23 -0.55 -11.61
CA SER I 25 -30.91 -1.09 -10.30
C SER I 25 -32.18 -1.72 -9.75
N GLY I 26 -32.00 -2.60 -8.77
CA GLY I 26 -33.10 -3.22 -8.06
C GLY I 26 -33.50 -4.58 -8.58
N PHE I 27 -32.82 -5.08 -9.60
CA PHE I 27 -33.11 -6.41 -10.09
C PHE I 27 -31.85 -6.94 -10.75
N THR I 28 -31.84 -8.23 -11.01
CA THR I 28 -30.76 -8.84 -11.78
C THR I 28 -30.94 -8.48 -13.26
N PHE I 29 -30.49 -7.28 -13.61
CA PHE I 29 -30.27 -6.91 -15.00
C PHE I 29 -29.50 -8.06 -15.63
N SER I 30 -29.64 -8.25 -16.92
CA SER I 30 -29.01 -9.41 -17.58
C SER I 30 -29.82 -10.67 -17.30
N ASP I 31 -30.96 -10.55 -16.64
CA ASP I 31 -31.97 -11.58 -16.63
C ASP I 31 -33.18 -11.14 -17.43
N PHE I 32 -33.17 -9.93 -18.00
CA PHE I 32 -34.38 -9.35 -18.56
C PHE I 32 -34.12 -8.71 -19.92
N TYR I 33 -35.10 -8.88 -20.83
CA TYR I 33 -35.15 -8.03 -22.00
C TYR I 33 -35.28 -6.57 -21.55
N MET I 34 -34.65 -5.68 -22.29
CA MET I 34 -34.85 -4.26 -22.07
C MET I 34 -35.30 -3.63 -23.37
N SER I 35 -35.96 -2.48 -23.26
CA SER I 35 -36.56 -1.92 -24.46
C SER I 35 -36.61 -0.41 -24.35
N TRP I 36 -36.76 0.24 -25.50
CA TRP I 36 -36.87 1.69 -25.60
C TRP I 36 -38.21 2.01 -26.22
N ILE I 37 -38.92 2.96 -25.63
CA ILE I 37 -40.24 3.36 -26.11
C ILE I 37 -40.33 4.88 -26.12
N ARG I 38 -41.02 5.43 -27.12
CA ARG I 38 -41.09 6.87 -27.28
C ARG I 38 -42.53 7.32 -27.41
N GLN I 39 -42.71 8.62 -27.23
CA GLN I 39 -44.02 9.24 -27.23
C GLN I 39 -43.84 10.69 -27.69
N ALA I 40 -44.38 10.99 -28.86
CA ALA I 40 -44.34 12.36 -29.37
C ALA I 40 -45.32 13.24 -28.61
N PRO I 41 -44.98 14.49 -28.33
CA PRO I 41 -45.89 15.39 -27.61
C PRO I 41 -47.29 15.29 -28.19
N GLY I 42 -48.27 15.02 -27.33
CA GLY I 42 -49.60 14.68 -27.79
C GLY I 42 -49.96 13.24 -27.53
N LYS I 43 -49.00 12.48 -27.00
CA LYS I 43 -49.21 11.28 -26.21
C LYS I 43 -49.57 9.96 -26.91
N GLY I 44 -49.08 9.70 -28.13
CA GLY I 44 -49.17 8.33 -28.64
C GLY I 44 -47.98 7.48 -28.16
N LEU I 45 -48.24 6.30 -27.63
CA LEU I 45 -47.17 5.43 -27.16
C LEU I 45 -46.62 4.55 -28.29
N GLU I 46 -45.31 4.61 -28.54
CA GLU I 46 -44.74 3.97 -29.73
C GLU I 46 -43.45 3.23 -29.42
N TRP I 47 -43.42 1.92 -29.64
CA TRP I 47 -42.18 1.19 -29.34
C TRP I 47 -41.10 1.53 -30.35
N VAL I 48 -39.86 1.39 -29.91
CA VAL I 48 -38.68 1.76 -30.69
C VAL I 48 -37.78 0.56 -30.93
N SER I 49 -37.42 -0.15 -29.86
CA SER I 49 -36.46 -1.23 -29.99
C SER I 49 -36.49 -2.06 -28.73
N TYR I 50 -36.00 -3.29 -28.82
CA TYR I 50 -35.77 -4.05 -27.59
C TYR I 50 -34.76 -5.17 -27.86
N MET I 51 -34.20 -5.71 -26.80
CA MET I 51 -33.21 -6.75 -26.98
C MET I 51 -33.22 -7.72 -25.81
N SER I 52 -32.84 -8.95 -26.09
CA SER I 52 -32.74 -9.96 -25.05
C SER I 52 -31.58 -9.62 -24.11
N ALA I 53 -31.54 -10.31 -22.98
CA ALA I 53 -30.43 -10.14 -22.05
C ALA I 53 -29.09 -10.48 -22.71
N THR I 54 -29.02 -11.64 -23.36
CA THR I 54 -27.75 -12.03 -23.98
C THR I 54 -27.38 -11.14 -25.17
N GLY I 55 -28.34 -10.43 -25.73
CA GLY I 55 -28.10 -9.65 -26.93
C GLY I 55 -28.32 -10.37 -28.25
N GLY I 56 -28.71 -11.65 -28.24
CA GLY I 56 -28.88 -12.34 -29.51
C GLY I 56 -30.22 -12.13 -30.21
N ASN I 57 -31.22 -11.58 -29.51
CA ASN I 57 -32.52 -11.22 -30.08
C ASN I 57 -32.65 -9.70 -30.05
N ILE I 58 -32.53 -9.05 -31.21
CA ILE I 58 -32.66 -7.61 -31.30
C ILE I 58 -33.81 -7.29 -32.25
N TYR I 59 -34.73 -6.43 -31.81
CA TYR I 59 -35.85 -5.99 -32.63
C TYR I 59 -35.87 -4.47 -32.79
N TYR I 60 -36.01 -3.99 -34.04
CA TYR I 60 -36.17 -2.57 -34.28
C TYR I 60 -37.51 -2.26 -34.96
N ALA I 61 -38.10 -1.12 -34.61
CA ALA I 61 -39.38 -0.71 -35.19
C ALA I 61 -39.19 -0.24 -36.62
N ASP I 62 -40.15 -0.58 -37.48
CA ASP I 62 -40.02 -0.22 -38.90
C ASP I 62 -39.85 1.29 -39.08
N SER I 63 -40.51 2.09 -38.25
CA SER I 63 -40.44 3.53 -38.47
C SER I 63 -39.01 4.00 -38.53
N MET I 64 -38.17 3.42 -37.69
CA MET I 64 -36.77 3.82 -37.58
C MET I 64 -35.77 2.73 -37.93
N LYS I 65 -36.08 1.73 -38.80
CA LYS I 65 -35.10 0.62 -38.93
C LYS I 65 -33.77 1.31 -38.99
N GLY I 66 -32.75 0.72 -38.41
CA GLY I 66 -31.55 0.85 -39.21
C GLY I 66 -30.97 2.22 -39.16
N ARG I 67 -31.63 3.12 -38.45
CA ARG I 67 -31.13 4.43 -38.14
C ARG I 67 -30.78 4.45 -36.68
N LEU I 68 -30.97 3.32 -36.00
CA LEU I 68 -30.59 3.20 -34.62
C LEU I 68 -30.10 1.78 -34.32
N THR I 69 -29.15 1.72 -33.40
CA THR I 69 -28.53 0.52 -32.87
C THR I 69 -28.80 0.47 -31.37
N ILE I 70 -29.33 -0.62 -30.89
CA ILE I 70 -29.52 -0.83 -29.46
C ILE I 70 -28.32 -1.64 -28.96
N SER I 71 -27.96 -1.47 -27.70
CA SER I 71 -26.91 -2.29 -27.12
C SER I 71 -27.02 -2.26 -25.61
N ARG I 72 -26.32 -3.20 -24.96
CA ARG I 72 -26.29 -3.26 -23.50
C ARG I 72 -24.93 -3.76 -23.04
N ASP I 73 -24.52 -3.29 -21.86
CA ASP I 73 -23.27 -3.73 -21.20
C ASP I 73 -23.67 -4.24 -19.83
N ASN I 74 -23.73 -5.56 -19.70
CA ASN I 74 -24.28 -6.16 -18.49
C ASN I 74 -23.37 -6.01 -17.29
N THR I 75 -22.06 -5.80 -17.49
CA THR I 75 -21.19 -5.53 -16.35
C THR I 75 -21.47 -4.16 -15.74
N LYS I 76 -22.00 -3.20 -16.51
CA LYS I 76 -22.24 -1.87 -15.98
C LYS I 76 -23.72 -1.57 -15.79
N ASN I 77 -24.58 -2.59 -15.88
CA ASN I 77 -26.02 -2.44 -15.66
C ASN I 77 -26.59 -1.31 -16.50
N SER I 78 -26.22 -1.31 -17.78
CA SER I 78 -26.49 -0.20 -18.69
C SER I 78 -27.08 -0.67 -20.02
N LEU I 79 -28.05 0.08 -20.52
CA LEU I 79 -28.63 -0.10 -21.84
C LEU I 79 -28.44 1.18 -22.65
N PHE I 80 -28.17 1.04 -23.95
CA PHE I 80 -27.91 2.20 -24.79
C PHE I 80 -28.77 2.16 -26.05
N LEU I 81 -29.02 3.34 -26.60
CA LEU I 81 -29.68 3.50 -27.88
C LEU I 81 -28.94 4.56 -28.68
N GLN I 82 -28.33 4.16 -29.79
CA GLN I 82 -27.70 5.10 -30.71
C GLN I 82 -28.67 5.39 -31.87
N MET I 83 -29.01 6.65 -32.04
CA MET I 83 -29.93 7.09 -33.08
C MET I 83 -29.18 8.00 -34.04
N ASN I 84 -29.18 7.64 -35.31
CA ASN I 84 -28.41 8.37 -36.30
C ASN I 84 -29.36 9.09 -37.24
N SER I 85 -28.84 10.15 -37.85
CA SER I 85 -29.58 10.94 -38.85
C SER I 85 -30.99 11.27 -38.32
N LEU I 86 -31.02 11.92 -37.15
CA LEU I 86 -32.28 12.29 -36.52
C LEU I 86 -32.94 13.44 -37.29
N ARG I 87 -34.28 13.44 -37.31
CA ARG I 87 -35.07 14.51 -37.89
C ARG I 87 -36.30 14.78 -37.01
N ALA I 88 -37.00 15.87 -37.36
CA ALA I 88 -38.09 16.39 -36.54
C ALA I 88 -39.16 15.38 -36.27
N ASP I 89 -39.35 14.41 -37.14
CA ASP I 89 -40.34 13.40 -36.85
C ASP I 89 -39.91 12.46 -35.66
N ASP I 90 -38.78 12.80 -35.04
CA ASP I 90 -38.17 12.07 -33.94
C ASP I 90 -38.24 12.79 -32.61
N THR I 91 -38.64 14.05 -32.59
CA THR I 91 -38.82 14.72 -31.32
C THR I 91 -39.88 14.00 -30.49
N ALA I 92 -39.54 13.69 -29.25
CA ALA I 92 -40.48 12.90 -28.44
C ALA I 92 -39.90 12.70 -27.06
N LEU I 93 -40.74 12.18 -26.17
CA LEU I 93 -40.28 11.66 -24.89
C LEU I 93 -39.82 10.24 -25.11
N TYR I 94 -38.59 9.93 -24.69
CA TYR I 94 -38.02 8.60 -24.83
C TYR I 94 -37.97 7.92 -23.45
N TYR I 95 -38.46 6.69 -23.39
CA TYR I 95 -38.48 5.92 -22.16
C TYR I 95 -37.62 4.68 -22.32
N CYS I 96 -37.04 4.30 -21.20
CA CYS I 96 -36.42 3.01 -21.00
C CYS I 96 -37.38 2.17 -20.18
N ALA I 97 -37.51 0.91 -20.56
CA ALA I 97 -38.48 0.07 -19.89
C ALA I 97 -37.94 -1.35 -19.82
N ARG I 98 -38.33 -2.04 -18.76
CA ARG I 98 -37.97 -3.45 -18.61
C ARG I 98 -39.11 -4.31 -19.14
N ARG I 99 -38.77 -5.36 -19.88
CA ARG I 99 -39.74 -6.33 -20.40
C ARG I 99 -39.67 -7.59 -19.54
N LYS I 100 -40.82 -8.24 -19.30
CA LYS I 100 -40.81 -9.28 -18.27
C LYS I 100 -41.14 -10.68 -18.75
N PHE I 101 -42.10 -10.87 -19.65
CA PHE I 101 -42.37 -12.26 -20.02
C PHE I 101 -42.05 -12.45 -21.50
N GLY I 102 -42.57 -13.50 -22.14
CA GLY I 102 -42.38 -13.63 -23.58
C GLY I 102 -43.49 -14.40 -24.29
N ALA I 103 -43.29 -14.62 -25.59
CA ALA I 103 -44.16 -15.49 -26.40
C ALA I 103 -45.63 -15.18 -26.20
N GLY I 104 -45.95 -13.88 -26.13
CA GLY I 104 -47.30 -13.41 -26.00
C GLY I 104 -47.61 -12.75 -24.69
N SER I 105 -46.80 -12.99 -23.65
CA SER I 105 -47.11 -12.38 -22.35
C SER I 105 -46.25 -11.17 -22.03
N ALA I 106 -45.31 -10.80 -22.89
CA ALA I 106 -44.32 -9.78 -22.56
C ALA I 106 -45.02 -8.48 -22.13
N ILE I 107 -44.48 -7.87 -21.08
CA ILE I 107 -45.00 -6.64 -20.51
C ILE I 107 -43.84 -5.71 -20.22
N PHE I 108 -44.11 -4.41 -20.30
CA PHE I 108 -43.15 -3.38 -19.91
C PHE I 108 -43.53 -3.01 -18.47
N ASP I 109 -42.99 -3.77 -17.51
CA ASP I 109 -43.50 -3.69 -16.14
C ASP I 109 -42.84 -2.61 -15.29
N HIS I 110 -41.76 -1.99 -15.79
CA HIS I 110 -41.14 -0.84 -15.16
C HIS I 110 -40.57 0.09 -16.22
N TRP I 111 -40.78 1.39 -16.02
CA TRP I 111 -40.40 2.41 -16.97
C TRP I 111 -39.48 3.48 -16.38
N SER I 112 -38.51 3.85 -17.18
CA SER I 112 -37.61 4.93 -16.82
C SER I 112 -38.32 6.25 -17.00
N GLN I 113 -37.66 7.29 -16.56
CA GLN I 113 -38.55 8.38 -16.79
C GLN I 113 -38.21 9.20 -18.02
N GLY I 114 -39.21 9.93 -18.44
CA GLY I 114 -39.18 10.28 -19.83
C GLY I 114 -38.19 11.39 -20.06
N THR I 115 -37.20 11.17 -20.92
CA THR I 115 -36.36 12.30 -21.27
C THR I 115 -36.72 12.80 -22.67
N LEU I 116 -36.56 14.11 -22.85
CA LEU I 116 -36.99 14.79 -24.05
C LEU I 116 -35.82 14.92 -25.00
N VAL I 117 -35.98 14.42 -26.21
CA VAL I 117 -35.07 14.75 -27.31
C VAL I 117 -35.82 15.66 -28.26
N THR I 118 -35.24 16.82 -28.54
CA THR I 118 -35.80 17.80 -29.44
C THR I 118 -34.85 17.98 -30.61
N VAL I 119 -35.31 17.66 -31.81
CA VAL I 119 -34.52 17.85 -33.01
C VAL I 119 -35.04 19.11 -33.70
N SER I 120 -34.16 20.09 -33.88
CA SER I 120 -34.54 21.36 -34.49
C SER I 120 -33.29 22.07 -34.97
N SER I 121 -33.37 22.64 -36.17
CA SER I 121 -32.31 23.50 -36.69
C SER I 121 -32.27 24.86 -36.02
N ALA I 122 -33.33 25.23 -35.29
CA ALA I 122 -33.33 26.48 -34.55
C ALA I 122 -32.35 26.39 -33.39
N SER I 123 -31.71 27.51 -33.09
CA SER I 123 -30.74 27.57 -32.02
C SER I 123 -31.42 27.92 -30.71
N THR I 124 -30.86 27.44 -29.60
CA THR I 124 -31.42 27.78 -28.30
C THR I 124 -31.24 29.27 -28.03
N LYS I 125 -32.28 29.90 -27.48
CA LYS I 125 -32.33 31.33 -27.28
C LYS I 125 -32.81 31.62 -25.86
N GLY I 126 -32.14 32.56 -25.20
CA GLY I 126 -32.50 32.93 -23.84
C GLY I 126 -33.62 33.95 -23.78
N PRO I 127 -34.39 33.95 -22.69
CA PRO I 127 -35.56 34.82 -22.61
C PRO I 127 -35.20 36.24 -22.20
N SER I 128 -36.09 37.16 -22.57
CA SER I 128 -36.08 38.53 -22.10
C SER I 128 -37.19 38.66 -21.08
N VAL I 129 -36.87 39.23 -19.92
CA VAL I 129 -37.80 39.27 -18.79
C VAL I 129 -38.24 40.71 -18.58
N PHE I 130 -39.56 40.90 -18.58
CA PHE I 130 -40.19 42.17 -18.31
C PHE I 130 -41.15 42.05 -17.13
N PRO I 131 -41.23 43.08 -16.30
CA PRO I 131 -42.16 43.05 -15.16
C PRO I 131 -43.57 43.40 -15.60
N LEU I 132 -44.53 42.86 -14.86
CA LEU I 132 -45.94 43.15 -15.05
C LEU I 132 -46.43 43.85 -13.79
N ALA I 133 -46.43 45.18 -13.84
CA ALA I 133 -46.73 45.99 -12.65
C ALA I 133 -48.20 45.85 -12.27
N PRO I 134 -48.50 46.02 -10.99
CA PRO I 134 -49.90 45.93 -10.51
C PRO I 134 -50.61 47.27 -10.47
N SER I 135 -51.94 47.20 -10.37
CA SER I 135 -52.82 48.37 -10.40
C SER I 135 -53.06 48.87 -8.97
N SER I 136 -52.27 49.87 -8.55
CA SER I 136 -52.35 50.43 -7.20
C SER I 136 -53.75 50.95 -6.86
N GLY I 142 -58.84 45.13 -0.35
CA GLY I 142 -58.88 44.26 -1.52
C GLY I 142 -57.60 43.46 -1.76
N THR I 143 -57.33 43.18 -3.04
CA THR I 143 -56.14 42.45 -3.46
C THR I 143 -55.52 43.14 -4.66
N ALA I 144 -54.39 42.62 -5.12
CA ALA I 144 -53.76 43.09 -6.36
C ALA I 144 -52.86 41.99 -6.90
N ALA I 145 -52.61 42.04 -8.21
CA ALA I 145 -51.82 41.01 -8.88
C ALA I 145 -50.70 41.65 -9.68
N LEU I 146 -49.53 41.01 -9.63
CA LEU I 146 -48.33 41.43 -10.36
C LEU I 146 -47.63 40.19 -10.86
N GLY I 147 -46.66 40.40 -11.74
CA GLY I 147 -45.90 39.28 -12.26
C GLY I 147 -44.83 39.77 -13.20
N CYS I 148 -44.17 38.81 -13.85
CA CYS I 148 -43.18 39.09 -14.88
C CYS I 148 -43.43 38.20 -16.10
N LEU I 149 -42.93 38.66 -17.25
CA LEU I 149 -43.20 38.04 -18.55
C LEU I 149 -41.87 37.57 -19.11
N VAL I 150 -41.68 36.25 -19.20
CA VAL I 150 -40.50 35.68 -19.82
C VAL I 150 -40.81 35.47 -21.30
N LYS I 151 -40.09 36.17 -22.18
CA LYS I 151 -40.48 36.24 -23.58
C LYS I 151 -39.35 35.76 -24.47
N ASP I 152 -39.71 34.97 -25.49
CA ASP I 152 -38.82 34.57 -26.61
C ASP I 152 -37.61 33.77 -26.13
N TYR I 153 -37.89 32.55 -25.66
CA TYR I 153 -36.85 31.59 -25.33
C TYR I 153 -37.10 30.31 -26.12
N PHE I 154 -36.02 29.60 -26.51
CA PHE I 154 -36.35 28.41 -27.32
C PHE I 154 -36.63 27.11 -26.56
N PRO I 155 -35.64 26.48 -25.92
CA PRO I 155 -35.88 25.14 -25.38
C PRO I 155 -36.78 25.21 -24.16
N GLU I 156 -37.73 24.27 -24.09
CA GLU I 156 -38.91 24.53 -23.27
C GLU I 156 -38.60 24.66 -21.79
N PRO I 157 -37.86 23.74 -21.16
CA PRO I 157 -37.84 23.77 -19.70
C PRO I 157 -37.42 25.15 -19.18
N VAL I 158 -38.36 25.86 -18.55
CA VAL I 158 -38.14 27.17 -17.93
C VAL I 158 -38.74 27.13 -16.54
N THR I 159 -38.10 27.82 -15.61
CA THR I 159 -38.54 27.83 -14.21
C THR I 159 -38.63 29.25 -13.68
N VAL I 160 -39.65 29.48 -12.87
CA VAL I 160 -39.90 30.77 -12.25
C VAL I 160 -40.18 30.56 -10.77
N SER I 161 -39.55 31.38 -9.94
CA SER I 161 -39.82 31.35 -8.50
C SER I 161 -39.91 32.79 -8.01
N TRP I 162 -40.38 32.96 -6.79
CA TRP I 162 -40.61 34.30 -6.25
C TRP I 162 -39.95 34.41 -4.87
N ASN I 163 -39.21 35.50 -4.69
CA ASN I 163 -38.49 35.78 -3.44
C ASN I 163 -37.59 34.61 -3.06
N SER I 164 -37.00 33.97 -4.09
CA SER I 164 -36.11 32.82 -3.92
C SER I 164 -36.71 31.74 -3.02
N GLY I 165 -38.00 31.45 -3.24
CA GLY I 165 -38.70 30.42 -2.49
C GLY I 165 -39.61 30.93 -1.40
N ALA I 166 -39.36 32.15 -0.91
CA ALA I 166 -40.15 32.73 0.19
C ALA I 166 -41.63 32.85 -0.17
N LEU I 167 -41.95 33.35 -1.36
CA LEU I 167 -43.34 33.62 -1.76
C LEU I 167 -43.92 32.39 -2.44
N THR I 168 -44.86 31.73 -1.76
CA THR I 168 -45.56 30.59 -2.36
C THR I 168 -47.09 30.68 -2.24
N SER I 169 -47.62 31.64 -1.49
CA SER I 169 -49.05 31.68 -1.19
C SER I 169 -49.88 31.68 -2.47
N GLY I 170 -49.76 32.75 -3.26
CA GLY I 170 -50.63 32.89 -4.42
C GLY I 170 -49.95 32.89 -5.76
N VAL I 171 -49.08 31.91 -6.02
CA VAL I 171 -48.30 31.88 -7.26
C VAL I 171 -49.03 31.09 -8.33
N HIS I 172 -48.84 31.51 -9.57
CA HIS I 172 -49.45 30.83 -10.70
C HIS I 172 -48.53 31.07 -11.89
N THR I 173 -47.86 30.01 -12.30
CA THR I 173 -47.06 30.05 -13.52
C THR I 173 -47.87 29.41 -14.65
N PHE I 174 -48.45 30.23 -15.50
CA PHE I 174 -49.22 29.71 -16.60
C PHE I 174 -48.31 28.93 -17.54
N PRO I 175 -48.78 27.84 -18.12
CA PRO I 175 -48.01 27.21 -19.19
C PRO I 175 -47.71 28.20 -20.31
N ALA I 176 -46.70 27.87 -21.11
CA ALA I 176 -46.16 28.78 -22.08
C ALA I 176 -46.87 28.62 -23.44
N VAL I 177 -46.89 29.73 -24.20
CA VAL I 177 -47.44 29.75 -25.56
C VAL I 177 -46.29 29.51 -26.54
N LEU I 178 -46.58 28.79 -27.63
CA LEU I 178 -45.61 28.55 -28.70
C LEU I 178 -46.00 29.50 -29.83
N GLN I 179 -45.30 30.63 -29.93
CA GLN I 179 -45.60 31.62 -30.96
C GLN I 179 -45.27 31.09 -32.35
N SER I 180 -45.93 31.68 -33.34
CA SER I 180 -45.65 31.30 -34.72
C SER I 180 -44.17 31.41 -35.03
N SER I 181 -43.46 32.35 -34.38
CA SER I 181 -42.04 32.51 -34.62
C SER I 181 -41.27 31.21 -34.40
N GLY I 182 -41.72 30.38 -33.46
CA GLY I 182 -40.99 29.20 -33.03
C GLY I 182 -40.42 29.30 -31.63
N LEU I 183 -40.53 30.46 -31.01
CA LEU I 183 -40.04 30.72 -29.67
C LEU I 183 -41.20 30.72 -28.69
N TYR I 184 -40.92 30.38 -27.43
CA TYR I 184 -41.92 30.31 -26.39
C TYR I 184 -42.00 31.63 -25.61
N SER I 185 -43.06 31.75 -24.82
CA SER I 185 -43.26 32.85 -23.87
C SER I 185 -44.21 32.39 -22.78
N LEU I 186 -43.89 32.69 -21.53
CA LEU I 186 -44.77 32.37 -20.41
C LEU I 186 -44.79 33.53 -19.43
N SER I 187 -45.87 33.58 -18.66
CA SER I 187 -46.06 34.60 -17.64
C SER I 187 -46.18 33.91 -16.29
N SER I 188 -45.76 34.60 -15.24
CA SER I 188 -45.87 34.09 -13.87
C SER I 188 -46.37 35.23 -12.99
N VAL I 189 -47.58 35.10 -12.52
CA VAL I 189 -48.26 36.16 -11.81
C VAL I 189 -48.52 35.67 -10.40
N VAL I 190 -48.37 36.58 -9.43
CA VAL I 190 -48.62 36.28 -8.03
C VAL I 190 -49.66 37.27 -7.52
N THR I 191 -50.47 36.82 -6.56
CA THR I 191 -51.52 37.62 -5.97
C THR I 191 -51.19 37.82 -4.49
N VAL I 192 -51.34 39.05 -4.03
CA VAL I 192 -50.89 39.41 -2.68
C VAL I 192 -51.81 40.45 -2.07
N PRO I 193 -51.83 40.59 -0.74
CA PRO I 193 -52.72 41.58 -0.13
C PRO I 193 -52.54 42.95 -0.75
N SER I 194 -53.68 43.59 -1.03
CA SER I 194 -53.68 44.89 -1.67
C SER I 194 -53.04 45.98 -0.82
N SER I 195 -52.70 45.71 0.44
CA SER I 195 -51.81 46.58 1.17
C SER I 195 -50.36 46.12 0.98
N SER I 196 -49.42 46.92 1.46
CA SER I 196 -48.00 46.55 1.42
C SER I 196 -47.53 46.21 -0.01
N LEU I 197 -48.09 46.91 -1.00
CA LEU I 197 -47.60 46.78 -2.37
C LEU I 197 -46.25 47.49 -2.52
N GLY I 198 -46.08 48.63 -1.86
CA GLY I 198 -44.83 49.35 -1.92
C GLY I 198 -43.94 49.11 -0.71
N THR I 199 -44.20 48.02 0.02
CA THR I 199 -43.43 47.68 1.21
C THR I 199 -42.75 46.33 1.09
N GLN I 200 -43.44 45.32 0.54
CA GLN I 200 -42.82 44.05 0.21
C GLN I 200 -42.13 44.16 -1.14
N THR I 201 -40.89 43.69 -1.22
CA THR I 201 -40.17 43.67 -2.48
C THR I 201 -40.45 42.35 -3.17
N TYR I 202 -40.87 42.43 -4.43
CA TYR I 202 -41.30 41.26 -5.19
C TYR I 202 -40.35 41.10 -6.36
N ILE I 203 -39.56 40.04 -6.35
CA ILE I 203 -38.60 39.75 -7.41
C ILE I 203 -38.90 38.35 -7.93
N CYS I 204 -38.92 38.20 -9.24
CA CYS I 204 -39.11 36.91 -9.89
C CYS I 204 -37.78 36.44 -10.47
N ASN I 205 -37.42 35.20 -10.18
CA ASN I 205 -36.17 34.62 -10.66
C ASN I 205 -36.50 33.56 -11.69
N VAL I 206 -36.06 33.76 -12.94
CA VAL I 206 -36.34 32.84 -14.04
C VAL I 206 -35.04 32.16 -14.44
N ASN I 207 -35.10 30.83 -14.61
CA ASN I 207 -33.93 29.99 -14.88
C ASN I 207 -34.21 29.16 -16.14
N HIS I 208 -33.59 29.57 -17.23
CA HIS I 208 -33.73 28.88 -18.51
C HIS I 208 -32.47 28.03 -18.69
N LYS I 209 -32.49 26.84 -18.09
CA LYS I 209 -31.29 26.02 -18.09
C LYS I 209 -30.75 25.70 -19.48
N PRO I 210 -31.59 25.38 -20.49
CA PRO I 210 -31.04 24.99 -21.80
C PRO I 210 -30.15 26.05 -22.48
N SER I 211 -30.19 27.31 -22.05
CA SER I 211 -29.28 28.35 -22.52
C SER I 211 -28.45 29.00 -21.41
N ASN I 212 -28.56 28.54 -20.16
CA ASN I 212 -27.81 29.10 -19.02
C ASN I 212 -28.15 30.56 -18.77
N THR I 213 -29.42 30.89 -18.96
CA THR I 213 -29.96 32.20 -18.64
C THR I 213 -30.58 32.14 -17.25
N LYS I 214 -30.19 33.09 -16.41
CA LYS I 214 -30.73 33.22 -15.06
C LYS I 214 -30.87 34.71 -14.81
N VAL I 215 -32.09 35.21 -14.95
CA VAL I 215 -32.38 36.63 -14.77
C VAL I 215 -33.21 36.79 -13.51
N ASP I 216 -32.97 37.87 -12.79
CA ASP I 216 -33.77 38.23 -11.62
C ASP I 216 -34.36 39.61 -11.89
N LYS I 217 -35.65 39.77 -11.64
CA LYS I 217 -36.35 41.01 -11.97
C LYS I 217 -37.21 41.45 -10.79
N LYS I 218 -37.20 42.76 -10.53
CA LYS I 218 -38.03 43.36 -9.48
C LYS I 218 -39.30 43.93 -10.11
N VAL I 219 -40.34 44.12 -9.26
CA VAL I 219 -41.63 44.63 -9.72
C VAL I 219 -42.13 45.69 -8.74
N GLU I 220 -43.00 46.57 -9.23
CA GLU I 220 -43.56 47.69 -8.48
C GLU I 220 -44.56 48.46 -9.37
N PRO I 221 -45.49 49.24 -8.79
CA PRO I 221 -46.43 50.00 -9.64
C PRO I 221 -45.74 51.06 -10.48
N LYS I 222 -46.51 51.67 -11.39
CA LYS I 222 -45.97 52.83 -12.13
C LYS I 222 -46.42 54.16 -11.50
N SER J 1 -17.26 -26.06 -13.63
CA SER J 1 -17.58 -27.42 -14.07
C SER J 1 -18.22 -28.28 -12.97
N TYR J 2 -19.25 -29.04 -13.34
CA TYR J 2 -19.91 -29.99 -12.44
C TYR J 2 -19.07 -31.26 -12.32
N VAL J 3 -18.60 -31.58 -11.11
CA VAL J 3 -17.68 -32.69 -10.90
C VAL J 3 -18.32 -33.79 -10.06
N LEU J 4 -18.26 -35.03 -10.56
CA LEU J 4 -18.67 -36.21 -9.82
C LEU J 4 -17.44 -36.92 -9.25
N THR J 5 -17.47 -37.18 -7.94
CA THR J 5 -16.35 -37.80 -7.23
C THR J 5 -16.73 -39.22 -6.85
N GLN J 6 -15.87 -40.17 -7.19
CA GLN J 6 -16.04 -41.57 -6.83
C GLN J 6 -14.74 -42.07 -6.22
N PRO J 7 -14.82 -43.01 -5.29
CA PRO J 7 -13.61 -43.66 -4.79
C PRO J 7 -12.96 -44.46 -5.92
N PRO J 8 -11.64 -44.36 -6.09
CA PRO J 8 -11.02 -45.11 -7.19
C PRO J 8 -11.16 -46.61 -7.07
N SER J 9 -11.01 -47.18 -5.87
CA SER J 9 -10.98 -48.63 -5.73
C SER J 9 -11.80 -49.05 -4.51
N MET J 10 -12.17 -50.33 -4.50
CA MET J 10 -13.05 -50.84 -3.46
C MET J 10 -13.05 -52.37 -3.52
N SER J 11 -12.83 -53.02 -2.38
CA SER J 11 -12.92 -54.46 -2.26
C SER J 11 -14.20 -54.82 -1.52
N VAL J 12 -14.85 -55.91 -1.94
CA VAL J 12 -16.12 -56.32 -1.37
C VAL J 12 -16.15 -57.82 -1.17
N ALA J 13 -16.67 -58.27 -0.03
CA ALA J 13 -16.77 -59.70 0.22
C ALA J 13 -17.90 -60.30 -0.63
N PRO J 14 -17.72 -61.50 -1.16
CA PRO J 14 -18.77 -62.09 -1.99
C PRO J 14 -19.99 -62.46 -1.15
N GLY J 15 -21.18 -62.23 -1.71
CA GLY J 15 -22.42 -62.46 -1.00
C GLY J 15 -22.86 -61.34 -0.09
N THR J 16 -22.06 -60.29 0.06
CA THR J 16 -22.47 -59.14 0.86
C THR J 16 -23.03 -58.05 -0.03
N THR J 17 -23.43 -56.95 0.59
CA THR J 17 -24.00 -55.83 -0.12
C THR J 17 -22.90 -54.78 -0.30
N ALA J 18 -22.79 -54.25 -1.50
CA ALA J 18 -21.77 -53.27 -1.86
C ALA J 18 -22.42 -51.90 -2.01
N SER J 19 -21.72 -50.88 -1.55
CA SER J 19 -22.17 -49.50 -1.64
C SER J 19 -21.08 -48.70 -2.31
N ILE J 20 -21.37 -48.15 -3.47
CA ILE J 20 -20.40 -47.32 -4.18
C ILE J 20 -20.91 -45.89 -4.14
N PRO J 21 -20.15 -44.96 -3.59
CA PRO J 21 -20.66 -43.60 -3.46
C PRO J 21 -20.22 -42.76 -4.64
N CYS J 22 -21.06 -41.77 -4.94
CA CYS J 22 -20.83 -40.83 -6.04
C CYS J 22 -21.25 -39.45 -5.55
N GLY J 23 -20.29 -38.56 -5.38
CA GLY J 23 -20.52 -37.28 -4.72
C GLY J 23 -20.64 -36.10 -5.69
N ALA J 24 -21.58 -35.22 -5.40
CA ALA J 24 -21.66 -33.99 -6.18
C ALA J 24 -22.64 -33.04 -5.52
N ASN J 25 -22.39 -31.74 -5.68
CA ASN J 25 -23.21 -30.72 -5.05
C ASN J 25 -24.65 -30.91 -5.49
N ASN J 26 -25.53 -31.25 -4.55
CA ASN J 26 -26.96 -31.38 -4.82
C ASN J 26 -27.26 -32.47 -5.85
N ILE J 27 -26.44 -33.53 -5.90
CA ILE J 27 -26.61 -34.53 -6.94
C ILE J 27 -27.96 -35.20 -6.83
N ALA J 28 -28.47 -35.34 -5.61
CA ALA J 28 -29.74 -36.02 -5.39
C ALA J 28 -30.89 -35.38 -6.17
N LYS J 29 -30.74 -34.10 -6.55
CA LYS J 29 -31.72 -33.38 -7.35
C LYS J 29 -31.64 -33.73 -8.84
N LYS J 30 -30.68 -34.54 -9.27
CA LYS J 30 -30.54 -34.95 -10.65
C LYS J 30 -30.80 -36.44 -10.83
N ARG J 31 -30.99 -36.84 -12.09
CA ARG J 31 -31.01 -38.26 -12.44
C ARG J 31 -29.59 -38.80 -12.46
N VAL J 32 -29.38 -39.93 -11.78
CA VAL J 32 -28.06 -40.54 -11.63
C VAL J 32 -28.10 -41.95 -12.19
N HIS J 33 -27.18 -42.26 -13.11
CA HIS J 33 -27.10 -43.54 -13.81
C HIS J 33 -25.76 -44.23 -13.53
N TRP J 34 -25.76 -45.55 -13.67
CA TRP J 34 -24.59 -46.34 -13.32
C TRP J 34 -24.26 -47.28 -14.46
N TYR J 35 -22.99 -47.34 -14.81
CA TYR J 35 -22.47 -48.22 -15.84
C TYR J 35 -21.42 -49.14 -15.22
N ARG J 36 -21.40 -50.38 -15.69
CA ARG J 36 -20.31 -51.28 -15.40
C ARG J 36 -19.50 -51.48 -16.67
N GLN J 37 -18.18 -51.53 -16.54
CA GLN J 37 -17.34 -51.73 -17.71
C GLN J 37 -16.33 -52.82 -17.38
N LYS J 38 -16.21 -53.79 -18.27
CA LYS J 38 -15.24 -54.85 -18.13
C LYS J 38 -14.08 -54.63 -19.11
N PRO J 39 -12.93 -55.22 -18.86
CA PRO J 39 -11.76 -54.94 -19.70
C PRO J 39 -12.06 -55.18 -21.18
N GLY J 40 -11.61 -54.24 -22.01
CA GLY J 40 -11.77 -54.35 -23.45
C GLY J 40 -13.19 -54.25 -23.97
N GLN J 41 -14.10 -53.69 -23.19
CA GLN J 41 -15.50 -53.62 -23.54
C GLN J 41 -16.05 -52.22 -23.35
N ALA J 42 -17.09 -51.91 -24.11
CA ALA J 42 -17.78 -50.66 -23.86
C ALA J 42 -18.57 -50.76 -22.54
N PRO J 43 -18.82 -49.64 -21.88
CA PRO J 43 -19.62 -49.66 -20.65
C PRO J 43 -21.01 -50.22 -20.92
N VAL J 44 -21.67 -50.65 -19.82
CA VAL J 44 -23.05 -51.15 -19.87
C VAL J 44 -23.86 -50.56 -18.71
N VAL J 45 -25.02 -50.00 -19.04
CA VAL J 45 -25.88 -49.38 -18.04
C VAL J 45 -26.42 -50.47 -17.13
N VAL J 46 -26.20 -50.30 -15.82
CA VAL J 46 -26.72 -51.26 -14.86
C VAL J 46 -27.82 -50.65 -14.01
N VAL J 47 -27.85 -49.34 -13.84
CA VAL J 47 -28.96 -48.63 -13.21
C VAL J 47 -29.35 -47.45 -14.09
N SER J 48 -30.58 -47.45 -14.58
CA SER J 48 -31.11 -46.37 -15.40
C SER J 48 -32.23 -45.69 -14.60
N ASP J 49 -31.95 -44.48 -14.13
CA ASP J 49 -32.87 -43.64 -13.37
C ASP J 49 -33.96 -43.12 -14.30
N ASP J 50 -34.74 -44.02 -14.90
CA ASP J 50 -35.63 -43.66 -15.99
C ASP J 50 -37.10 -43.87 -15.68
N GLU J 51 -37.46 -44.94 -14.96
CA GLU J 51 -38.84 -45.38 -14.74
C GLU J 51 -39.35 -46.27 -15.86
N ASP J 52 -38.60 -46.43 -16.96
CA ASP J 52 -39.08 -47.38 -17.93
C ASP J 52 -38.29 -48.69 -17.96
N ARG J 53 -36.97 -48.67 -17.71
CA ARG J 53 -36.19 -49.93 -17.73
C ARG J 53 -35.06 -49.81 -16.69
N ILE J 57 -38.35 -55.76 -13.93
CA ILE J 57 -37.06 -56.30 -14.29
C ILE J 57 -36.07 -56.20 -13.09
N PRO J 58 -36.35 -56.87 -11.95
CA PRO J 58 -35.46 -56.71 -10.79
C PRO J 58 -34.16 -57.52 -10.87
N ASP J 59 -33.06 -56.90 -10.42
CA ASP J 59 -31.75 -57.55 -10.35
C ASP J 59 -31.04 -57.03 -9.09
N ARG J 60 -29.80 -57.47 -8.91
CA ARG J 60 -29.08 -57.14 -7.69
C ARG J 60 -28.57 -55.70 -7.68
N PHE J 61 -28.76 -54.93 -8.75
CA PHE J 61 -28.24 -53.58 -8.89
C PHE J 61 -29.37 -52.58 -8.71
N SER J 62 -29.12 -51.55 -7.89
CA SER J 62 -30.11 -50.57 -7.45
C SER J 62 -29.38 -49.25 -7.18
N GLY J 63 -30.08 -48.13 -7.40
CA GLY J 63 -29.51 -46.82 -7.15
C GLY J 63 -30.34 -46.03 -6.16
N SER J 64 -29.68 -45.14 -5.41
CA SER J 64 -30.38 -44.26 -4.49
C SER J 64 -29.62 -42.94 -4.39
N LYS J 65 -30.30 -41.92 -3.89
CA LYS J 65 -29.64 -40.63 -3.80
C LYS J 65 -30.27 -39.83 -2.69
N SER J 66 -29.45 -39.02 -2.04
CA SER J 66 -29.92 -38.11 -1.02
C SER J 66 -28.88 -37.01 -0.88
N GLY J 67 -29.34 -35.75 -0.87
CA GLY J 67 -28.43 -34.64 -0.74
C GLY J 67 -27.29 -34.57 -1.74
N ASP J 68 -26.06 -34.84 -1.27
CA ASP J 68 -24.87 -34.69 -2.09
C ASP J 68 -24.28 -36.03 -2.50
N THR J 69 -25.06 -37.11 -2.42
CA THR J 69 -24.51 -38.43 -2.66
C THR J 69 -25.56 -39.32 -3.32
N ALA J 70 -25.15 -39.98 -4.38
CA ALA J 70 -25.92 -41.07 -4.97
C ALA J 70 -25.15 -42.35 -4.68
N THR J 71 -25.88 -43.43 -4.45
CA THR J 71 -25.28 -44.70 -4.05
C THR J 71 -25.76 -45.82 -4.97
N LEU J 72 -24.82 -46.57 -5.51
CA LEU J 72 -25.11 -47.82 -6.18
C LEU J 72 -24.99 -48.94 -5.16
N THR J 73 -26.06 -49.72 -5.01
CA THR J 73 -26.08 -50.85 -4.10
C THR J 73 -26.15 -52.11 -4.93
N ILE J 74 -25.26 -53.07 -4.62
CA ILE J 74 -25.23 -54.37 -5.26
C ILE J 74 -25.48 -55.43 -4.21
N SER J 75 -26.51 -56.25 -4.42
CA SER J 75 -26.85 -57.33 -3.50
C SER J 75 -26.11 -58.61 -3.87
N ARG J 76 -25.89 -59.46 -2.86
CA ARG J 76 -25.26 -60.77 -3.03
C ARG J 76 -24.11 -60.70 -4.03
N VAL J 77 -23.13 -59.86 -3.68
CA VAL J 77 -22.02 -59.60 -4.59
C VAL J 77 -21.30 -60.90 -4.93
N GLU J 78 -21.06 -61.11 -6.22
CA GLU J 78 -20.37 -62.29 -6.73
C GLU J 78 -19.18 -61.90 -7.63
N ALA J 79 -18.38 -62.92 -7.98
CA ALA J 79 -17.18 -62.73 -8.79
C ALA J 79 -17.46 -62.01 -10.10
N GLY J 80 -18.63 -62.27 -10.73
CA GLY J 80 -18.97 -61.63 -11.99
C GLY J 80 -19.28 -60.16 -11.89
N ASP J 81 -19.34 -59.63 -10.68
CA ASP J 81 -19.60 -58.22 -10.45
C ASP J 81 -18.32 -57.38 -10.39
N GLU J 82 -17.15 -58.01 -10.44
CA GLU J 82 -15.92 -57.24 -10.47
C GLU J 82 -15.90 -56.37 -11.73
N GLY J 83 -15.23 -55.24 -11.65
CA GLY J 83 -15.12 -54.35 -12.78
C GLY J 83 -15.03 -52.91 -12.34
N ASP J 84 -15.16 -52.02 -13.32
CA ASP J 84 -15.12 -50.58 -13.10
C ASP J 84 -16.53 -50.05 -13.18
N TYR J 85 -16.94 -49.27 -12.18
CA TYR J 85 -18.30 -48.74 -12.15
C TYR J 85 -18.27 -47.22 -12.22
N TYR J 86 -19.12 -46.66 -13.09
CA TYR J 86 -19.18 -45.22 -13.36
C TYR J 86 -20.58 -44.68 -13.09
N CYS J 87 -20.67 -43.56 -12.36
CA CYS J 87 -21.91 -42.81 -12.27
C CYS J 87 -21.94 -41.70 -13.35
N GLN J 88 -23.14 -41.29 -13.74
CA GLN J 88 -23.30 -40.41 -14.89
C GLN J 88 -24.49 -39.50 -14.67
N VAL J 89 -24.34 -38.23 -14.98
CA VAL J 89 -25.45 -37.28 -14.95
C VAL J 89 -25.43 -36.42 -16.21
N TRP J 90 -26.52 -35.68 -16.39
CA TRP J 90 -26.57 -34.56 -17.32
C TRP J 90 -26.88 -33.35 -16.48
N ASP J 91 -25.94 -32.41 -16.43
CA ASP J 91 -26.09 -31.20 -15.65
C ASP J 91 -26.77 -30.14 -16.50
N SER J 92 -28.01 -29.81 -16.16
CA SER J 92 -28.72 -28.83 -16.97
C SER J 92 -28.15 -27.42 -16.79
N LYS J 93 -27.42 -27.16 -15.70
CA LYS J 93 -26.84 -25.81 -15.56
C LYS J 93 -25.81 -25.54 -16.65
N THR J 94 -24.89 -26.48 -16.90
CA THR J 94 -23.90 -26.33 -17.97
C THR J 94 -24.25 -27.09 -19.25
N ASP J 95 -25.29 -27.93 -19.23
CA ASP J 95 -25.63 -28.78 -20.39
C ASP J 95 -24.45 -29.65 -20.80
N HIS J 96 -23.90 -30.37 -19.83
CA HIS J 96 -22.84 -31.34 -20.02
C HIS J 96 -23.29 -32.70 -19.50
N VAL J 97 -22.96 -33.75 -20.23
CA VAL J 97 -22.97 -35.07 -19.63
C VAL J 97 -21.68 -35.18 -18.85
N VAL J 98 -21.75 -35.74 -17.64
CA VAL J 98 -20.59 -35.82 -16.76
C VAL J 98 -20.51 -37.25 -16.22
N PHE J 99 -19.31 -37.82 -16.27
CA PHE J 99 -19.04 -39.08 -15.60
C PHE J 99 -18.17 -38.82 -14.36
N GLY J 100 -18.40 -39.58 -13.28
CA GLY J 100 -17.44 -39.62 -12.21
C GLY J 100 -16.22 -40.44 -12.63
N GLY J 101 -15.12 -40.33 -11.88
CA GLY J 101 -14.02 -41.24 -12.15
C GLY J 101 -14.47 -42.67 -11.91
N GLY J 102 -13.75 -43.63 -12.43
CA GLY J 102 -14.15 -45.01 -12.17
C GLY J 102 -14.11 -45.39 -10.69
N THR J 103 -14.84 -46.44 -10.33
CA THR J 103 -14.56 -47.21 -9.12
C THR J 103 -14.26 -48.64 -9.57
N LYS J 104 -13.02 -49.08 -9.34
CA LYS J 104 -12.60 -50.46 -9.58
C LYS J 104 -13.02 -51.34 -8.40
N VAL J 105 -14.00 -52.19 -8.62
CA VAL J 105 -14.50 -53.11 -7.61
C VAL J 105 -13.79 -54.45 -7.77
N THR J 106 -12.96 -54.81 -6.81
CA THR J 106 -12.32 -56.12 -6.81
C THR J 106 -13.01 -56.99 -5.74
N VAL J 107 -13.28 -58.26 -6.07
CA VAL J 107 -14.11 -59.13 -5.24
C VAL J 107 -13.20 -60.06 -4.43
N LEU J 108 -13.43 -60.13 -3.13
CA LEU J 108 -12.56 -60.91 -2.25
C LEU J 108 -12.70 -62.41 -2.55
N ARG J 109 -11.71 -63.16 -2.05
CA ARG J 109 -11.48 -64.52 -2.47
C ARG J 109 -10.54 -65.18 -1.48
N THR J 110 -10.46 -66.50 -1.54
CA THR J 110 -9.45 -67.20 -0.74
C THR J 110 -8.07 -67.08 -1.41
N VAL J 111 -7.02 -67.18 -0.60
CA VAL J 111 -5.66 -67.10 -1.11
C VAL J 111 -5.40 -68.26 -2.06
N ALA J 112 -4.74 -67.97 -3.18
CA ALA J 112 -4.42 -68.98 -4.19
C ALA J 112 -2.97 -68.83 -4.65
N ALA J 113 -2.21 -69.96 -4.72
CA ALA J 113 -0.83 -69.80 -5.17
C ALA J 113 -0.73 -69.80 -6.69
N PRO J 114 0.27 -69.10 -7.26
CA PRO J 114 0.39 -69.07 -8.72
C PRO J 114 1.15 -70.28 -9.25
N SER J 115 0.59 -70.94 -10.26
CA SER J 115 1.34 -71.92 -11.03
C SER J 115 2.31 -71.16 -11.92
N VAL J 116 3.59 -71.51 -11.83
CA VAL J 116 4.67 -70.78 -12.48
C VAL J 116 5.16 -71.60 -13.67
N PHE J 117 5.32 -70.95 -14.84
CA PHE J 117 5.83 -71.56 -16.06
C PHE J 117 6.96 -70.72 -16.61
N ILE J 118 7.98 -71.37 -17.17
CA ILE J 118 9.07 -70.66 -17.84
C ILE J 118 9.11 -71.13 -19.29
N PHE J 119 9.29 -70.19 -20.21
CA PHE J 119 9.25 -70.45 -21.65
C PHE J 119 10.53 -69.94 -22.28
N PRO J 120 11.28 -70.78 -22.98
CA PRO J 120 12.51 -70.33 -23.61
C PRO J 120 12.21 -69.55 -24.87
N PRO J 121 13.15 -68.74 -25.37
CA PRO J 121 12.91 -68.02 -26.61
C PRO J 121 12.90 -69.00 -27.75
N SER J 122 12.03 -68.76 -28.73
CA SER J 122 12.06 -69.56 -29.96
C SER J 122 13.28 -69.17 -30.81
N ASP J 123 13.79 -70.11 -31.60
CA ASP J 123 14.77 -69.75 -32.62
C ASP J 123 14.18 -69.26 -33.94
N GLU J 124 12.86 -69.18 -34.08
CA GLU J 124 12.34 -68.27 -35.09
C GLU J 124 12.74 -66.84 -34.76
N GLN J 125 12.56 -66.45 -33.50
CA GLN J 125 13.03 -65.15 -33.03
C GLN J 125 14.54 -65.14 -32.95
N LEU J 126 15.12 -66.25 -32.51
CA LEU J 126 16.55 -66.43 -32.30
C LEU J 126 17.36 -66.22 -33.59
N LYS J 127 16.79 -66.60 -34.75
CA LYS J 127 17.38 -66.25 -36.04
C LYS J 127 17.42 -64.73 -36.24
N SER J 128 16.48 -64.01 -35.65
CA SER J 128 16.52 -62.55 -35.68
C SER J 128 17.57 -62.14 -34.65
N GLY J 129 17.61 -60.87 -34.25
CA GLY J 129 18.62 -60.45 -33.30
C GLY J 129 18.33 -60.53 -31.81
N THR J 130 17.16 -61.01 -31.38
CA THR J 130 16.75 -60.92 -29.99
C THR J 130 16.29 -62.26 -29.43
N ALA J 131 16.26 -62.34 -28.09
CA ALA J 131 15.74 -63.49 -27.35
C ALA J 131 14.77 -62.98 -26.27
N SER J 132 13.61 -63.64 -26.17
CA SER J 132 12.60 -63.29 -25.18
C SER J 132 12.26 -64.53 -24.37
N VAL J 133 12.59 -64.51 -23.08
CA VAL J 133 12.26 -65.60 -22.17
C VAL J 133 11.05 -65.16 -21.35
N VAL J 134 10.03 -66.02 -21.28
CA VAL J 134 8.73 -65.63 -20.77
C VAL J 134 8.42 -66.47 -19.54
N CYS J 135 7.98 -65.82 -18.47
CA CYS J 135 7.54 -66.49 -17.26
C CYS J 135 6.07 -66.18 -17.01
N LEU J 136 5.27 -67.21 -16.78
CA LEU J 136 3.84 -67.05 -16.56
C LEU J 136 3.49 -67.40 -15.12
N LEU J 137 2.74 -66.52 -14.46
CA LEU J 137 2.13 -66.79 -13.16
C LEU J 137 0.62 -66.85 -13.38
N ASN J 138 0.04 -68.05 -13.27
CA ASN J 138 -1.35 -68.25 -13.63
C ASN J 138 -2.27 -68.34 -12.42
N ASN J 139 -3.36 -67.54 -12.42
CA ASN J 139 -4.51 -67.83 -11.57
C ASN J 139 -4.11 -67.92 -10.09
N PHE J 140 -3.66 -66.78 -9.59
CA PHE J 140 -3.27 -66.62 -8.20
C PHE J 140 -4.09 -65.50 -7.56
N TYR J 141 -4.11 -65.46 -6.22
CA TYR J 141 -4.80 -64.42 -5.50
C TYR J 141 -4.08 -64.29 -4.16
N PRO J 142 -3.83 -63.07 -3.69
CA PRO J 142 -4.18 -61.78 -4.27
C PRO J 142 -3.15 -61.34 -5.29
N ARG J 143 -3.31 -60.11 -5.80
CA ARG J 143 -2.58 -59.69 -6.99
C ARG J 143 -1.10 -59.51 -6.73
N GLU J 144 -0.73 -58.99 -5.56
CA GLU J 144 0.65 -58.64 -5.27
C GLU J 144 1.55 -59.85 -5.43
N ALA J 145 2.54 -59.74 -6.32
CA ALA J 145 3.54 -60.77 -6.54
C ALA J 145 4.77 -60.10 -7.15
N LYS J 146 5.94 -60.65 -6.85
CA LYS J 146 7.21 -60.12 -7.32
C LYS J 146 7.88 -61.14 -8.23
N VAL J 147 8.44 -60.67 -9.34
CA VAL J 147 9.21 -61.52 -10.23
C VAL J 147 10.65 -61.04 -10.24
N GLN J 148 11.59 -61.96 -10.07
CA GLN J 148 13.01 -61.64 -10.15
C GLN J 148 13.64 -62.57 -11.18
N TRP J 149 14.20 -61.98 -12.23
CA TRP J 149 14.83 -62.76 -13.27
C TRP J 149 16.28 -63.02 -12.94
N LYS J 150 16.74 -64.21 -13.33
CA LYS J 150 18.11 -64.67 -13.15
C LYS J 150 18.61 -65.28 -14.46
N VAL J 151 19.89 -65.03 -14.78
CA VAL J 151 20.57 -65.65 -15.91
C VAL J 151 21.83 -66.32 -15.39
N ASP J 152 21.91 -67.65 -15.54
CA ASP J 152 22.85 -68.51 -14.80
C ASP J 152 22.44 -68.39 -13.34
N ASN J 153 23.30 -67.90 -12.45
CA ASN J 153 22.92 -67.58 -11.09
C ASN J 153 23.07 -66.09 -10.81
N ALA J 154 23.24 -65.28 -11.86
CA ALA J 154 23.33 -63.83 -11.76
C ALA J 154 21.96 -63.18 -11.96
N LEU J 155 21.60 -62.29 -11.04
CA LEU J 155 20.34 -61.57 -11.09
C LEU J 155 20.39 -60.48 -12.15
N GLN J 156 19.33 -60.39 -12.95
CA GLN J 156 19.16 -59.29 -13.89
C GLN J 156 18.22 -58.26 -13.29
N SER J 157 18.31 -57.04 -13.81
CA SER J 157 17.43 -55.98 -13.36
C SER J 157 17.33 -54.91 -14.43
N GLY J 158 16.12 -54.37 -14.61
CA GLY J 158 15.90 -53.27 -15.53
C GLY J 158 15.84 -53.67 -16.98
N ASN J 159 15.80 -54.97 -17.28
CA ASN J 159 15.79 -55.48 -18.64
C ASN J 159 14.55 -56.31 -18.93
N SER J 160 13.54 -56.24 -18.07
CA SER J 160 12.32 -57.01 -18.25
C SER J 160 11.11 -56.14 -17.97
N GLN J 161 10.00 -56.50 -18.60
CA GLN J 161 8.73 -55.84 -18.39
C GLN J 161 7.68 -56.90 -18.08
N GLU J 162 6.72 -56.54 -17.23
CA GLU J 162 5.66 -57.45 -16.88
C GLU J 162 4.31 -56.77 -17.08
N SER J 163 3.29 -57.60 -17.27
CA SER J 163 1.91 -57.16 -17.37
C SER J 163 1.04 -58.08 -16.52
N VAL J 164 -0.09 -57.56 -16.04
CA VAL J 164 -1.01 -58.35 -15.22
C VAL J 164 -2.42 -58.25 -15.79
N THR J 165 -3.13 -59.38 -15.81
CA THR J 165 -4.52 -59.35 -16.22
C THR J 165 -5.38 -58.75 -15.11
N GLU J 166 -6.60 -58.38 -15.46
CA GLU J 166 -7.55 -58.01 -14.44
C GLU J 166 -8.07 -59.26 -13.73
N GLN J 167 -8.63 -59.04 -12.53
CA GLN J 167 -9.19 -60.13 -11.75
C GLN J 167 -10.22 -60.85 -12.61
N ASP J 168 -10.14 -62.17 -12.64
CA ASP J 168 -11.00 -62.93 -13.54
C ASP J 168 -12.43 -63.00 -13.00
N SER J 169 -13.39 -62.89 -13.91
CA SER J 169 -14.81 -62.84 -13.57
C SER J 169 -15.38 -64.18 -13.15
N LYS J 170 -14.66 -65.27 -13.34
CA LYS J 170 -15.19 -66.55 -12.94
C LYS J 170 -14.57 -67.10 -11.65
N ASP J 171 -13.29 -66.82 -11.36
CA ASP J 171 -12.62 -67.34 -10.17
C ASP J 171 -11.90 -66.30 -9.32
N SER J 172 -11.94 -65.03 -9.71
CA SER J 172 -11.41 -63.88 -8.97
C SER J 172 -9.87 -63.91 -8.81
N THR J 173 -9.15 -64.60 -9.70
CA THR J 173 -7.70 -64.65 -9.63
C THR J 173 -7.05 -63.72 -10.65
N TYR J 174 -5.74 -63.53 -10.49
CA TYR J 174 -4.92 -62.75 -11.39
C TYR J 174 -3.91 -63.65 -12.06
N SER J 175 -3.36 -63.16 -13.17
CA SER J 175 -2.30 -63.82 -13.89
C SER J 175 -1.29 -62.76 -14.30
N LEU J 176 -0.03 -63.17 -14.36
CA LEU J 176 1.05 -62.22 -14.63
C LEU J 176 2.00 -62.78 -15.69
N SER J 177 2.56 -61.88 -16.51
CA SER J 177 3.55 -62.25 -17.51
C SER J 177 4.76 -61.34 -17.37
N SER J 178 5.95 -61.94 -17.34
CA SER J 178 7.22 -61.23 -17.29
C SER J 178 8.09 -61.68 -18.47
N THR J 179 8.69 -60.72 -19.16
CA THR J 179 9.47 -60.98 -20.36
C THR J 179 10.88 -60.44 -20.17
N LEU J 180 11.85 -61.35 -20.02
CA LEU J 180 13.25 -60.96 -20.06
C LEU J 180 13.71 -60.90 -21.51
N THR J 181 14.08 -59.70 -21.96
CA THR J 181 14.54 -59.47 -23.33
C THR J 181 15.99 -59.05 -23.29
N LEU J 182 16.83 -59.79 -24.02
CA LEU J 182 18.25 -59.53 -24.22
C LEU J 182 18.58 -59.83 -25.68
N SER J 183 19.82 -59.58 -26.07
CA SER J 183 20.25 -59.95 -27.40
C SER J 183 20.58 -61.44 -27.51
N LYS J 184 20.46 -61.95 -28.74
CA LYS J 184 20.82 -63.32 -29.09
C LYS J 184 22.21 -63.68 -28.60
N ALA J 185 23.11 -62.71 -28.55
CA ALA J 185 24.48 -62.97 -28.12
C ALA J 185 24.53 -63.44 -26.68
N ASP J 186 23.75 -62.79 -25.79
CA ASP J 186 23.77 -63.14 -24.37
C ASP J 186 23.08 -64.48 -24.09
N TYR J 187 21.99 -64.79 -24.80
CA TYR J 187 21.28 -66.03 -24.53
C TYR J 187 22.18 -67.25 -24.77
N GLU J 188 22.99 -67.21 -25.83
CA GLU J 188 23.82 -68.35 -26.18
C GLU J 188 24.86 -68.64 -25.11
N LYS J 189 25.49 -67.59 -24.57
CA LYS J 189 26.61 -67.80 -23.66
C LYS J 189 26.20 -68.57 -22.40
N HIS J 190 24.95 -68.43 -21.94
CA HIS J 190 24.56 -69.04 -20.66
C HIS J 190 23.73 -70.33 -20.79
N LYS J 191 23.81 -71.14 -19.72
CA LYS J 191 23.01 -72.34 -19.51
C LYS J 191 21.64 -71.96 -19.02
N VAL J 192 21.63 -71.40 -17.82
CA VAL J 192 20.50 -71.36 -16.90
C VAL J 192 19.70 -70.04 -16.92
N TYR J 193 18.40 -70.14 -17.16
CA TYR J 193 17.56 -68.95 -17.10
C TYR J 193 16.49 -69.28 -16.10
N ALA J 194 16.37 -68.44 -15.08
CA ALA J 194 15.56 -68.73 -13.92
C ALA J 194 14.57 -67.61 -13.67
N CYS J 195 13.43 -68.00 -13.12
CA CYS J 195 12.34 -67.10 -12.81
C CYS J 195 12.02 -67.27 -11.34
N GLU J 196 12.32 -66.25 -10.56
CA GLU J 196 12.08 -66.31 -9.12
C GLU J 196 10.83 -65.52 -8.82
N VAL J 197 9.82 -66.20 -8.28
CA VAL J 197 8.55 -65.57 -7.96
C VAL J 197 8.30 -65.71 -6.47
N THR J 198 7.82 -64.63 -5.86
CA THR J 198 7.35 -64.68 -4.50
C THR J 198 5.88 -64.30 -4.48
N HIS J 199 5.13 -64.93 -3.58
CA HIS J 199 3.71 -64.69 -3.47
C HIS J 199 3.30 -65.07 -2.05
N GLN J 200 2.29 -64.38 -1.53
CA GLN J 200 1.77 -64.72 -0.20
C GLN J 200 1.45 -66.20 -0.09
N GLY J 201 0.82 -66.77 -1.11
CA GLY J 201 0.46 -68.16 -1.12
C GLY J 201 1.61 -69.11 -1.36
N LEU J 202 2.83 -68.56 -1.48
CA LEU J 202 4.06 -69.33 -1.67
C LEU J 202 4.93 -69.21 -0.42
N SER J 203 4.96 -70.27 0.40
CA SER J 203 5.76 -70.24 1.63
C SER J 203 7.23 -69.95 1.34
N SER J 204 7.76 -70.53 0.27
CA SER J 204 9.11 -70.23 -0.18
C SER J 204 9.04 -69.86 -1.65
N PRO J 205 9.91 -68.96 -2.10
CA PRO J 205 9.86 -68.53 -3.50
C PRO J 205 10.05 -69.72 -4.42
N VAL J 206 9.26 -69.73 -5.49
CA VAL J 206 9.37 -70.76 -6.53
C VAL J 206 10.24 -70.22 -7.64
N THR J 207 11.18 -71.04 -8.10
CA THR J 207 12.12 -70.66 -9.14
C THR J 207 11.99 -71.68 -10.25
N LYS J 208 11.49 -71.28 -11.41
CA LYS J 208 11.45 -72.17 -12.57
C LYS J 208 12.52 -71.72 -13.58
N SER J 209 13.34 -72.67 -14.01
CA SER J 209 14.45 -72.36 -14.91
C SER J 209 14.49 -73.41 -16.00
N PHE J 210 15.34 -73.17 -17.00
CA PHE J 210 15.49 -74.13 -18.08
C PHE J 210 16.92 -74.13 -18.59
N ASN J 211 17.37 -75.31 -18.99
CA ASN J 211 18.65 -75.49 -19.63
C ASN J 211 18.42 -75.72 -21.11
N ARG J 212 19.15 -74.99 -21.94
CA ARG J 212 18.98 -75.13 -23.38
C ARG J 212 19.28 -76.55 -23.82
N GLY J 213 18.42 -77.09 -24.68
CA GLY J 213 18.56 -78.46 -25.14
C GLY J 213 19.12 -78.56 -26.53
C ACT K . 31.78 -3.86 -4.05
O ACT K . 32.80 -4.42 -3.48
OXT ACT K . 31.48 -2.62 -4.15
CH3 ACT K . 30.72 -4.84 -4.69
H1 ACT K . 31.11 -5.28 -5.46
H2 ACT K . 29.93 -4.35 -4.96
H3 ACT K . 30.47 -5.52 -4.04
C ACT L . -9.93 -46.14 -13.43
O ACT L . -9.82 -47.34 -13.91
OXT ACT L . -9.40 -45.03 -13.84
CH3 ACT L . -10.82 -46.01 -12.17
H1 ACT L . -10.64 -46.74 -11.57
H2 ACT L . -11.76 -46.02 -12.43
H3 ACT L . -10.62 -45.16 -11.73
#